data_6IY8
#
_entry.id   6IY8
#
_cell.length_a   178.636
_cell.length_b   129.998
_cell.length_c   110.276
_cell.angle_alpha   90.000
_cell.angle_beta   90.000
_cell.angle_gamma   90.000
#
_symmetry.space_group_name_H-M   'P 21 21 2'
#
loop_
_entity.id
_entity.type
_entity.pdbx_description
1 polymer 'Positive regulator CapR'
2 non-polymer PHENOL
3 non-polymer 'ZINC ION'
#
_entity_poly.entity_id   1
_entity_poly.type   'polypeptide(L)'
_entity_poly.pdbx_seq_one_letter_code
;MDPEFTNLIHFQSTEGKIWLGEQRMLLLQVSAMASFRREMVNTLGIERAKGFFLRQGYQSGLKDAELARKLRPNASEYDM
FLAGPQLHSLKGLVKVRPTEVDIDKESGRFYAEMEWIDSFEVEISQTDLGQMQDPVCWTLLGYACAYSSAFMGREIIFKE
VSCRGCGGDKCRVIGKPAEEWDDVASFKQYFKNDPIIEELYELQSQLVSLRTNLDKQEGQYYGIGQTPAYQTVRNMMDKA
AQGKVSVLLLGETGVGKEVIARSVHLRSKRAAEPFVAVNCAAIPPDLIESELFGVEKGAFTGATQSRMGRFERADKGTIF
LDEVIELSPRAQASLLRVLQEGELERVGDNRTRKIDVRVIAATHEDLAEAVKAGRFRADLYYRLNVFPVAIPALRERRED
IPLLVEHFLQRFHQEYGKRTLGLSDKALEACLHYSWPGNIRELENVIERGIILTDPNESISVQALFPRA
;
_entity_poly.pdbx_strand_id   A,B,C,D
#
# COMPACT_ATOMS: atom_id res chain seq x y z
N MET A 1 54.12 22.70 44.84
CA MET A 1 54.95 21.51 45.02
C MET A 1 56.28 21.69 44.29
N ASP A 2 56.35 22.68 43.41
CA ASP A 2 57.57 23.02 42.70
C ASP A 2 57.78 24.52 42.81
N PRO A 3 59.03 25.00 42.83
CA PRO A 3 59.26 26.44 42.98
C PRO A 3 58.64 27.29 41.90
N GLU A 4 58.59 26.80 40.66
CA GLU A 4 58.04 27.60 39.57
C GLU A 4 56.53 27.55 39.46
N PHE A 5 55.86 26.62 40.14
CA PHE A 5 54.43 26.46 39.95
C PHE A 5 53.62 27.51 40.72
N THR A 6 53.80 27.56 42.04
CA THR A 6 53.12 28.58 42.82
C THR A 6 53.65 29.96 42.43
N ASN A 7 52.76 30.95 42.40
CA ASN A 7 53.01 32.33 42.03
C ASN A 7 53.24 32.52 40.54
N LEU A 8 53.19 31.45 39.73
CA LEU A 8 53.33 31.57 38.29
C LEU A 8 52.02 32.00 37.63
N ILE A 9 50.93 32.05 38.39
CA ILE A 9 49.61 32.40 37.89
C ILE A 9 49.41 33.90 38.08
N HIS A 10 50.11 34.71 37.29
CA HIS A 10 49.96 36.15 37.37
C HIS A 10 48.58 36.55 36.87
N PHE A 11 47.94 37.49 37.55
CA PHE A 11 46.62 37.95 37.14
C PHE A 11 46.38 39.35 37.68
N GLN A 12 45.64 40.14 36.90
CA GLN A 12 45.30 41.52 37.23
C GLN A 12 43.79 41.61 37.38
N SER A 13 43.32 41.89 38.59
CA SER A 13 41.87 41.91 38.83
C SER A 13 41.20 43.09 38.13
N THR A 14 41.74 44.30 38.28
CA THR A 14 41.13 45.47 37.66
C THR A 14 41.28 45.46 36.15
N GLU A 15 42.34 44.84 35.63
CA GLU A 15 42.59 44.79 34.18
C GLU A 15 41.74 43.74 33.47
N GLY A 16 41.07 42.86 34.22
CA GLY A 16 40.23 41.85 33.60
C GLY A 16 40.95 40.74 32.87
N LYS A 17 42.13 40.34 33.35
CA LYS A 17 42.90 39.30 32.69
C LYS A 17 43.51 38.38 33.74
N ILE A 18 43.64 37.10 33.38
CA ILE A 18 44.31 36.10 34.19
C ILE A 18 45.31 35.38 33.30
N TRP A 19 46.55 35.24 33.80
CA TRP A 19 47.61 34.66 33.01
C TRP A 19 48.25 33.49 33.75
N LEU A 20 48.84 32.59 32.96
CA LEU A 20 49.58 31.44 33.48
C LEU A 20 50.72 31.20 32.51
N GLY A 21 51.93 31.54 32.92
CA GLY A 21 53.02 31.51 31.96
C GLY A 21 52.73 32.51 30.86
N GLU A 22 52.78 32.03 29.62
CA GLU A 22 52.45 32.85 28.46
C GLU A 22 51.03 32.60 27.94
N GLN A 23 50.21 31.87 28.69
CA GLN A 23 48.87 31.50 28.25
C GLN A 23 47.80 32.24 29.05
N ARG A 24 46.85 32.84 28.35
CA ARG A 24 45.70 33.46 28.99
C ARG A 24 44.79 32.37 29.57
N MET A 25 44.15 32.68 30.69
CA MET A 25 43.36 31.67 31.41
C MET A 25 42.07 32.29 31.93
N LEU A 26 41.16 31.41 32.36
CA LEU A 26 39.85 31.79 32.85
C LEU A 26 39.52 30.93 34.07
N LEU A 27 38.78 31.51 35.01
CA LEU A 27 38.41 30.82 36.25
C LEU A 27 36.89 30.73 36.30
N LEU A 28 36.37 29.50 36.21
CA LEU A 28 34.94 29.26 36.18
C LEU A 28 34.47 28.55 37.45
N GLN A 29 33.19 28.71 37.77
CA GLN A 29 32.57 28.02 38.89
C GLN A 29 32.32 26.56 38.53
N VAL A 30 32.36 25.69 39.55
CA VAL A 30 32.10 24.27 39.33
C VAL A 30 30.62 24.03 39.07
N SER A 31 29.74 24.74 39.79
CA SER A 31 28.31 24.58 39.57
C SER A 31 27.90 25.05 38.17
N ALA A 32 28.56 26.10 37.67
CA ALA A 32 28.29 26.54 36.31
C ALA A 32 28.73 25.48 35.31
N MET A 33 29.85 24.81 35.56
CA MET A 33 30.27 23.72 34.70
C MET A 33 29.31 22.53 34.79
N ALA A 34 28.69 22.34 35.96
CA ALA A 34 27.74 21.25 36.11
C ALA A 34 26.48 21.52 35.29
N SER A 35 25.94 22.74 35.37
CA SER A 35 24.81 23.09 34.53
C SER A 35 25.19 23.08 33.05
N PHE A 36 26.44 23.40 32.76
CA PHE A 36 26.94 23.37 31.38
C PHE A 36 26.89 21.95 30.84
N ARG A 37 27.47 21.00 31.58
CA ARG A 37 27.44 19.61 31.13
C ARG A 37 26.03 19.04 31.12
N ARG A 38 25.15 19.52 32.02
CA ARG A 38 23.77 19.08 32.02
C ARG A 38 23.07 19.50 30.74
N GLU A 39 23.20 20.78 30.37
CA GLU A 39 22.58 21.24 29.12
C GLU A 39 23.21 20.58 27.91
N MET A 40 24.51 20.29 27.98
CA MET A 40 25.20 19.64 26.87
C MET A 40 24.65 18.23 26.64
N VAL A 41 24.55 17.44 27.72
CA VAL A 41 24.04 16.08 27.58
C VAL A 41 22.54 16.08 27.26
N ASN A 42 21.78 17.04 27.80
CA ASN A 42 20.35 17.06 27.51
C ASN A 42 20.06 17.47 26.08
N THR A 43 20.95 18.22 25.45
CA THR A 43 20.72 18.62 24.06
C THR A 43 21.39 17.71 23.04
N LEU A 44 22.55 17.14 23.36
CA LEU A 44 23.27 16.28 22.44
C LEU A 44 23.36 14.87 23.03
N GLY A 45 24.01 13.98 22.29
CA GLY A 45 24.21 12.62 22.78
C GLY A 45 25.30 12.54 23.83
N ILE A 46 25.32 11.41 24.53
CA ILE A 46 26.38 11.18 25.50
C ILE A 46 27.73 11.20 24.80
N GLU A 47 27.80 10.60 23.61
CA GLU A 47 29.04 10.58 22.85
C GLU A 47 29.39 11.93 22.26
N ARG A 48 28.39 12.75 21.92
CA ARG A 48 28.71 14.06 21.38
C ARG A 48 29.40 14.90 22.45
N ALA A 49 28.88 14.86 23.68
CA ALA A 49 29.53 15.58 24.77
C ALA A 49 30.87 14.95 25.12
N LYS A 50 30.96 13.61 25.03
CA LYS A 50 32.23 12.96 25.34
C LYS A 50 33.31 13.38 24.37
N GLY A 51 33.00 13.44 23.07
CA GLY A 51 33.99 13.84 22.10
C GLY A 51 34.35 15.30 22.23
N PHE A 52 33.38 16.15 22.54
CA PHE A 52 33.69 17.57 22.71
C PHE A 52 34.64 17.79 23.88
N PHE A 53 34.30 17.24 25.05
CA PHE A 53 35.16 17.45 26.21
C PHE A 53 36.51 16.75 26.06
N LEU A 54 36.56 15.60 25.39
CA LEU A 54 37.84 14.93 25.19
C LEU A 54 38.74 15.74 24.26
N ARG A 55 38.19 16.27 23.17
CA ARG A 55 39.01 17.10 22.28
C ARG A 55 39.44 18.39 22.95
N GLN A 56 38.59 18.97 23.81
CA GLN A 56 38.99 20.17 24.53
C GLN A 56 40.15 19.87 25.48
N GLY A 57 40.08 18.75 26.19
CA GLY A 57 41.17 18.37 27.06
C GLY A 57 42.43 18.07 26.28
N TYR A 58 42.28 17.48 25.09
CA TYR A 58 43.45 17.17 24.27
C TYR A 58 44.16 18.44 23.81
N GLN A 59 43.40 19.44 23.38
CA GLN A 59 44.03 20.69 22.97
C GLN A 59 44.70 21.38 24.15
N SER A 60 44.03 21.39 25.31
CA SER A 60 44.64 21.99 26.50
C SER A 60 45.90 21.25 26.90
N GLY A 61 45.92 19.92 26.74
CA GLY A 61 47.09 19.15 27.09
C GLY A 61 48.25 19.37 26.14
N LEU A 62 47.97 19.52 24.85
CA LEU A 62 49.03 19.81 23.90
C LEU A 62 49.67 21.16 24.20
N LYS A 63 48.84 22.17 24.45
CA LYS A 63 49.40 23.49 24.76
C LYS A 63 50.17 23.48 26.07
N ASP A 64 49.66 22.80 27.09
CA ASP A 64 50.37 22.75 28.37
C ASP A 64 51.65 21.93 28.27
N ALA A 65 51.71 20.93 27.39
CA ALA A 65 52.95 20.20 27.21
C ALA A 65 54.01 21.09 26.58
N GLU A 66 53.61 21.89 25.58
CA GLU A 66 54.55 22.85 25.02
C GLU A 66 54.98 23.86 26.08
N LEU A 67 54.05 24.25 26.96
CA LEU A 67 54.37 25.21 28.01
C LEU A 67 55.37 24.64 29.00
N ALA A 68 55.17 23.39 29.43
CA ALA A 68 56.12 22.77 30.35
C ALA A 68 57.46 22.54 29.69
N ARG A 69 57.49 22.27 28.38
CA ARG A 69 58.77 22.14 27.70
C ARG A 69 59.52 23.47 27.66
N LYS A 70 58.79 24.57 27.49
CA LYS A 70 59.44 25.88 27.45
C LYS A 70 59.69 26.48 28.83
N LEU A 71 59.04 25.95 29.89
CA LEU A 71 59.21 26.50 31.24
C LEU A 71 60.54 26.05 31.80
N ARG A 72 60.65 24.76 32.12
CA ARG A 72 61.95 24.20 32.46
C ARG A 72 62.47 23.59 31.17
N PRO A 73 63.53 24.12 30.57
CA PRO A 73 63.92 23.67 29.23
C PRO A 73 64.80 22.44 29.24
N ASN A 74 65.61 22.27 30.28
CA ASN A 74 66.42 21.07 30.37
C ASN A 74 65.53 19.88 30.68
N ALA A 75 65.84 18.75 30.06
CA ALA A 75 64.96 17.60 29.99
C ALA A 75 64.40 17.17 31.34
N SER A 76 65.16 16.34 32.07
CA SER A 76 64.65 15.70 33.28
C SER A 76 63.33 15.01 32.95
N GLU A 77 63.47 13.90 32.21
CA GLU A 77 62.34 13.25 31.56
C GLU A 77 61.20 12.97 32.53
N TYR A 78 61.50 12.25 33.61
CA TYR A 78 60.46 11.92 34.58
C TYR A 78 59.93 13.19 35.25
N ASP A 79 60.80 14.19 35.44
CA ASP A 79 60.35 15.42 36.08
C ASP A 79 59.35 16.17 35.22
N MET A 80 59.58 16.24 33.90
CA MET A 80 58.63 16.93 33.03
C MET A 80 57.32 16.13 32.91
N PHE A 81 57.44 14.81 32.76
CA PHE A 81 56.23 14.03 32.61
C PHE A 81 55.39 14.08 33.88
N LEU A 82 56.04 14.11 35.06
CA LEU A 82 55.28 14.25 36.29
C LEU A 82 54.81 15.69 36.50
N ALA A 83 55.49 16.66 35.89
CA ALA A 83 55.03 18.04 35.94
C ALA A 83 53.70 18.18 35.23
N GLY A 84 53.45 17.32 34.25
CA GLY A 84 52.16 17.31 33.58
C GLY A 84 51.00 17.15 34.56
N PRO A 85 50.94 16.00 35.24
CA PRO A 85 49.93 15.85 36.30
C PRO A 85 50.07 16.88 37.40
N GLN A 86 51.29 17.35 37.70
CA GLN A 86 51.42 18.44 38.64
C GLN A 86 50.74 19.70 38.11
N LEU A 87 50.80 19.91 36.79
CA LEU A 87 50.03 21.00 36.19
C LEU A 87 48.53 20.75 36.32
N HIS A 88 48.13 19.47 36.28
CA HIS A 88 46.72 19.14 36.53
C HIS A 88 46.31 19.57 37.93
N SER A 89 47.16 19.27 38.91
CA SER A 89 46.89 19.64 40.29
C SER A 89 46.90 21.14 40.51
N LEU A 90 47.74 21.87 39.76
CA LEU A 90 47.83 23.31 39.97
C LEU A 90 46.56 24.04 39.57
N LYS A 91 45.85 23.54 38.56
CA LYS A 91 44.67 24.21 38.04
C LYS A 91 43.41 23.91 38.83
N GLY A 92 43.47 23.05 39.84
CA GLY A 92 42.31 22.71 40.62
C GLY A 92 41.40 21.65 40.04
N LEU A 93 41.86 20.96 38.98
CA LEU A 93 41.03 19.92 38.37
C LEU A 93 41.03 18.64 39.20
N VAL A 94 42.20 18.01 39.36
CA VAL A 94 42.30 16.70 40.00
C VAL A 94 43.59 16.63 40.80
N LYS A 95 43.62 15.72 41.77
CA LYS A 95 44.85 15.34 42.45
C LYS A 95 45.35 14.03 41.84
N VAL A 96 46.65 13.98 41.54
CA VAL A 96 47.23 12.85 40.81
C VAL A 96 48.07 11.99 41.74
N ARG A 97 47.93 10.67 41.59
CA ARG A 97 48.70 9.68 42.35
C ARG A 97 49.27 8.67 41.37
N PRO A 98 50.45 8.95 40.78
CA PRO A 98 51.07 7.96 39.88
C PRO A 98 51.63 6.76 40.63
N THR A 99 50.91 5.64 40.60
CA THR A 99 51.37 4.44 41.31
C THR A 99 52.42 3.66 40.53
N GLU A 100 52.50 3.83 39.22
CA GLU A 100 53.49 3.13 38.42
C GLU A 100 53.78 3.96 37.17
N VAL A 101 55.07 4.02 36.81
CA VAL A 101 55.52 4.77 35.64
C VAL A 101 56.70 4.03 35.02
N ASP A 102 56.84 4.15 33.71
CA ASP A 102 57.98 3.56 32.99
C ASP A 102 58.17 4.38 31.72
N ILE A 103 59.25 5.16 31.66
CA ILE A 103 59.43 6.13 30.59
C ILE A 103 60.83 5.99 29.99
N ASP A 104 60.89 6.06 28.67
CA ASP A 104 62.16 6.14 27.94
C ASP A 104 61.82 6.77 26.58
N LYS A 105 61.98 8.09 26.49
CA LYS A 105 61.55 8.81 25.30
C LYS A 105 62.31 8.36 24.05
N GLU A 106 63.56 7.92 24.21
CA GLU A 106 64.35 7.52 23.07
C GLU A 106 63.85 6.21 22.46
N SER A 107 63.64 5.20 23.30
CA SER A 107 63.18 3.90 22.83
C SER A 107 61.69 3.87 22.51
N GLY A 108 60.93 4.86 22.96
CA GLY A 108 59.50 4.88 22.75
C GLY A 108 58.70 4.06 23.74
N ARG A 109 59.38 3.40 24.69
CA ARG A 109 58.68 2.63 25.71
C ARG A 109 57.93 3.54 26.66
N PHE A 110 56.72 3.12 27.04
CA PHE A 110 55.91 3.91 27.94
C PHE A 110 54.87 3.02 28.61
N TYR A 111 54.66 3.25 29.91
CA TYR A 111 53.57 2.64 30.65
C TYR A 111 53.35 3.44 31.92
N ALA A 112 52.10 3.57 32.32
CA ALA A 112 51.81 4.33 33.54
C ALA A 112 50.47 3.90 34.11
N GLU A 113 50.38 3.95 35.44
CA GLU A 113 49.15 3.67 36.17
C GLU A 113 48.96 4.78 37.18
N MET A 114 47.78 5.42 37.18
CA MET A 114 47.58 6.59 38.02
C MET A 114 46.19 6.60 38.62
N GLU A 115 46.07 7.27 39.76
CA GLU A 115 44.80 7.46 40.46
C GLU A 115 44.45 8.94 40.45
N TRP A 116 43.18 9.23 40.13
CA TRP A 116 42.65 10.60 40.08
C TRP A 116 41.73 10.82 41.27
N ILE A 117 42.20 11.61 42.23
CA ILE A 117 41.43 11.91 43.44
C ILE A 117 40.71 13.23 43.25
N ASP A 118 39.46 13.28 43.71
CA ASP A 118 38.61 14.48 43.68
C ASP A 118 38.53 15.09 42.28
N SER A 119 38.29 14.23 41.29
CA SER A 119 38.11 14.73 39.93
C SER A 119 36.85 15.57 39.86
N PHE A 120 36.95 16.72 39.20
CA PHE A 120 35.78 17.59 39.09
C PHE A 120 34.68 16.97 38.25
N GLU A 121 35.04 16.08 37.31
CA GLU A 121 34.03 15.45 36.48
C GLU A 121 33.10 14.57 37.30
N VAL A 122 33.62 13.90 38.34
CA VAL A 122 32.74 13.11 39.18
C VAL A 122 31.87 14.02 40.05
N GLU A 123 32.39 15.19 40.45
CA GLU A 123 31.56 16.14 41.19
C GLU A 123 30.44 16.66 40.31
N ILE A 124 30.69 16.84 39.01
CA ILE A 124 29.62 17.18 38.09
C ILE A 124 28.69 15.99 37.90
N SER A 125 29.22 14.78 37.99
CA SER A 125 28.35 13.61 37.93
C SER A 125 27.42 13.58 39.12
N GLN A 126 27.83 14.18 40.24
CA GLN A 126 26.95 14.24 41.40
C GLN A 126 25.70 15.07 41.14
N THR A 127 25.78 16.07 40.26
CA THR A 127 24.59 16.85 39.92
C THR A 127 23.60 16.04 39.10
N ASP A 128 24.07 15.00 38.40
CA ASP A 128 23.20 14.05 37.70
C ASP A 128 23.02 12.87 38.65
N LEU A 129 21.85 12.81 39.30
CA LEU A 129 21.69 11.86 40.40
C LEU A 129 21.90 10.42 39.95
N GLY A 130 21.54 10.08 38.71
CA GLY A 130 21.77 8.73 38.23
C GLY A 130 23.24 8.57 37.90
N GLN A 131 23.83 7.47 38.37
CA GLN A 131 25.22 7.18 38.10
C GLN A 131 25.41 6.84 36.62
N MET A 132 26.52 7.32 36.05
CA MET A 132 26.81 7.00 34.67
C MET A 132 27.21 5.55 34.53
N GLN A 133 26.83 4.95 33.40
CA GLN A 133 27.15 3.55 33.12
C GLN A 133 28.55 3.38 32.53
N ASP A 134 29.23 4.47 32.22
CA ASP A 134 30.57 4.50 31.67
C ASP A 134 31.38 5.54 32.44
N PRO A 135 32.72 5.42 32.44
CA PRO A 135 33.54 6.39 33.18
C PRO A 135 33.32 7.80 32.66
N VAL A 136 33.32 8.76 33.57
CA VAL A 136 32.94 10.13 33.26
C VAL A 136 34.12 11.09 33.07
N CYS A 137 35.31 10.74 33.52
CA CYS A 137 36.47 11.64 33.45
C CYS A 137 36.98 11.68 32.01
N TRP A 138 36.34 12.53 31.21
CA TRP A 138 36.63 12.64 29.79
C TRP A 138 37.78 13.62 29.49
N THR A 139 37.60 14.90 29.85
CA THR A 139 38.61 15.89 29.55
C THR A 139 39.93 15.59 30.27
N LEU A 140 39.86 14.96 31.44
CA LEU A 140 41.09 14.55 32.11
C LEU A 140 41.84 13.52 31.26
N LEU A 141 41.12 12.54 30.72
CA LEU A 141 41.75 11.52 29.89
C LEU A 141 42.31 12.13 28.62
N GLY A 142 41.62 13.12 28.05
CA GLY A 142 42.13 13.75 26.85
C GLY A 142 43.38 14.56 27.11
N TYR A 143 43.40 15.30 28.22
CA TYR A 143 44.59 16.05 28.59
C TYR A 143 45.75 15.10 28.89
N ALA A 144 45.46 13.94 29.48
CA ALA A 144 46.51 12.98 29.76
C ALA A 144 47.09 12.43 28.46
N CYS A 145 46.23 12.01 27.53
CA CYS A 145 46.73 11.46 26.27
C CYS A 145 47.52 12.50 25.50
N ALA A 146 47.06 13.75 25.52
CA ALA A 146 47.74 14.80 24.76
C ALA A 146 49.10 15.12 25.36
N TYR A 147 49.16 15.28 26.69
CA TYR A 147 50.44 15.61 27.31
C TYR A 147 51.43 14.47 27.14
N SER A 148 50.98 13.23 27.31
CA SER A 148 51.90 12.11 27.15
C SER A 148 52.39 11.99 25.70
N SER A 149 51.50 12.24 24.73
CA SER A 149 51.90 12.13 23.34
C SER A 149 52.89 13.23 22.96
N ALA A 150 52.63 14.47 23.40
CA ALA A 150 53.56 15.56 23.10
C ALA A 150 54.88 15.39 23.82
N PHE A 151 54.89 14.81 25.02
CA PHE A 151 56.13 14.64 25.76
C PHE A 151 56.97 13.49 25.19
N MET A 152 56.31 12.42 24.75
CA MET A 152 57.03 11.26 24.23
C MET A 152 57.40 11.40 22.76
N GLY A 153 56.55 12.05 21.97
CA GLY A 153 56.70 12.09 20.53
C GLY A 153 55.93 11.02 19.80
N ARG A 154 55.55 9.95 20.49
CA ARG A 154 54.67 8.92 19.99
C ARG A 154 53.25 9.19 20.46
N GLU A 155 52.28 8.60 19.78
CA GLU A 155 50.89 8.71 20.22
C GLU A 155 50.69 7.86 21.45
N ILE A 156 50.25 8.48 22.55
CA ILE A 156 49.97 7.79 23.80
C ILE A 156 48.48 7.92 24.09
N ILE A 157 47.86 6.81 24.51
CA ILE A 157 46.43 6.76 24.75
C ILE A 157 46.17 6.15 26.12
N PHE A 158 45.41 6.86 26.94
CA PHE A 158 44.98 6.40 28.25
C PHE A 158 43.56 5.87 28.18
N LYS A 159 43.19 5.06 29.16
CA LYS A 159 41.82 4.58 29.31
C LYS A 159 41.54 4.44 30.80
N GLU A 160 40.41 4.97 31.25
CA GLU A 160 40.05 4.96 32.66
C GLU A 160 39.50 3.58 33.01
N VAL A 161 40.37 2.73 33.55
CA VAL A 161 39.97 1.36 33.91
C VAL A 161 38.89 1.36 34.97
N SER A 162 38.86 2.39 35.82
CA SER A 162 37.79 2.49 36.80
C SER A 162 37.53 3.97 37.08
N CYS A 163 36.28 4.29 37.40
CA CYS A 163 35.92 5.67 37.67
C CYS A 163 34.91 5.74 38.81
N ARG A 164 35.03 6.80 39.61
CA ARG A 164 34.12 6.99 40.73
C ARG A 164 32.74 7.48 40.28
N GLY A 165 32.64 7.99 39.05
CA GLY A 165 31.34 8.39 38.53
C GLY A 165 30.50 7.24 38.01
N CYS A 166 31.12 6.11 37.70
CA CYS A 166 30.41 4.91 37.27
C CYS A 166 30.06 4.00 38.45
N GLY A 167 30.35 4.42 39.68
CA GLY A 167 30.17 3.61 40.85
C GLY A 167 31.42 2.93 41.38
N GLY A 168 32.58 3.21 40.79
CA GLY A 168 33.81 2.60 41.25
C GLY A 168 34.33 3.22 42.53
N ASP A 169 35.28 2.51 43.16
CA ASP A 169 35.87 2.98 44.42
C ASP A 169 36.86 4.12 44.19
N LYS A 170 37.66 4.03 43.14
CA LYS A 170 38.69 5.01 42.84
C LYS A 170 38.78 5.21 41.34
N CYS A 171 39.17 6.42 40.95
CA CYS A 171 39.42 6.71 39.55
C CYS A 171 40.81 6.20 39.20
N ARG A 172 40.87 5.12 38.43
CA ARG A 172 42.11 4.46 38.07
C ARG A 172 42.26 4.48 36.55
N VAL A 173 43.42 4.93 36.06
CA VAL A 173 43.69 5.07 34.64
C VAL A 173 45.02 4.40 34.32
N ILE A 174 45.12 3.87 33.10
CA ILE A 174 46.32 3.22 32.59
C ILE A 174 46.66 3.86 31.25
N GLY A 175 47.93 4.22 31.07
CA GLY A 175 48.37 4.84 29.84
C GLY A 175 49.58 4.16 29.23
N LYS A 176 49.40 3.67 28.01
CA LYS A 176 50.45 3.05 27.21
C LYS A 176 50.29 3.51 25.77
N PRO A 177 51.34 3.41 24.95
CA PRO A 177 51.24 3.86 23.57
C PRO A 177 50.17 3.09 22.79
N ALA A 178 49.53 3.80 21.85
CA ALA A 178 48.37 3.24 21.15
C ALA A 178 48.71 1.97 20.39
N GLU A 179 49.94 1.83 19.91
CA GLU A 179 50.32 0.61 19.19
C GLU A 179 50.32 -0.62 20.10
N GLU A 180 50.47 -0.43 21.41
CA GLU A 180 50.48 -1.52 22.37
C GLU A 180 49.10 -1.95 22.82
N TRP A 181 48.05 -1.26 22.38
CA TRP A 181 46.68 -1.58 22.75
C TRP A 181 46.10 -2.64 21.82
N ASP A 182 45.04 -3.30 22.27
CA ASP A 182 44.35 -4.30 21.47
C ASP A 182 43.26 -3.68 20.61
N ASP A 183 42.29 -3.02 21.25
CA ASP A 183 41.16 -2.38 20.56
C ASP A 183 41.27 -0.87 20.80
N VAL A 184 41.65 -0.13 19.75
CA VAL A 184 41.82 1.31 19.84
C VAL A 184 40.73 2.08 19.12
N ALA A 185 39.91 1.42 18.30
CA ALA A 185 38.95 2.14 17.46
C ALA A 185 37.88 2.86 18.28
N SER A 186 37.48 2.30 19.43
CA SER A 186 36.42 2.92 20.22
C SER A 186 36.85 4.28 20.74
N PHE A 187 38.12 4.43 21.09
CA PHE A 187 38.63 5.73 21.52
C PHE A 187 38.84 6.67 20.34
N LYS A 188 39.32 6.15 19.21
CA LYS A 188 39.56 6.97 18.04
C LYS A 188 38.27 7.51 17.43
N GLN A 189 37.14 6.85 17.69
CA GLN A 189 35.86 7.33 17.17
C GLN A 189 35.48 8.70 17.74
N TYR A 190 35.98 9.05 18.93
CA TYR A 190 35.65 10.33 19.54
C TYR A 190 36.24 11.52 18.80
N PHE A 191 37.31 11.32 18.02
CA PHE A 191 37.91 12.44 17.30
C PHE A 191 37.13 12.84 16.05
N LYS A 192 36.17 12.04 15.62
CA LYS A 192 35.38 12.38 14.45
C LYS A 192 34.29 13.37 14.84
N ASN A 193 34.24 14.50 14.12
CA ASN A 193 33.31 15.59 14.42
C ASN A 193 32.29 15.65 13.27
N ASP A 194 31.25 14.83 13.39
CA ASP A 194 30.18 14.81 12.39
C ASP A 194 29.06 15.76 12.80
N PRO A 195 28.71 16.73 11.97
CA PRO A 195 27.70 17.74 12.37
C PRO A 195 26.33 17.11 12.59
N ILE A 196 25.82 17.26 13.81
CA ILE A 196 24.49 16.72 14.11
C ILE A 196 23.41 17.47 13.34
N ILE A 197 23.62 18.75 13.06
CA ILE A 197 22.61 19.53 12.35
C ILE A 197 22.42 19.00 10.93
N GLU A 198 23.49 18.49 10.30
CA GLU A 198 23.33 17.85 9.00
C GLU A 198 22.50 16.58 9.11
N GLU A 199 22.70 15.82 10.19
CA GLU A 199 21.88 14.61 10.35
C GLU A 199 20.43 14.96 10.58
N LEU A 200 20.16 16.08 11.28
CA LEU A 200 18.78 16.50 11.47
C LEU A 200 18.16 16.92 10.15
N TYR A 201 18.88 17.71 9.35
CA TYR A 201 18.34 18.13 8.06
C TYR A 201 18.15 16.94 7.13
N GLU A 202 19.06 15.96 7.19
CA GLU A 202 18.95 14.79 6.33
C GLU A 202 17.77 13.93 6.72
N LEU A 203 17.57 13.72 8.03
CA LEU A 203 16.43 12.92 8.47
C LEU A 203 15.12 13.62 8.16
N GLN A 204 15.07 14.95 8.32
CA GLN A 204 13.85 15.66 7.97
C GLN A 204 13.58 15.60 6.47
N SER A 205 14.63 15.68 5.64
CA SER A 205 14.43 15.59 4.20
C SER A 205 13.96 14.19 3.79
N GLN A 206 14.53 13.16 4.41
CA GLN A 206 14.11 11.80 4.07
C GLN A 206 12.67 11.54 4.50
N LEU A 207 12.30 11.98 5.71
CA LEU A 207 10.94 11.77 6.18
C LEU A 207 9.94 12.56 5.36
N VAL A 208 10.30 13.78 4.94
CA VAL A 208 9.39 14.57 4.13
C VAL A 208 9.23 13.97 2.74
N SER A 209 10.32 13.47 2.16
CA SER A 209 10.22 12.84 0.85
C SER A 209 9.43 11.53 0.92
N LEU A 210 9.51 10.80 2.04
CA LEU A 210 8.73 9.59 2.17
C LEU A 210 7.26 9.87 2.48
N ARG A 211 6.97 10.96 3.19
CA ARG A 211 5.60 11.35 3.50
C ARG A 211 4.93 12.10 2.37
N THR A 212 5.69 12.56 1.37
CA THR A 212 5.08 13.21 0.22
C THR A 212 4.46 12.21 -0.75
N ASN A 213 4.68 10.91 -0.54
CA ASN A 213 4.03 9.89 -1.35
C ASN A 213 2.52 9.86 -1.15
N LEU A 214 2.02 10.41 -0.04
CA LEU A 214 0.58 10.53 0.15
C LEU A 214 -0.06 11.39 -0.94
N ASP A 215 0.63 12.44 -1.35
CA ASP A 215 0.16 13.27 -2.44
C ASP A 215 0.36 12.54 -3.76
N LYS A 216 -0.54 12.80 -4.71
CA LYS A 216 -0.36 12.24 -6.05
C LYS A 216 0.92 12.78 -6.65
N GLN A 217 1.65 11.91 -7.36
CA GLN A 217 2.90 12.33 -7.97
C GLN A 217 2.63 13.49 -8.91
N GLU A 218 3.48 14.52 -8.84
CA GLU A 218 3.23 15.74 -9.60
C GLU A 218 3.19 15.45 -11.10
N GLY A 219 3.91 14.42 -11.53
CA GLY A 219 3.88 14.03 -12.92
C GLY A 219 4.92 12.96 -13.17
N GLN A 220 5.34 12.88 -14.43
CA GLN A 220 6.36 11.92 -14.81
C GLN A 220 7.34 12.61 -15.74
N TYR A 221 7.97 11.85 -16.63
CA TYR A 221 9.07 12.36 -17.44
C TYR A 221 8.59 13.16 -18.65
N TYR A 222 7.39 13.73 -18.57
CA TYR A 222 6.85 14.46 -19.70
C TYR A 222 7.51 15.82 -19.91
N GLY A 223 7.97 16.46 -18.84
CA GLY A 223 8.59 17.77 -18.97
C GLY A 223 10.08 17.74 -19.24
N ILE A 224 10.49 18.09 -20.45
CA ILE A 224 11.88 18.16 -20.85
C ILE A 224 12.15 19.51 -21.50
N GLY A 225 13.39 19.72 -21.91
CA GLY A 225 13.79 20.98 -22.49
C GLY A 225 13.23 21.16 -23.90
N GLN A 226 13.34 22.40 -24.39
CA GLN A 226 12.73 22.76 -25.67
C GLN A 226 13.47 22.14 -26.84
N THR A 227 13.37 20.81 -26.99
CA THR A 227 13.87 20.14 -28.18
C THR A 227 12.90 20.37 -29.34
N PRO A 228 13.40 20.59 -30.56
CA PRO A 228 12.47 20.97 -31.65
C PRO A 228 11.37 19.97 -31.92
N ALA A 229 11.63 18.67 -31.82
CA ALA A 229 10.57 17.70 -32.03
C ALA A 229 9.63 17.68 -30.83
N TYR A 230 10.20 17.66 -29.63
CA TYR A 230 9.39 17.74 -28.42
C TYR A 230 8.68 19.07 -28.33
N GLN A 231 9.28 20.15 -28.85
CA GLN A 231 8.61 21.44 -28.81
C GLN A 231 7.44 21.50 -29.78
N THR A 232 7.58 20.89 -30.96
CA THR A 232 6.44 20.83 -31.87
C THR A 232 5.32 20.00 -31.27
N VAL A 233 5.66 18.86 -30.66
CA VAL A 233 4.64 18.05 -30.00
C VAL A 233 4.03 18.80 -28.83
N ARG A 234 4.83 19.64 -28.15
CA ARG A 234 4.35 20.38 -26.99
C ARG A 234 3.36 21.46 -27.39
N ASN A 235 3.68 22.25 -28.42
CA ASN A 235 2.76 23.28 -28.86
C ASN A 235 1.50 22.66 -29.47
N MET A 236 1.64 21.53 -30.16
CA MET A 236 0.46 20.85 -30.69
C MET A 236 -0.40 20.34 -29.55
N MET A 237 0.23 19.79 -28.50
CA MET A 237 -0.49 19.29 -27.35
C MET A 237 -1.20 20.42 -26.61
N ASP A 238 -0.58 21.60 -26.57
CA ASP A 238 -1.22 22.72 -25.87
C ASP A 238 -2.42 23.22 -26.64
N LYS A 239 -2.28 23.39 -27.96
CA LYS A 239 -3.41 23.86 -28.75
C LYS A 239 -4.53 22.82 -28.81
N ALA A 240 -4.19 21.53 -28.71
CA ALA A 240 -5.25 20.52 -28.65
C ALA A 240 -5.89 20.43 -27.28
N ALA A 241 -5.11 20.65 -26.21
CA ALA A 241 -5.64 20.52 -24.86
C ALA A 241 -6.63 21.62 -24.53
N GLN A 242 -6.48 22.80 -25.14
CA GLN A 242 -7.37 23.90 -24.85
C GLN A 242 -8.80 23.59 -25.28
N GLY A 243 -8.95 22.84 -26.37
CA GLY A 243 -10.26 22.48 -26.88
C GLY A 243 -10.78 21.15 -26.34
N LYS A 244 -12.02 20.86 -26.70
CA LYS A 244 -12.67 19.60 -26.36
C LYS A 244 -12.47 18.53 -27.42
N VAL A 245 -11.76 18.86 -28.51
CA VAL A 245 -11.61 17.91 -29.61
C VAL A 245 -10.95 16.63 -29.13
N SER A 246 -11.49 15.49 -29.55
CA SER A 246 -10.89 14.21 -29.22
C SER A 246 -9.53 14.11 -29.88
N VAL A 247 -8.56 13.53 -29.17
CA VAL A 247 -7.18 13.48 -29.64
C VAL A 247 -6.76 12.03 -29.82
N LEU A 248 -6.12 11.74 -30.95
CA LEU A 248 -5.62 10.40 -31.26
C LEU A 248 -4.09 10.42 -31.16
N LEU A 249 -3.54 9.57 -30.32
CA LEU A 249 -2.10 9.47 -30.10
C LEU A 249 -1.58 8.25 -30.86
N LEU A 250 -0.95 8.50 -32.01
CA LEU A 250 -0.29 7.46 -32.79
C LEU A 250 1.19 7.42 -32.45
N GLY A 251 1.69 6.22 -32.14
CA GLY A 251 3.08 6.09 -31.77
C GLY A 251 3.57 4.66 -31.66
N GLU A 252 4.47 4.41 -30.72
CA GLU A 252 5.04 3.09 -30.50
C GLU A 252 4.87 2.70 -29.04
N THR A 253 4.95 1.40 -28.80
CA THR A 253 4.82 0.89 -27.43
C THR A 253 5.95 1.41 -26.56
N GLY A 254 5.63 1.74 -25.32
CA GLY A 254 6.61 2.24 -24.38
C GLY A 254 6.95 3.70 -24.52
N VAL A 255 6.22 4.44 -25.36
CA VAL A 255 6.48 5.88 -25.52
C VAL A 255 5.81 6.72 -24.44
N GLY A 256 4.97 6.10 -23.61
CA GLY A 256 4.33 6.81 -22.51
C GLY A 256 3.18 7.72 -22.90
N LYS A 257 2.22 7.19 -23.65
CA LYS A 257 1.08 8.00 -24.06
C LYS A 257 0.17 8.37 -22.90
N GLU A 258 0.13 7.55 -21.84
CA GLU A 258 -0.78 7.84 -20.73
C GLU A 258 -0.38 9.12 -20.00
N VAL A 259 0.92 9.32 -19.75
CA VAL A 259 1.33 10.56 -19.09
C VAL A 259 1.08 11.74 -20.02
N ILE A 260 1.11 11.52 -21.34
CA ILE A 260 0.77 12.57 -22.28
C ILE A 260 -0.70 12.96 -22.12
N ALA A 261 -1.58 11.96 -22.01
CA ALA A 261 -2.99 12.26 -21.80
C ALA A 261 -3.25 12.92 -20.45
N ARG A 262 -2.48 12.53 -19.43
CA ARG A 262 -2.64 13.17 -18.12
C ARG A 262 -2.21 14.64 -18.16
N SER A 263 -1.11 14.93 -18.86
CA SER A 263 -0.69 16.32 -19.01
C SER A 263 -1.70 17.11 -19.84
N VAL A 264 -2.31 16.47 -20.83
CA VAL A 264 -3.35 17.15 -21.63
C VAL A 264 -4.55 17.47 -20.75
N HIS A 265 -4.89 16.57 -19.83
CA HIS A 265 -6.02 16.84 -18.95
C HIS A 265 -5.70 17.94 -17.95
N LEU A 266 -4.47 17.94 -17.41
CA LEU A 266 -4.09 18.99 -16.47
C LEU A 266 -4.04 20.35 -17.15
N ARG A 267 -3.66 20.39 -18.43
CA ARG A 267 -3.64 21.64 -19.17
C ARG A 267 -5.00 22.03 -19.74
N SER A 268 -5.98 21.14 -19.65
CA SER A 268 -7.34 21.41 -20.12
C SER A 268 -8.14 22.18 -19.06
N LYS A 269 -9.33 22.62 -19.45
CA LYS A 269 -10.21 23.33 -18.54
C LYS A 269 -10.90 22.42 -17.54
N ARG A 270 -10.78 21.11 -17.68
CA ARG A 270 -11.45 20.14 -16.82
C ARG A 270 -10.45 19.38 -15.94
N ALA A 271 -9.36 20.03 -15.55
CA ALA A 271 -8.32 19.34 -14.78
C ALA A 271 -8.83 18.89 -13.42
N ALA A 272 -9.71 19.67 -12.79
CA ALA A 272 -10.23 19.29 -11.49
C ALA A 272 -11.18 18.10 -11.58
N GLU A 273 -11.76 17.88 -12.75
CA GLU A 273 -12.69 16.79 -12.99
C GLU A 273 -11.93 15.47 -13.14
N PRO A 274 -12.61 14.33 -12.95
CA PRO A 274 -11.91 13.04 -13.00
C PRO A 274 -11.29 12.75 -14.36
N PHE A 275 -10.15 12.05 -14.31
CA PHE A 275 -9.44 11.55 -15.48
C PHE A 275 -9.31 10.05 -15.32
N VAL A 276 -9.90 9.30 -16.26
CA VAL A 276 -9.87 7.84 -16.18
C VAL A 276 -9.20 7.29 -17.43
N ALA A 277 -8.16 6.48 -17.24
CA ALA A 277 -7.49 5.79 -18.34
C ALA A 277 -8.00 4.35 -18.40
N VAL A 278 -8.15 3.83 -19.62
CA VAL A 278 -8.65 2.48 -19.83
C VAL A 278 -7.81 1.82 -20.92
N ASN A 279 -7.16 0.71 -20.59
CA ASN A 279 -6.44 -0.10 -21.56
C ASN A 279 -7.39 -1.20 -22.04
N CYS A 280 -7.47 -1.37 -23.36
CA CYS A 280 -8.35 -2.36 -23.95
C CYS A 280 -7.77 -3.76 -23.96
N ALA A 281 -6.54 -3.93 -23.47
CA ALA A 281 -5.95 -5.26 -23.38
C ALA A 281 -6.73 -6.17 -22.43
N ALA A 282 -7.54 -5.59 -21.54
CA ALA A 282 -8.43 -6.40 -20.72
C ALA A 282 -9.41 -7.17 -21.61
N ILE A 283 -9.84 -8.33 -21.13
CA ILE A 283 -10.62 -9.25 -21.97
C ILE A 283 -11.89 -8.56 -22.45
N PRO A 284 -12.23 -8.67 -23.73
CA PRO A 284 -13.28 -7.82 -24.32
C PRO A 284 -14.69 -8.38 -24.22
N PRO A 285 -14.97 -9.68 -24.56
CA PRO A 285 -16.36 -10.04 -24.84
C PRO A 285 -17.34 -9.75 -23.71
N ASP A 286 -18.25 -8.80 -23.99
CA ASP A 286 -19.35 -8.37 -23.14
C ASP A 286 -18.85 -7.69 -21.88
N LEU A 287 -17.57 -7.89 -21.53
CA LEU A 287 -17.02 -7.18 -20.39
C LEU A 287 -16.53 -5.80 -20.79
N ILE A 288 -16.05 -5.63 -22.02
CA ILE A 288 -15.58 -4.32 -22.45
C ILE A 288 -16.72 -3.33 -22.50
N GLU A 289 -17.89 -3.76 -23.00
CA GLU A 289 -19.03 -2.86 -23.07
C GLU A 289 -19.59 -2.54 -21.70
N SER A 290 -19.71 -3.56 -20.84
CA SER A 290 -20.24 -3.35 -19.50
C SER A 290 -19.31 -2.50 -18.65
N GLU A 291 -18.00 -2.55 -18.91
CA GLU A 291 -17.09 -1.72 -18.14
C GLU A 291 -17.00 -0.31 -18.69
N LEU A 292 -17.01 -0.15 -20.02
CA LEU A 292 -16.90 1.17 -20.61
C LEU A 292 -18.18 1.98 -20.42
N PHE A 293 -19.34 1.32 -20.45
CA PHE A 293 -20.62 2.03 -20.42
C PHE A 293 -21.54 1.61 -19.29
N GLY A 294 -21.13 0.68 -18.43
CA GLY A 294 -21.96 0.27 -17.32
C GLY A 294 -23.01 -0.75 -17.72
N VAL A 295 -23.82 -1.11 -16.72
CA VAL A 295 -24.92 -2.06 -16.93
C VAL A 295 -25.93 -1.87 -15.81
N GLU A 296 -27.21 -1.91 -16.18
CA GLU A 296 -28.31 -1.75 -15.24
C GLU A 296 -28.88 -3.11 -14.86
N LYS A 297 -29.31 -3.23 -13.60
CA LYS A 297 -29.91 -4.48 -13.13
C LYS A 297 -31.31 -4.65 -13.70
N GLY A 298 -31.72 -5.90 -13.81
CA GLY A 298 -33.04 -6.23 -14.32
C GLY A 298 -33.03 -7.62 -14.92
N ALA A 299 -34.21 -8.02 -15.41
CA ALA A 299 -34.36 -9.30 -16.07
C ALA A 299 -33.85 -9.29 -17.51
N PHE A 300 -33.59 -8.11 -18.07
CA PHE A 300 -33.12 -7.98 -19.44
C PHE A 300 -31.64 -8.32 -19.59
N THR A 301 -30.90 -8.42 -18.49
CA THR A 301 -29.50 -8.79 -18.51
C THR A 301 -29.16 -9.41 -17.17
N GLY A 302 -28.12 -10.25 -17.16
CA GLY A 302 -27.76 -10.95 -15.94
C GLY A 302 -27.02 -10.09 -14.94
N ALA A 303 -27.66 -9.01 -14.48
CA ALA A 303 -27.06 -8.08 -13.55
C ALA A 303 -27.90 -8.05 -12.27
N THR A 304 -27.32 -8.53 -11.17
CA THR A 304 -28.00 -8.44 -9.88
C THR A 304 -28.01 -7.01 -9.37
N GLN A 305 -26.88 -6.31 -9.49
CA GLN A 305 -26.76 -4.92 -9.08
C GLN A 305 -26.15 -4.12 -10.21
N SER A 306 -26.70 -2.92 -10.43
CA SER A 306 -26.19 -2.03 -11.46
C SER A 306 -24.79 -1.54 -11.11
N ARG A 307 -23.97 -1.35 -12.14
CA ARG A 307 -22.58 -0.94 -11.99
C ARG A 307 -22.29 0.22 -12.91
N MET A 308 -21.76 1.31 -12.35
CA MET A 308 -21.46 2.49 -13.15
C MET A 308 -20.32 2.21 -14.12
N GLY A 309 -20.45 2.73 -15.34
CA GLY A 309 -19.41 2.58 -16.33
C GLY A 309 -18.29 3.59 -16.15
N ARG A 310 -17.16 3.29 -16.79
CA ARG A 310 -16.00 4.19 -16.68
C ARG A 310 -16.25 5.53 -17.38
N PHE A 311 -17.08 5.54 -18.42
CA PHE A 311 -17.40 6.82 -19.07
C PHE A 311 -18.18 7.74 -18.13
N GLU A 312 -19.08 7.16 -17.32
CA GLU A 312 -19.78 7.96 -16.32
C GLU A 312 -18.84 8.43 -15.23
N ARG A 313 -17.79 7.65 -14.95
CA ARG A 313 -16.79 8.07 -13.98
C ARG A 313 -16.02 9.29 -14.47
N ALA A 314 -15.93 9.47 -15.79
CA ALA A 314 -15.23 10.58 -16.42
C ALA A 314 -16.13 11.78 -16.68
N ASP A 315 -17.31 11.83 -16.04
CA ASP A 315 -18.27 12.90 -16.32
C ASP A 315 -17.63 14.27 -16.09
N LYS A 316 -17.86 15.17 -17.04
CA LYS A 316 -17.28 16.51 -17.08
C LYS A 316 -15.76 16.49 -17.17
N GLY A 317 -15.16 15.31 -17.31
CA GLY A 317 -13.72 15.17 -17.32
C GLY A 317 -13.15 14.58 -18.59
N THR A 318 -12.14 13.70 -18.46
CA THR A 318 -11.45 13.14 -19.61
C THR A 318 -11.27 11.64 -19.45
N ILE A 319 -11.40 10.91 -20.56
CA ILE A 319 -11.16 9.48 -20.59
C ILE A 319 -10.11 9.19 -21.66
N PHE A 320 -9.14 8.37 -21.28
CA PHE A 320 -8.09 7.89 -22.16
C PHE A 320 -8.42 6.46 -22.57
N LEU A 321 -8.22 6.15 -23.84
CA LEU A 321 -8.55 4.83 -24.39
C LEU A 321 -7.33 4.31 -25.13
N ASP A 322 -6.51 3.51 -24.44
CA ASP A 322 -5.37 2.90 -25.10
C ASP A 322 -5.83 1.71 -25.92
N GLU A 323 -5.17 1.50 -27.07
CA GLU A 323 -5.51 0.41 -27.98
C GLU A 323 -7.00 0.42 -28.33
N VAL A 324 -7.46 1.58 -28.82
CA VAL A 324 -8.88 1.74 -29.13
C VAL A 324 -9.34 0.81 -30.24
N ILE A 325 -8.41 0.32 -31.07
CA ILE A 325 -8.76 -0.63 -32.11
C ILE A 325 -9.33 -1.91 -31.50
N GLU A 326 -8.88 -2.23 -30.29
CA GLU A 326 -9.34 -3.44 -29.59
C GLU A 326 -10.68 -3.26 -28.89
N LEU A 327 -11.62 -2.59 -29.54
CA LEU A 327 -12.97 -2.41 -29.01
C LEU A 327 -13.91 -3.37 -29.72
N SER A 328 -14.87 -3.91 -28.98
CA SER A 328 -15.90 -4.71 -29.62
C SER A 328 -16.75 -3.79 -30.50
N PRO A 329 -17.31 -4.31 -31.60
CA PRO A 329 -18.08 -3.44 -32.50
C PRO A 329 -19.23 -2.73 -31.80
N ARG A 330 -19.88 -3.38 -30.83
CA ARG A 330 -20.90 -2.70 -30.05
C ARG A 330 -20.28 -1.58 -29.22
N ALA A 331 -19.08 -1.79 -28.69
CA ALA A 331 -18.39 -0.74 -27.96
C ALA A 331 -18.00 0.40 -28.89
N GLN A 332 -17.60 0.08 -30.13
CA GLN A 332 -17.29 1.14 -31.08
C GLN A 332 -18.53 1.95 -31.43
N ALA A 333 -19.68 1.28 -31.53
CA ALA A 333 -20.91 2.01 -31.85
C ALA A 333 -21.33 2.90 -30.69
N SER A 334 -21.25 2.39 -29.46
CA SER A 334 -21.61 3.22 -28.31
C SER A 334 -20.64 4.39 -28.15
N LEU A 335 -19.35 4.17 -28.44
CA LEU A 335 -18.39 5.26 -28.38
C LEU A 335 -18.65 6.29 -29.47
N LEU A 336 -19.05 5.83 -30.65
CA LEU A 336 -19.39 6.77 -31.71
C LEU A 336 -20.60 7.61 -31.33
N ARG A 337 -21.58 6.99 -30.67
CA ARG A 337 -22.73 7.77 -30.23
C ARG A 337 -22.35 8.76 -29.14
N VAL A 338 -21.47 8.36 -28.23
CA VAL A 338 -21.03 9.28 -27.18
C VAL A 338 -20.25 10.44 -27.77
N LEU A 339 -19.48 10.18 -28.82
CA LEU A 339 -18.62 11.21 -29.40
C LEU A 339 -19.38 12.11 -30.37
N GLN A 340 -20.45 11.62 -30.99
CA GLN A 340 -21.19 12.39 -31.98
C GLN A 340 -22.46 13.04 -31.45
N GLU A 341 -23.08 12.47 -30.42
CA GLU A 341 -24.30 13.02 -29.83
C GLU A 341 -24.18 13.33 -28.35
N GLY A 342 -23.09 12.92 -27.69
CA GLY A 342 -22.92 13.19 -26.28
C GLY A 342 -23.85 12.43 -25.36
N GLU A 343 -24.28 11.23 -25.75
CA GLU A 343 -25.22 10.45 -24.97
C GLU A 343 -24.83 8.98 -24.97
N LEU A 344 -25.24 8.28 -23.92
CA LEU A 344 -25.03 6.84 -23.82
C LEU A 344 -26.10 6.23 -22.95
N GLU A 345 -26.28 4.92 -23.09
CA GLU A 345 -27.21 4.18 -22.24
C GLU A 345 -26.52 2.90 -21.79
N ARG A 346 -26.71 2.57 -20.51
CA ARG A 346 -26.11 1.37 -19.94
C ARG A 346 -26.78 0.13 -20.53
N VAL A 347 -26.01 -0.96 -20.59
CA VAL A 347 -26.57 -2.22 -21.09
C VAL A 347 -27.71 -2.63 -20.17
N GLY A 348 -28.85 -2.96 -20.77
CA GLY A 348 -30.02 -3.31 -19.98
C GLY A 348 -30.77 -2.13 -19.41
N ASP A 349 -30.40 -0.89 -19.77
CA ASP A 349 -31.02 0.31 -19.23
C ASP A 349 -31.99 0.90 -20.24
N ASN A 350 -33.14 1.35 -19.75
CA ASN A 350 -34.17 1.93 -20.62
C ASN A 350 -33.96 3.42 -20.85
N ARG A 351 -33.78 4.19 -19.79
CA ARG A 351 -33.58 5.62 -19.92
C ARG A 351 -32.16 5.95 -20.39
N THR A 352 -32.05 7.03 -21.16
CA THR A 352 -30.77 7.52 -21.65
C THR A 352 -30.36 8.75 -20.86
N ARG A 353 -29.06 8.87 -20.58
CA ARG A 353 -28.52 10.06 -19.93
C ARG A 353 -27.31 10.56 -20.70
N LYS A 354 -27.28 11.85 -20.97
CA LYS A 354 -26.18 12.49 -21.67
C LYS A 354 -24.99 12.70 -20.74
N ILE A 355 -23.80 12.79 -21.35
CA ILE A 355 -22.56 13.02 -20.63
C ILE A 355 -21.71 14.01 -21.41
N ASP A 356 -20.74 14.60 -20.72
CA ASP A 356 -19.81 15.58 -21.29
C ASP A 356 -18.40 15.07 -20.96
N VAL A 357 -17.81 14.31 -21.89
CA VAL A 357 -16.55 13.63 -21.65
C VAL A 357 -15.60 13.88 -22.81
N ARG A 358 -14.45 14.47 -22.52
CA ARG A 358 -13.38 14.58 -23.50
C ARG A 358 -12.73 13.22 -23.70
N VAL A 359 -12.28 12.96 -24.93
CA VAL A 359 -11.78 11.65 -25.31
C VAL A 359 -10.38 11.76 -25.88
N ILE A 360 -9.46 10.95 -25.35
CA ILE A 360 -8.10 10.86 -25.88
C ILE A 360 -7.85 9.38 -26.15
N ALA A 361 -7.97 8.99 -27.40
CA ALA A 361 -7.66 7.62 -27.81
C ALA A 361 -6.19 7.53 -28.20
N ALA A 362 -5.66 6.31 -28.18
CA ALA A 362 -4.27 6.10 -28.54
C ALA A 362 -4.12 4.69 -29.10
N THR A 363 -3.11 4.53 -29.96
CA THR A 363 -2.86 3.22 -30.54
C THR A 363 -1.47 3.17 -31.14
N HIS A 364 -0.87 1.98 -31.12
CA HIS A 364 0.42 1.76 -31.77
C HIS A 364 0.23 1.21 -33.18
N GLU A 365 -0.82 0.45 -33.41
CA GLU A 365 -1.10 -0.05 -34.75
C GLU A 365 -1.63 1.09 -35.63
N ASP A 366 -1.31 1.01 -36.91
CA ASP A 366 -1.77 2.01 -37.86
C ASP A 366 -3.27 1.82 -38.11
N LEU A 367 -4.07 2.85 -37.79
CA LEU A 367 -5.51 2.72 -37.98
C LEU A 367 -5.87 2.64 -39.46
N ALA A 368 -5.03 3.20 -40.33
CA ALA A 368 -5.22 2.96 -41.76
C ALA A 368 -4.97 1.48 -42.03
N GLU A 369 -5.73 0.93 -42.96
CA GLU A 369 -5.69 -0.49 -43.31
C GLU A 369 -6.35 -1.32 -42.20
N ALA A 370 -6.53 -0.71 -41.02
CA ALA A 370 -7.32 -1.34 -39.97
C ALA A 370 -8.82 -1.17 -40.22
N VAL A 371 -9.21 -0.01 -40.75
CA VAL A 371 -10.59 0.16 -41.19
C VAL A 371 -10.88 -0.79 -42.34
N LYS A 372 -9.88 -1.03 -43.19
CA LYS A 372 -9.98 -2.09 -44.18
C LYS A 372 -10.00 -3.43 -43.45
N ALA A 373 -10.68 -4.41 -44.04
CA ALA A 373 -10.96 -5.72 -43.47
C ALA A 373 -11.92 -5.65 -42.29
N GLY A 374 -12.48 -4.47 -41.99
CA GLY A 374 -13.57 -4.34 -41.05
C GLY A 374 -13.22 -4.34 -39.58
N ARG A 375 -11.95 -4.23 -39.21
CA ARG A 375 -11.62 -4.25 -37.79
C ARG A 375 -12.07 -2.98 -37.06
N PHE A 376 -12.36 -1.90 -37.78
CA PHE A 376 -12.76 -0.65 -37.13
C PHE A 376 -13.73 0.11 -38.03
N ARG A 377 -14.72 0.75 -37.41
CA ARG A 377 -15.72 1.50 -38.16
C ARG A 377 -15.14 2.76 -38.78
N ALA A 378 -15.61 3.08 -39.98
CA ALA A 378 -15.17 4.31 -40.65
C ALA A 378 -15.69 5.56 -39.95
N ASP A 379 -16.87 5.50 -39.35
CA ASP A 379 -17.43 6.67 -38.68
C ASP A 379 -16.57 7.09 -37.50
N LEU A 380 -16.28 6.14 -36.61
CA LEU A 380 -15.45 6.44 -35.45
C LEU A 380 -14.05 6.83 -35.87
N TYR A 381 -13.54 6.25 -36.96
CA TYR A 381 -12.20 6.59 -37.43
C TYR A 381 -12.13 8.04 -37.89
N TYR A 382 -13.09 8.46 -38.71
CA TYR A 382 -13.06 9.85 -39.18
C TYR A 382 -13.41 10.82 -38.05
N ARG A 383 -14.20 10.38 -37.07
CA ARG A 383 -14.49 11.26 -35.93
C ARG A 383 -13.28 11.42 -35.01
N LEU A 384 -12.41 10.40 -34.94
CA LEU A 384 -11.22 10.46 -34.09
C LEU A 384 -10.00 11.02 -34.78
N ASN A 385 -9.92 10.95 -36.10
CA ASN A 385 -8.75 11.39 -36.84
C ASN A 385 -8.73 12.89 -37.11
N VAL A 386 -9.64 13.65 -36.50
CA VAL A 386 -9.70 15.09 -36.73
C VAL A 386 -8.40 15.75 -36.26
N PHE A 387 -7.82 15.27 -35.16
CA PHE A 387 -6.60 15.85 -34.60
C PHE A 387 -5.62 14.75 -34.21
N PRO A 388 -5.00 14.09 -35.20
CA PRO A 388 -3.93 13.15 -34.87
C PRO A 388 -2.73 13.85 -34.25
N VAL A 389 -2.06 13.16 -33.34
CA VAL A 389 -0.83 13.66 -32.72
C VAL A 389 0.17 12.50 -32.65
N ALA A 390 1.13 12.48 -33.57
CA ALA A 390 2.12 11.42 -33.60
C ALA A 390 3.22 11.73 -32.58
N ILE A 391 3.51 10.76 -31.72
CA ILE A 391 4.58 10.88 -30.73
C ILE A 391 5.79 10.13 -31.28
N PRO A 392 6.89 10.80 -31.60
CA PRO A 392 8.04 10.12 -32.18
C PRO A 392 8.71 9.18 -31.20
N ALA A 393 9.36 8.16 -31.77
CA ALA A 393 10.21 7.28 -30.98
C ALA A 393 11.44 8.07 -30.54
N LEU A 394 12.07 7.58 -29.47
CA LEU A 394 13.19 8.30 -28.88
C LEU A 394 14.35 8.51 -29.84
N ARG A 395 14.42 7.75 -30.93
CA ARG A 395 15.50 7.92 -31.89
C ARG A 395 15.53 9.33 -32.46
N GLU A 396 14.36 9.94 -32.65
CA GLU A 396 14.27 11.30 -33.15
C GLU A 396 14.52 12.34 -32.07
N ARG A 397 14.47 11.96 -30.80
CA ARG A 397 14.73 12.86 -29.68
C ARG A 397 15.89 12.37 -28.85
N ARG A 398 16.96 11.92 -29.52
CA ARG A 398 18.16 11.49 -28.80
C ARG A 398 18.79 12.65 -28.04
N GLU A 399 18.62 13.87 -28.52
CA GLU A 399 19.09 15.04 -27.79
C GLU A 399 18.37 15.18 -26.46
N ASP A 400 17.18 14.60 -26.33
CA ASP A 400 16.44 14.58 -25.08
C ASP A 400 16.87 13.44 -24.17
N ILE A 401 17.65 12.46 -24.68
CA ILE A 401 18.02 11.31 -23.86
C ILE A 401 18.77 11.72 -22.60
N PRO A 402 19.79 12.60 -22.63
CA PRO A 402 20.45 12.94 -21.37
C PRO A 402 19.49 13.57 -20.36
N LEU A 403 18.70 14.55 -20.81
CA LEU A 403 17.79 15.25 -19.91
C LEU A 403 16.87 14.27 -19.19
N LEU A 404 16.36 13.28 -19.92
CA LEU A 404 15.56 12.25 -19.28
C LEU A 404 16.37 11.50 -18.22
N VAL A 405 17.50 10.91 -18.64
CA VAL A 405 18.21 10.01 -17.75
C VAL A 405 18.71 10.75 -16.52
N GLU A 406 19.13 12.00 -16.69
CA GLU A 406 19.57 12.78 -15.54
C GLU A 406 18.44 12.91 -14.54
N HIS A 407 17.26 13.31 -15.00
CA HIS A 407 16.12 13.39 -14.11
C HIS A 407 15.81 12.02 -13.53
N PHE A 408 15.98 10.97 -14.33
CA PHE A 408 15.74 9.64 -13.81
C PHE A 408 16.76 9.27 -12.74
N LEU A 409 18.03 9.66 -12.94
CA LEU A 409 19.07 9.29 -12.00
C LEU A 409 18.77 9.87 -10.62
N GLN A 410 18.52 11.18 -10.55
CA GLN A 410 18.17 11.77 -9.27
C GLN A 410 16.86 11.20 -8.76
N ARG A 411 15.94 10.85 -9.66
CA ARG A 411 14.69 10.24 -9.21
C ARG A 411 14.94 8.88 -8.60
N PHE A 412 15.99 8.20 -9.07
CA PHE A 412 16.38 6.92 -8.49
C PHE A 412 17.38 7.11 -7.37
N HIS A 413 17.93 8.31 -7.21
CA HIS A 413 18.83 8.57 -6.09
C HIS A 413 18.10 8.46 -4.77
N GLN A 414 16.79 8.74 -4.76
CA GLN A 414 15.95 8.60 -3.59
C GLN A 414 15.42 7.18 -3.40
N GLU A 415 15.66 6.28 -4.35
CA GLU A 415 15.05 4.94 -4.30
C GLU A 415 15.89 4.02 -3.41
N TYR A 416 15.73 4.21 -2.09
CA TYR A 416 16.25 3.30 -1.06
C TYR A 416 17.74 3.04 -1.19
N GLY A 417 18.48 3.92 -1.87
CA GLY A 417 19.88 3.61 -2.11
C GLY A 417 20.85 4.74 -1.82
N LYS A 418 20.39 5.98 -1.94
CA LYS A 418 21.21 7.18 -1.84
C LYS A 418 22.53 6.96 -2.59
N ARG A 419 22.41 6.39 -3.79
CA ARG A 419 23.58 6.03 -4.58
C ARG A 419 23.97 7.19 -5.50
N THR A 420 24.20 6.90 -6.77
CA THR A 420 24.96 7.81 -7.60
C THR A 420 24.15 8.56 -8.66
N LEU A 421 24.73 9.69 -9.07
CA LEU A 421 24.24 10.51 -10.17
C LEU A 421 25.18 10.57 -11.38
N GLY A 422 26.25 9.78 -11.39
CA GLY A 422 27.23 9.83 -12.47
C GLY A 422 26.74 9.20 -13.76
N LEU A 423 27.49 9.45 -14.83
CA LEU A 423 27.08 8.98 -16.16
C LEU A 423 28.12 8.13 -16.88
N SER A 424 29.40 8.47 -16.80
CA SER A 424 30.46 7.81 -17.57
C SER A 424 30.16 7.97 -19.05
N ASP A 425 30.73 9.02 -19.67
CA ASP A 425 30.33 9.43 -21.01
C ASP A 425 30.40 8.31 -22.03
N LYS A 426 31.30 7.34 -21.83
CA LYS A 426 31.35 6.21 -22.77
C LYS A 426 30.04 5.44 -22.77
N ALA A 427 29.41 5.29 -21.60
CA ALA A 427 28.11 4.63 -21.56
C ALA A 427 27.04 5.45 -22.26
N LEU A 428 27.13 6.78 -22.20
CA LEU A 428 26.16 7.61 -22.90
C LEU A 428 26.34 7.51 -24.40
N GLU A 429 27.59 7.47 -24.87
CA GLU A 429 27.85 7.29 -26.30
C GLU A 429 27.41 5.91 -26.77
N ALA A 430 27.54 4.90 -25.91
CA ALA A 430 26.99 3.58 -26.25
C ALA A 430 25.47 3.60 -26.29
N CYS A 431 24.84 4.43 -25.46
CA CYS A 431 23.38 4.49 -25.42
C CYS A 431 22.82 5.22 -26.64
N LEU A 432 23.50 6.28 -27.09
CA LEU A 432 23.00 7.00 -28.25
C LEU A 432 23.01 6.14 -29.50
N HIS A 433 23.89 5.14 -29.57
CA HIS A 433 23.96 4.24 -30.71
C HIS A 433 23.19 2.96 -30.38
N TYR A 434 21.87 3.11 -30.27
CA TYR A 434 20.98 1.99 -30.01
C TYR A 434 19.58 2.36 -30.47
N SER A 435 18.89 1.39 -31.08
CA SER A 435 17.56 1.66 -31.60
C SER A 435 16.54 1.85 -30.48
N TRP A 436 16.75 1.21 -29.33
CA TRP A 436 15.78 1.21 -28.24
C TRP A 436 14.41 0.81 -28.77
N PRO A 437 14.19 -0.47 -29.13
CA PRO A 437 12.85 -0.87 -29.59
C PRO A 437 11.76 -0.57 -28.58
N GLY A 438 12.08 -0.69 -27.29
CA GLY A 438 11.26 -0.14 -26.25
C GLY A 438 11.89 1.19 -25.91
N ASN A 439 11.12 2.26 -26.10
CA ASN A 439 11.72 3.59 -26.04
C ASN A 439 12.09 3.98 -24.62
N ILE A 440 11.11 4.39 -23.83
CA ILE A 440 11.35 4.96 -22.52
C ILE A 440 11.20 3.94 -21.40
N ARG A 441 10.25 2.99 -21.54
CA ARG A 441 10.09 1.98 -20.50
C ARG A 441 11.34 1.10 -20.41
N GLU A 442 11.86 0.67 -21.57
CA GLU A 442 13.07 -0.14 -21.58
C GLU A 442 14.27 0.65 -21.07
N LEU A 443 14.33 1.96 -21.34
CA LEU A 443 15.47 2.73 -20.85
C LEU A 443 15.41 2.88 -19.34
N GLU A 444 14.21 3.09 -18.79
CA GLU A 444 14.09 3.14 -17.33
C GLU A 444 14.43 1.79 -16.72
N ASN A 445 14.10 0.69 -17.41
CA ASN A 445 14.42 -0.62 -16.88
C ASN A 445 15.93 -0.86 -16.90
N VAL A 446 16.61 -0.49 -17.98
CA VAL A 446 18.06 -0.66 -18.00
C VAL A 446 18.74 0.26 -17.01
N ILE A 447 18.16 1.45 -16.75
CA ILE A 447 18.73 2.34 -15.76
C ILE A 447 18.57 1.74 -14.35
N GLU A 448 17.43 1.10 -14.09
CA GLU A 448 17.28 0.44 -12.81
C GLU A 448 18.25 -0.73 -12.66
N ARG A 449 18.45 -1.49 -13.74
CA ARG A 449 19.41 -2.59 -13.69
C ARG A 449 20.84 -2.07 -13.47
N GLY A 450 21.17 -0.92 -14.05
CA GLY A 450 22.48 -0.34 -13.82
C GLY A 450 22.66 0.20 -12.42
N ILE A 451 21.59 0.75 -11.84
CA ILE A 451 21.67 1.17 -10.44
C ILE A 451 21.83 -0.04 -9.54
N ILE A 452 21.23 -1.17 -9.92
CA ILE A 452 21.40 -2.38 -9.12
C ILE A 452 22.83 -2.89 -9.18
N LEU A 453 23.52 -2.65 -10.30
CA LEU A 453 24.84 -3.21 -10.55
C LEU A 453 25.99 -2.28 -10.18
N THR A 454 25.69 -1.09 -9.62
CA THR A 454 26.73 -0.13 -9.25
C THR A 454 26.53 0.31 -7.81
N ASP A 455 27.59 0.16 -7.00
CA ASP A 455 27.60 0.64 -5.62
C ASP A 455 28.27 2.03 -5.47
N PRO A 456 29.40 2.26 -4.77
CA PRO A 456 29.84 3.66 -4.62
C PRO A 456 30.36 4.32 -5.88
N ASN A 457 30.57 3.58 -6.97
CA ASN A 457 30.99 4.24 -8.20
C ASN A 457 29.92 5.23 -8.61
N GLU A 458 30.36 6.44 -8.96
CA GLU A 458 29.36 7.46 -9.25
C GLU A 458 28.83 7.33 -10.67
N SER A 459 29.70 7.14 -11.64
CA SER A 459 29.22 6.89 -12.98
C SER A 459 28.80 5.43 -13.07
N ILE A 460 27.58 5.18 -13.54
CA ILE A 460 27.17 3.80 -13.78
C ILE A 460 28.13 3.23 -14.81
N SER A 461 28.59 2.01 -14.56
CA SER A 461 29.64 1.45 -15.40
C SER A 461 29.15 1.28 -16.82
N VAL A 462 30.05 1.52 -17.78
CA VAL A 462 29.70 1.34 -19.18
C VAL A 462 29.38 -0.12 -19.46
N GLN A 463 30.10 -1.02 -18.79
CA GLN A 463 29.86 -2.45 -18.96
C GLN A 463 28.72 -2.96 -18.09
N ALA A 464 28.25 -2.16 -17.12
CA ALA A 464 27.14 -2.58 -16.28
C ALA A 464 25.85 -2.73 -17.07
N LEU A 465 25.71 -1.97 -18.15
CA LEU A 465 24.54 -2.04 -19.01
C LEU A 465 24.80 -2.97 -20.19
N PHE A 466 23.79 -3.76 -20.54
CA PHE A 466 23.74 -4.76 -21.61
C PHE A 466 25.06 -5.50 -21.82
N PRO A 467 25.49 -6.33 -20.88
CA PRO A 467 26.71 -7.12 -21.09
C PRO A 467 26.48 -8.20 -22.13
N ARG A 468 27.58 -8.65 -22.74
CA ARG A 468 27.46 -9.68 -23.76
C ARG A 468 26.97 -10.98 -23.14
N ALA A 469 26.30 -11.79 -23.96
CA ALA A 469 25.78 -13.09 -23.53
C ALA A 469 26.85 -13.99 -22.94
N PHE B 5 37.05 40.21 45.92
CA PHE B 5 38.42 40.63 46.21
C PHE B 5 39.38 39.45 46.07
N THR B 6 40.63 39.75 45.72
CA THR B 6 41.66 38.73 45.52
C THR B 6 42.01 38.00 46.81
N ASN B 7 41.77 38.60 47.97
CA ASN B 7 42.12 37.94 49.23
C ASN B 7 41.23 36.75 49.54
N LEU B 8 40.05 36.66 48.94
CA LEU B 8 39.11 35.58 49.20
C LEU B 8 39.30 34.37 48.28
N ILE B 9 40.20 34.44 47.31
CA ILE B 9 40.39 33.33 46.37
C ILE B 9 41.53 32.45 46.86
N HIS B 10 41.59 32.22 48.17
CA HIS B 10 42.61 31.34 48.73
C HIS B 10 42.43 29.92 48.23
N PHE B 11 43.55 29.24 47.97
CA PHE B 11 43.49 27.88 47.45
C PHE B 11 44.73 27.11 47.89
N GLN B 12 44.58 25.79 48.00
CA GLN B 12 45.64 24.88 48.41
C GLN B 12 45.96 23.94 47.25
N SER B 13 47.15 24.09 46.68
CA SER B 13 47.57 23.28 45.54
C SER B 13 47.82 21.82 45.91
N THR B 14 48.11 21.53 47.18
CA THR B 14 48.51 20.18 47.55
C THR B 14 47.41 19.17 47.27
N GLU B 15 46.16 19.57 47.44
CA GLU B 15 45.02 18.69 47.16
C GLU B 15 44.49 18.85 45.75
N GLY B 16 45.09 19.72 44.94
CA GLY B 16 44.62 19.91 43.57
C GLY B 16 43.29 20.62 43.46
N LYS B 17 43.03 21.59 44.33
CA LYS B 17 41.75 22.29 44.33
C LYS B 17 41.96 23.80 44.46
N ILE B 18 41.02 24.55 43.89
CA ILE B 18 40.97 26.00 44.00
C ILE B 18 39.62 26.37 44.59
N TRP B 19 39.62 27.32 45.53
CA TRP B 19 38.41 27.67 46.26
C TRP B 19 38.09 29.15 46.16
N LEU B 20 36.82 29.46 46.37
CA LEU B 20 36.33 30.84 46.46
C LEU B 20 35.13 30.78 47.38
N GLY B 21 35.29 31.29 48.60
CA GLY B 21 34.26 31.09 49.60
C GLY B 21 34.09 29.61 49.84
N GLU B 22 32.85 29.16 49.87
CA GLU B 22 32.58 27.73 49.99
C GLU B 22 32.43 27.05 48.63
N GLN B 23 32.54 27.80 47.53
CA GLN B 23 32.36 27.24 46.20
C GLN B 23 33.71 26.91 45.56
N ARG B 24 33.82 25.69 45.03
CA ARG B 24 35.03 25.31 44.32
C ARG B 24 35.10 26.01 42.96
N MET B 25 36.32 26.25 42.49
CA MET B 25 36.57 26.90 41.22
C MET B 25 37.63 26.11 40.46
N LEU B 26 37.70 26.36 39.15
CA LEU B 26 38.67 25.69 38.30
C LEU B 26 39.22 26.70 37.30
N LEU B 27 40.44 26.47 36.85
CA LEU B 27 41.14 27.37 35.95
C LEU B 27 41.31 26.68 34.59
N LEU B 28 40.55 27.13 33.61
CA LEU B 28 40.55 26.55 32.28
C LEU B 28 41.27 27.46 31.28
N GLN B 29 41.88 26.83 30.27
CA GLN B 29 42.58 27.55 29.22
C GLN B 29 41.61 28.19 28.24
N VAL B 30 42.06 29.29 27.63
CA VAL B 30 41.23 29.98 26.65
C VAL B 30 41.34 29.34 25.27
N SER B 31 42.53 28.83 24.91
CA SER B 31 42.70 28.21 23.60
C SER B 31 41.80 26.99 23.45
N ALA B 32 41.61 26.24 24.53
CA ALA B 32 40.71 25.11 24.50
C ALA B 32 39.27 25.58 24.27
N MET B 33 38.90 26.71 24.87
CA MET B 33 37.57 27.25 24.64
C MET B 33 37.41 27.76 23.21
N ALA B 34 38.50 28.24 22.59
CA ALA B 34 38.43 28.68 21.20
C ALA B 34 38.16 27.50 20.28
N SER B 35 38.92 26.41 20.44
CA SER B 35 38.64 25.22 19.64
C SER B 35 37.26 24.66 19.96
N PHE B 36 36.82 24.81 21.21
CA PHE B 36 35.51 24.33 21.61
C PHE B 36 34.40 25.05 20.85
N ARG B 37 34.45 26.39 20.84
CA ARG B 37 33.45 27.15 20.08
C ARG B 37 33.56 26.90 18.59
N ARG B 38 34.78 26.66 18.07
CA ARG B 38 34.91 26.38 16.65
C ARG B 38 34.18 25.10 16.28
N GLU B 39 34.44 24.02 17.01
CA GLU B 39 33.75 22.77 16.72
C GLU B 39 32.25 22.86 17.02
N MET B 40 31.86 23.66 18.02
CA MET B 40 30.44 23.82 18.33
C MET B 40 29.70 24.48 17.17
N VAL B 41 30.24 25.58 16.66
CA VAL B 41 29.62 26.23 15.50
C VAL B 41 29.68 25.31 14.28
N ASN B 42 30.76 24.53 14.15
CA ASN B 42 30.88 23.66 12.99
C ASN B 42 29.86 22.53 13.00
N THR B 43 29.38 22.12 14.18
CA THR B 43 28.43 21.03 14.26
C THR B 43 27.07 21.45 14.78
N LEU B 44 26.76 22.74 14.83
CA LEU B 44 25.47 23.16 15.37
C LEU B 44 24.96 24.44 14.71
N GLY B 45 25.77 25.08 13.89
CA GLY B 45 25.40 26.36 13.34
C GLY B 45 25.72 27.48 14.31
N ILE B 46 25.28 28.69 13.95
CA ILE B 46 25.56 29.89 14.72
C ILE B 46 24.41 30.26 15.64
N GLU B 47 23.17 30.26 15.14
CA GLU B 47 22.05 30.64 15.99
C GLU B 47 21.87 29.67 17.15
N ARG B 48 22.06 28.38 16.88
CA ARG B 48 21.88 27.38 17.93
C ARG B 48 22.95 27.53 18.99
N ALA B 49 24.22 27.63 18.58
CA ALA B 49 25.29 27.82 19.55
C ALA B 49 25.13 29.13 20.30
N LYS B 50 24.58 30.16 19.65
CA LYS B 50 24.34 31.42 20.30
C LYS B 50 23.33 31.26 21.43
N GLY B 51 22.24 30.55 21.17
CA GLY B 51 21.26 30.31 22.22
C GLY B 51 21.81 29.45 23.33
N PHE B 52 22.62 28.44 22.96
CA PHE B 52 23.22 27.55 23.96
C PHE B 52 24.11 28.33 24.90
N PHE B 53 25.06 29.08 24.36
CA PHE B 53 25.96 29.86 25.19
C PHE B 53 25.23 30.94 25.95
N LEU B 54 24.14 31.47 25.40
CA LEU B 54 23.38 32.49 26.13
C LEU B 54 22.75 31.92 27.38
N ARG B 55 22.06 30.77 27.27
CA ARG B 55 21.48 30.19 28.48
C ARG B 55 22.55 29.64 29.43
N GLN B 56 23.69 29.17 28.91
CA GLN B 56 24.74 28.71 29.80
C GLN B 56 25.35 29.87 30.59
N GLY B 57 25.53 31.02 29.94
CA GLY B 57 25.93 32.21 30.66
C GLY B 57 24.87 32.66 31.64
N TYR B 58 23.61 32.46 31.30
CA TYR B 58 22.52 32.80 32.23
C TYR B 58 22.58 31.93 33.48
N GLN B 59 22.85 30.63 33.32
CA GLN B 59 22.95 29.76 34.48
C GLN B 59 24.18 30.12 35.31
N SER B 60 25.31 30.39 34.66
CA SER B 60 26.49 30.80 35.39
C SER B 60 26.27 32.12 36.12
N GLY B 61 25.49 33.03 35.53
CA GLY B 61 25.22 34.30 36.16
C GLY B 61 24.30 34.16 37.36
N LEU B 62 23.30 33.27 37.27
CA LEU B 62 22.45 33.03 38.43
C LEU B 62 23.24 32.41 39.58
N LYS B 63 24.15 31.48 39.25
CA LYS B 63 24.98 30.87 40.28
C LYS B 63 25.90 31.91 40.91
N ASP B 64 26.50 32.78 40.09
CA ASP B 64 27.37 33.81 40.63
C ASP B 64 26.60 34.86 41.41
N ALA B 65 25.33 35.10 41.06
CA ALA B 65 24.52 36.02 41.85
C ALA B 65 24.23 35.45 43.23
N GLU B 66 23.91 34.16 43.30
CA GLU B 66 23.73 33.54 44.60
C GLU B 66 25.03 33.57 45.40
N LEU B 67 26.16 33.38 44.72
CA LEU B 67 27.45 33.41 45.40
C LEU B 67 27.76 34.80 45.94
N ALA B 68 27.53 35.84 45.13
CA ALA B 68 27.80 37.20 45.57
C ALA B 68 26.88 37.60 46.71
N ARG B 69 25.64 37.12 46.70
CA ARG B 69 24.76 37.38 47.84
C ARG B 69 25.27 36.66 49.08
N LYS B 70 25.88 35.48 48.92
CA LYS B 70 26.45 34.77 50.06
C LYS B 70 27.75 35.42 50.55
N LEU B 71 28.43 36.20 49.71
CA LEU B 71 29.74 36.76 50.10
C LEU B 71 29.58 37.92 51.07
N ARG B 72 28.75 38.90 50.73
CA ARG B 72 28.54 40.10 51.54
C ARG B 72 27.04 40.26 51.79
N PRO B 73 26.53 39.63 52.85
CA PRO B 73 25.08 39.72 53.11
C PRO B 73 24.58 41.13 53.25
N ASN B 74 25.41 42.05 53.75
CA ASN B 74 25.00 43.43 54.00
C ASN B 74 25.62 44.39 52.97
N ALA B 75 25.86 43.89 51.76
CA ALA B 75 26.39 44.73 50.70
C ALA B 75 25.37 45.80 50.33
N SER B 76 25.86 46.99 49.98
CA SER B 76 24.98 48.09 49.65
C SER B 76 24.22 47.80 48.36
N GLU B 77 23.17 48.58 48.14
CA GLU B 77 22.35 48.39 46.94
C GLU B 77 23.17 48.61 45.67
N TYR B 78 24.18 49.46 45.74
CA TYR B 78 25.04 49.70 44.58
C TYR B 78 26.16 48.67 44.47
N ASP B 79 26.88 48.45 45.57
CA ASP B 79 28.00 47.52 45.54
C ASP B 79 27.56 46.08 45.29
N MET B 80 26.36 45.70 45.73
CA MET B 80 25.92 44.33 45.46
C MET B 80 25.68 44.11 43.97
N PHE B 81 25.10 45.09 43.29
CA PHE B 81 24.97 44.96 41.84
C PHE B 81 26.32 45.04 41.16
N LEU B 82 27.23 45.87 41.69
CA LEU B 82 28.56 45.99 41.08
C LEU B 82 29.41 44.76 41.32
N ALA B 83 29.01 43.89 42.26
CA ALA B 83 29.77 42.68 42.49
C ALA B 83 29.81 41.80 41.25
N GLY B 84 28.80 41.90 40.39
CA GLY B 84 28.77 41.16 39.15
C GLY B 84 29.89 41.50 38.20
N PRO B 85 29.92 42.76 37.71
CA PRO B 85 31.01 43.15 36.80
C PRO B 85 32.41 43.00 37.38
N GLN B 86 32.59 43.25 38.68
CA GLN B 86 33.90 42.99 39.27
C GLN B 86 34.18 41.49 39.33
N LEU B 87 33.15 40.66 39.48
CA LEU B 87 33.37 39.21 39.35
C LEU B 87 33.77 38.85 37.92
N HIS B 88 33.24 39.58 36.93
CA HIS B 88 33.66 39.36 35.55
C HIS B 88 35.14 39.67 35.38
N SER B 89 35.56 40.82 35.93
CA SER B 89 36.97 41.20 35.85
C SER B 89 37.88 40.28 36.65
N LEU B 90 37.36 39.72 37.76
CA LEU B 90 38.18 38.87 38.61
C LEU B 90 38.43 37.50 37.97
N LYS B 91 37.43 36.97 37.26
CA LYS B 91 37.54 35.66 36.64
C LYS B 91 38.24 35.70 35.29
N GLY B 92 38.63 36.88 34.82
CA GLY B 92 39.34 37.01 33.56
C GLY B 92 38.49 37.03 32.32
N LEU B 93 37.16 37.15 32.45
CA LEU B 93 36.30 37.18 31.27
C LEU B 93 36.46 38.51 30.51
N VAL B 94 36.12 39.62 31.17
CA VAL B 94 36.11 40.94 30.54
C VAL B 94 36.47 41.98 31.58
N LYS B 95 36.95 43.13 31.12
CA LYS B 95 37.14 44.31 31.96
C LYS B 95 35.92 45.20 31.81
N VAL B 96 35.36 45.64 32.94
CA VAL B 96 34.09 46.37 32.94
C VAL B 96 34.36 47.86 33.13
N ARG B 97 33.69 48.69 32.32
CA ARG B 97 33.72 50.15 32.45
C ARG B 97 32.30 50.67 32.42
N PRO B 98 31.61 50.71 33.57
CA PRO B 98 30.22 51.19 33.59
C PRO B 98 30.11 52.69 33.36
N THR B 99 29.66 53.11 32.18
CA THR B 99 29.54 54.53 31.88
C THR B 99 28.28 55.16 32.50
N GLU B 100 27.31 54.34 32.92
CA GLU B 100 26.10 54.87 33.53
C GLU B 100 25.42 53.75 34.30
N VAL B 101 24.88 54.09 35.48
CA VAL B 101 24.16 53.14 36.32
C VAL B 101 23.02 53.88 37.01
N ASP B 102 21.88 53.20 37.15
CA ASP B 102 20.72 53.74 37.83
C ASP B 102 19.89 52.58 38.32
N ILE B 103 19.76 52.43 39.64
CA ILE B 103 19.11 51.27 40.24
C ILE B 103 18.22 51.71 41.39
N ASP B 104 17.05 51.07 41.50
CA ASP B 104 16.13 51.27 42.62
C ASP B 104 15.40 49.95 42.80
N LYS B 105 15.78 49.19 43.82
CA LYS B 105 15.27 47.84 44.01
C LYS B 105 13.77 47.82 44.27
N GLU B 106 13.24 48.84 44.96
CA GLU B 106 11.83 48.83 45.33
C GLU B 106 10.92 49.16 44.14
N SER B 107 11.24 50.22 43.39
CA SER B 107 10.39 50.63 42.29
C SER B 107 10.56 49.77 41.05
N GLY B 108 11.63 48.99 40.97
CA GLY B 108 11.88 48.17 39.80
C GLY B 108 12.56 48.88 38.65
N ARG B 109 12.87 50.18 38.82
CA ARG B 109 13.53 50.93 37.76
C ARG B 109 14.98 50.47 37.62
N PHE B 110 15.47 50.43 36.39
CA PHE B 110 16.83 49.97 36.13
C PHE B 110 17.29 50.51 34.79
N TYR B 111 18.56 50.90 34.72
CA TYR B 111 19.18 51.29 33.45
C TYR B 111 20.68 51.27 33.64
N ALA B 112 21.39 50.82 32.60
CA ALA B 112 22.85 50.85 32.66
C ALA B 112 23.41 50.75 31.25
N GLU B 113 24.61 51.30 31.07
CA GLU B 113 25.37 51.12 29.85
C GLU B 113 26.83 51.00 30.23
N MET B 114 27.49 49.96 29.70
CA MET B 114 28.84 49.61 30.13
C MET B 114 29.68 49.20 28.92
N GLU B 115 30.99 49.25 29.12
CA GLU B 115 31.95 48.84 28.12
C GLU B 115 32.67 47.56 28.56
N TRP B 116 32.81 46.63 27.62
CA TRP B 116 33.49 45.35 27.81
C TRP B 116 34.84 45.42 27.10
N ILE B 117 35.91 45.57 27.87
CA ILE B 117 37.26 45.67 27.33
C ILE B 117 37.94 44.31 27.38
N ASP B 118 38.70 44.00 26.34
CA ASP B 118 39.49 42.77 26.26
C ASP B 118 38.64 41.53 26.50
N SER B 119 37.47 41.49 25.85
CA SER B 119 36.61 40.33 25.99
C SER B 119 37.26 39.09 25.41
N PHE B 120 37.15 37.97 26.14
CA PHE B 120 37.74 36.73 25.66
C PHE B 120 37.00 36.19 24.43
N GLU B 121 35.71 36.51 24.29
CA GLU B 121 34.97 36.00 23.14
C GLU B 121 35.46 36.62 21.83
N VAL B 122 35.76 37.92 21.83
CA VAL B 122 36.33 38.52 20.62
C VAL B 122 37.74 37.99 20.41
N GLU B 123 38.44 37.63 21.48
CA GLU B 123 39.79 37.10 21.35
C GLU B 123 39.78 35.73 20.67
N ILE B 124 38.84 34.86 21.06
CA ILE B 124 38.72 33.59 20.36
C ILE B 124 38.14 33.80 18.96
N SER B 125 37.35 34.87 18.78
CA SER B 125 36.82 35.17 17.45
C SER B 125 37.93 35.57 16.48
N GLN B 126 39.02 36.14 17.00
CA GLN B 126 40.16 36.44 16.15
C GLN B 126 40.79 35.16 15.60
N THR B 127 40.67 34.05 16.34
CA THR B 127 41.17 32.77 15.84
C THR B 127 40.18 32.09 14.91
N ASP B 128 38.89 32.17 15.24
CA ASP B 128 37.81 31.59 14.44
C ASP B 128 36.99 32.75 13.88
N LEU B 129 37.28 33.13 12.64
CA LEU B 129 36.65 34.28 12.02
C LEU B 129 35.93 33.88 10.74
N GLY B 130 35.05 34.77 10.29
CA GLY B 130 34.24 34.56 9.10
C GLY B 130 33.30 35.73 8.89
N GLN B 131 32.00 35.50 9.08
CA GLN B 131 31.04 36.60 9.01
C GLN B 131 31.12 37.46 10.27
N MET B 132 30.64 36.91 11.39
CA MET B 132 30.62 37.55 12.71
C MET B 132 30.21 39.01 12.64
N GLN B 133 29.23 39.31 11.79
CA GLN B 133 28.68 40.66 11.67
C GLN B 133 27.60 40.95 12.71
N ASP B 134 27.35 40.00 13.61
CA ASP B 134 26.43 40.11 14.73
C ASP B 134 27.25 39.99 16.01
N PRO B 135 26.77 40.55 17.13
CA PRO B 135 27.60 40.57 18.34
C PRO B 135 27.96 39.17 18.79
N VAL B 136 29.21 39.02 19.26
CA VAL B 136 29.74 37.71 19.59
C VAL B 136 29.77 37.43 21.09
N CYS B 137 29.76 38.45 21.95
CA CYS B 137 29.86 38.26 23.39
C CYS B 137 28.52 37.72 23.91
N TRP B 138 28.36 36.40 23.75
CA TRP B 138 27.10 35.75 24.11
C TRP B 138 27.05 35.39 25.59
N THR B 139 28.06 34.64 26.07
CA THR B 139 28.04 34.26 27.48
C THR B 139 28.11 35.47 28.40
N LEU B 140 28.82 36.53 27.97
CA LEU B 140 28.84 37.75 28.76
C LEU B 140 27.45 38.37 28.85
N LEU B 141 26.73 38.40 27.72
CA LEU B 141 25.41 38.99 27.70
C LEU B 141 24.43 38.19 28.56
N GLY B 142 24.53 36.86 28.50
CA GLY B 142 23.66 36.03 29.31
C GLY B 142 23.96 36.15 30.79
N TYR B 143 25.25 36.23 31.15
CA TYR B 143 25.63 36.42 32.54
C TYR B 143 25.14 37.77 33.04
N ALA B 144 25.24 38.81 32.21
CA ALA B 144 24.76 40.12 32.63
C ALA B 144 23.25 40.13 32.84
N CYS B 145 22.51 39.54 31.90
CA CYS B 145 21.06 39.50 32.03
C CYS B 145 20.64 38.71 33.26
N ALA B 146 21.31 37.57 33.50
CA ALA B 146 20.94 36.74 34.65
C ALA B 146 21.25 37.46 35.96
N TYR B 147 22.42 38.10 36.05
CA TYR B 147 22.77 38.78 37.29
C TYR B 147 21.83 39.95 37.56
N SER B 148 21.53 40.74 36.53
CA SER B 148 20.63 41.87 36.74
C SER B 148 19.22 41.42 37.09
N SER B 149 18.75 40.32 36.48
CA SER B 149 17.42 39.83 36.80
C SER B 149 17.35 39.26 38.20
N ALA B 150 18.37 38.49 38.61
CA ALA B 150 18.39 37.94 39.96
C ALA B 150 18.53 39.04 41.00
N PHE B 151 19.24 40.13 40.67
CA PHE B 151 19.42 41.20 41.64
C PHE B 151 18.17 42.06 41.77
N MET B 152 17.49 42.33 40.65
CA MET B 152 16.31 43.18 40.67
C MET B 152 15.03 42.41 40.99
N GLY B 153 14.92 41.17 40.52
CA GLY B 153 13.69 40.42 40.61
C GLY B 153 12.78 40.57 39.41
N ARG B 154 13.00 41.59 38.60
CA ARG B 154 12.30 41.81 37.35
C ARG B 154 13.13 41.22 36.21
N GLU B 155 12.48 41.04 35.06
CA GLU B 155 13.20 40.62 33.87
C GLU B 155 14.01 41.80 33.34
N ILE B 156 15.33 41.67 33.32
CA ILE B 156 16.24 42.68 32.81
C ILE B 156 16.94 42.08 31.60
N ILE B 157 17.04 42.85 30.52
CA ILE B 157 17.62 42.37 29.27
C ILE B 157 18.72 43.32 28.83
N PHE B 158 19.90 42.77 28.59
CA PHE B 158 21.02 43.51 28.03
C PHE B 158 21.10 43.21 26.53
N LYS B 159 21.76 44.11 25.81
CA LYS B 159 21.99 43.89 24.39
C LYS B 159 23.31 44.54 24.00
N GLU B 160 24.16 43.80 23.31
CA GLU B 160 25.47 44.31 22.90
C GLU B 160 25.27 45.22 21.70
N VAL B 161 25.14 46.52 21.97
CA VAL B 161 24.93 47.49 20.91
C VAL B 161 26.15 47.58 20.00
N SER B 162 27.34 47.27 20.52
CA SER B 162 28.53 47.27 19.69
C SER B 162 29.48 46.19 20.18
N CYS B 163 30.20 45.59 19.24
CA CYS B 163 31.12 44.51 19.54
C CYS B 163 32.34 44.60 18.63
N ARG B 164 33.51 44.24 19.19
CA ARG B 164 34.74 44.26 18.41
C ARG B 164 34.77 43.18 17.35
N GLY B 165 33.98 42.12 17.49
CA GLY B 165 33.95 41.09 16.48
C GLY B 165 33.21 41.49 15.22
N CYS B 166 32.38 42.52 15.31
CA CYS B 166 31.64 43.04 14.17
C CYS B 166 32.44 44.10 13.41
N GLY B 167 33.69 44.31 13.77
CA GLY B 167 34.50 45.38 13.21
C GLY B 167 34.41 46.68 13.96
N GLY B 168 33.66 46.75 15.05
CA GLY B 168 33.56 47.97 15.82
C GLY B 168 34.80 48.24 16.65
N ASP B 169 34.91 49.50 17.09
CA ASP B 169 36.08 49.93 17.85
C ASP B 169 36.01 49.46 19.30
N LYS B 170 34.82 49.43 19.90
CA LYS B 170 34.68 49.12 21.31
C LYS B 170 33.43 48.29 21.52
N CYS B 171 33.50 47.37 22.49
CA CYS B 171 32.36 46.57 22.90
C CYS B 171 31.53 47.34 23.91
N ARG B 172 30.30 47.68 23.54
CA ARG B 172 29.40 48.44 24.39
C ARG B 172 28.07 47.72 24.50
N VAL B 173 27.55 47.65 25.74
CA VAL B 173 26.31 46.94 26.05
C VAL B 173 25.42 47.85 26.89
N ILE B 174 24.11 47.64 26.78
CA ILE B 174 23.11 48.41 27.51
C ILE B 174 22.12 47.45 28.15
N GLY B 175 21.76 47.71 29.40
CA GLY B 175 20.82 46.89 30.15
C GLY B 175 19.62 47.68 30.62
N LYS B 176 18.44 47.22 30.24
CA LYS B 176 17.14 47.83 30.51
C LYS B 176 16.15 46.74 30.90
N PRO B 177 15.11 47.08 31.67
CA PRO B 177 14.07 46.09 31.96
C PRO B 177 13.35 45.63 30.69
N ALA B 178 12.94 44.35 30.70
CA ALA B 178 12.41 43.72 29.50
C ALA B 178 11.14 44.40 28.98
N GLU B 179 10.32 44.97 29.87
CA GLU B 179 9.08 45.60 29.42
C GLU B 179 9.32 46.85 28.56
N GLU B 180 10.48 47.49 28.71
CA GLU B 180 10.78 48.74 28.01
C GLU B 180 11.47 48.52 26.67
N TRP B 181 11.54 47.29 26.19
CA TRP B 181 12.15 46.95 24.91
C TRP B 181 11.09 46.79 23.83
N ASP B 182 11.55 46.82 22.58
CA ASP B 182 10.67 46.68 21.42
C ASP B 182 10.49 45.22 21.01
N ASP B 183 11.60 44.51 20.76
CA ASP B 183 11.55 43.12 20.33
C ASP B 183 12.29 42.26 21.35
N VAL B 184 11.53 41.58 22.20
CA VAL B 184 12.11 40.65 23.17
C VAL B 184 11.88 39.20 22.77
N ALA B 185 11.04 38.93 21.77
CA ALA B 185 10.72 37.55 21.41
C ALA B 185 11.92 36.79 20.89
N SER B 186 12.84 37.46 20.18
CA SER B 186 14.01 36.76 19.66
C SER B 186 14.92 36.27 20.79
N PHE B 187 15.15 37.12 21.80
CA PHE B 187 16.00 36.70 22.91
C PHE B 187 15.33 35.59 23.72
N LYS B 188 14.02 35.70 23.94
CA LYS B 188 13.33 34.65 24.69
C LYS B 188 13.30 33.33 23.92
N GLN B 189 13.24 33.40 22.59
CA GLN B 189 13.37 32.19 21.79
C GLN B 189 14.79 31.63 21.84
N TYR B 190 15.78 32.51 22.05
CA TYR B 190 17.15 32.06 22.25
C TYR B 190 17.31 31.28 23.55
N PHE B 191 16.43 31.52 24.54
CA PHE B 191 16.53 30.90 25.85
C PHE B 191 15.96 29.48 25.92
N LYS B 192 15.30 29.01 24.86
CA LYS B 192 14.66 27.70 24.92
C LYS B 192 15.71 26.59 24.89
N ASN B 193 15.35 25.46 25.51
CA ASN B 193 16.30 24.36 25.69
C ASN B 193 16.74 23.74 24.37
N ASP B 194 15.83 23.64 23.40
CA ASP B 194 16.06 23.04 22.10
C ASP B 194 16.88 21.75 22.18
N PRO B 195 16.33 20.65 22.71
CA PRO B 195 17.09 19.39 22.74
C PRO B 195 17.14 18.74 21.36
N ILE B 196 18.22 18.96 20.61
CA ILE B 196 18.30 18.43 19.25
C ILE B 196 18.36 16.91 19.25
N ILE B 197 18.93 16.30 20.29
CA ILE B 197 19.02 14.85 20.32
C ILE B 197 17.64 14.22 20.39
N GLU B 198 16.71 14.86 21.11
CA GLU B 198 15.35 14.32 21.20
C GLU B 198 14.62 14.44 19.86
N GLU B 199 14.84 15.53 19.13
CA GLU B 199 14.27 15.64 17.80
C GLU B 199 14.86 14.60 16.87
N LEU B 200 16.15 14.30 17.03
CA LEU B 200 16.77 13.27 16.20
C LEU B 200 16.19 11.90 16.52
N TYR B 201 15.95 11.63 17.80
CA TYR B 201 15.34 10.36 18.19
C TYR B 201 13.91 10.26 17.64
N GLU B 202 13.15 11.35 17.72
CA GLU B 202 11.78 11.30 17.21
C GLU B 202 11.75 11.09 15.71
N LEU B 203 12.62 11.79 14.97
CA LEU B 203 12.64 11.63 13.53
C LEU B 203 13.11 10.24 13.14
N GLN B 204 14.11 9.69 13.84
CA GLN B 204 14.57 8.34 13.53
C GLN B 204 13.51 7.31 13.83
N SER B 205 12.76 7.49 14.93
CA SER B 205 11.71 6.54 15.27
C SER B 205 10.59 6.57 14.24
N GLN B 206 10.15 7.78 13.86
CA GLN B 206 9.09 7.88 12.88
C GLN B 206 9.54 7.35 11.52
N LEU B 207 10.80 7.60 11.15
CA LEU B 207 11.31 7.12 9.87
C LEU B 207 11.44 5.60 9.85
N VAL B 208 11.87 5.01 10.96
CA VAL B 208 11.99 3.55 11.01
C VAL B 208 10.61 2.91 10.95
N SER B 209 9.64 3.47 11.67
CA SER B 209 8.29 2.91 11.61
C SER B 209 7.68 3.10 10.22
N LEU B 210 7.97 4.23 9.56
CA LEU B 210 7.43 4.47 8.24
C LEU B 210 8.08 3.58 7.19
N ARG B 211 9.34 3.20 7.38
CA ARG B 211 9.96 2.28 6.44
C ARG B 211 9.59 0.83 6.71
N THR B 212 9.28 0.48 7.96
CA THR B 212 8.89 -0.89 8.24
C THR B 212 7.41 -1.18 8.01
N ASN B 213 6.55 -0.15 8.01
CA ASN B 213 5.14 -0.43 7.72
C ASN B 213 4.92 -0.79 6.26
N LEU B 214 5.76 -0.28 5.36
CA LEU B 214 5.67 -0.68 3.96
C LEU B 214 6.05 -2.15 3.76
N ASP B 215 6.94 -2.67 4.60
CA ASP B 215 7.17 -4.10 4.66
C ASP B 215 6.01 -4.72 5.43
N LYS B 216 5.37 -5.71 4.83
CA LYS B 216 3.99 -6.04 5.17
C LYS B 216 3.87 -6.63 6.58
N GLN B 217 2.70 -6.41 7.18
CA GLN B 217 2.42 -6.83 8.54
C GLN B 217 2.34 -8.34 8.65
N GLU B 218 2.62 -8.86 9.85
CA GLU B 218 2.60 -10.28 10.15
C GLU B 218 1.42 -10.70 11.00
N GLY B 219 1.16 -10.01 12.10
CA GLY B 219 0.07 -10.35 13.01
C GLY B 219 0.24 -9.61 14.31
N GLN B 220 -0.82 -9.63 15.12
CA GLN B 220 -0.80 -8.84 16.34
C GLN B 220 -1.78 -9.36 17.39
N TYR B 221 -2.86 -10.01 16.96
CA TYR B 221 -3.96 -10.29 17.87
C TYR B 221 -3.54 -11.20 19.02
N TYR B 222 -2.62 -12.12 18.77
CA TYR B 222 -2.11 -13.00 19.81
C TYR B 222 -0.96 -12.34 20.56
N GLY B 223 -0.65 -12.88 21.73
CA GLY B 223 0.41 -12.35 22.57
C GLY B 223 -0.01 -11.40 23.66
N ILE B 224 -1.30 -11.27 23.92
CA ILE B 224 -1.82 -10.41 24.98
C ILE B 224 -2.30 -11.33 26.12
N GLY B 225 -1.61 -11.30 27.25
CA GLY B 225 -1.83 -12.30 28.30
C GLY B 225 -2.60 -11.78 29.48
N GLN B 226 -2.15 -12.19 30.68
CA GLN B 226 -2.62 -11.76 32.00
C GLN B 226 -4.13 -11.96 32.19
N THR B 227 -4.74 -12.84 31.41
CA THR B 227 -6.14 -13.20 31.65
C THR B 227 -6.31 -14.70 31.54
N PRO B 228 -7.17 -15.30 32.37
CA PRO B 228 -7.35 -16.76 32.30
C PRO B 228 -7.83 -17.28 30.95
N ALA B 229 -8.67 -16.53 30.26
CA ALA B 229 -9.21 -17.03 28.99
C ALA B 229 -8.13 -17.15 27.93
N TYR B 230 -7.30 -16.11 27.80
CA TYR B 230 -6.22 -16.18 26.82
C TYR B 230 -5.19 -17.23 27.21
N GLN B 231 -4.93 -17.42 28.50
CA GLN B 231 -3.95 -18.43 28.88
C GLN B 231 -4.46 -19.84 28.57
N THR B 232 -5.76 -20.08 28.76
CA THR B 232 -6.32 -21.37 28.38
C THR B 232 -6.28 -21.55 26.87
N VAL B 233 -6.62 -20.51 26.11
CA VAL B 233 -6.62 -20.65 24.66
C VAL B 233 -5.21 -20.86 24.14
N ARG B 234 -4.22 -20.20 24.74
CA ARG B 234 -2.86 -20.33 24.25
C ARG B 234 -2.27 -21.69 24.61
N ASN B 235 -2.53 -22.20 25.83
CA ASN B 235 -2.03 -23.54 26.11
C ASN B 235 -2.76 -24.59 25.28
N MET B 236 -4.03 -24.33 24.92
CA MET B 236 -4.74 -25.25 24.04
C MET B 236 -4.14 -25.25 22.63
N MET B 237 -3.85 -24.07 22.09
CA MET B 237 -3.21 -24.02 20.78
C MET B 237 -1.79 -24.56 20.83
N ASP B 238 -1.11 -24.44 21.97
CA ASP B 238 0.22 -25.02 22.11
C ASP B 238 0.15 -26.54 22.08
N LYS B 239 -0.81 -27.13 22.78
CA LYS B 239 -0.97 -28.57 22.76
C LYS B 239 -1.41 -29.06 21.38
N ALA B 240 -2.29 -28.31 20.72
CA ALA B 240 -2.76 -28.71 19.40
C ALA B 240 -1.68 -28.54 18.33
N ALA B 241 -0.73 -27.63 18.53
CA ALA B 241 0.25 -27.33 17.50
C ALA B 241 1.18 -28.51 17.23
N GLN B 242 1.59 -29.23 18.27
CA GLN B 242 2.53 -30.32 18.06
C GLN B 242 1.91 -31.47 17.28
N GLY B 243 0.60 -31.67 17.38
CA GLY B 243 -0.06 -32.76 16.69
C GLY B 243 -0.46 -32.41 15.26
N LYS B 244 -0.88 -33.45 14.53
CA LYS B 244 -1.39 -33.31 13.18
C LYS B 244 -2.92 -33.33 13.12
N VAL B 245 -3.59 -33.36 14.28
CA VAL B 245 -5.03 -33.47 14.29
C VAL B 245 -5.64 -32.22 13.66
N SER B 246 -6.71 -32.42 12.88
CA SER B 246 -7.46 -31.31 12.36
C SER B 246 -8.16 -30.56 13.49
N VAL B 247 -8.13 -29.23 13.42
CA VAL B 247 -8.61 -28.40 14.51
C VAL B 247 -9.81 -27.59 14.06
N LEU B 248 -10.83 -27.51 14.91
CA LEU B 248 -12.02 -26.70 14.67
C LEU B 248 -12.00 -25.51 15.61
N LEU B 249 -12.01 -24.31 15.03
CA LEU B 249 -12.01 -23.05 15.77
C LEU B 249 -13.46 -22.59 15.88
N LEU B 250 -14.05 -22.81 17.05
CA LEU B 250 -15.36 -22.31 17.38
C LEU B 250 -15.19 -20.98 18.10
N GLY B 251 -15.90 -19.96 17.63
CA GLY B 251 -15.77 -18.65 18.21
C GLY B 251 -16.83 -17.68 17.76
N GLU B 252 -16.47 -16.41 17.65
CA GLU B 252 -17.39 -15.36 17.26
C GLU B 252 -16.78 -14.56 16.12
N THR B 253 -17.65 -13.90 15.35
CA THR B 253 -17.17 -13.11 14.23
C THR B 253 -16.25 -12.00 14.74
N GLY B 254 -15.16 -11.77 14.01
CA GLY B 254 -14.28 -10.71 14.42
C GLY B 254 -13.40 -11.04 15.60
N VAL B 255 -13.22 -12.31 15.96
CA VAL B 255 -12.30 -12.63 17.05
C VAL B 255 -10.87 -12.84 16.57
N GLY B 256 -10.63 -12.77 15.26
CA GLY B 256 -9.29 -12.97 14.73
C GLY B 256 -8.86 -14.42 14.66
N LYS B 257 -9.72 -15.28 14.12
CA LYS B 257 -9.40 -16.70 14.03
C LYS B 257 -8.24 -16.95 13.07
N GLU B 258 -8.07 -16.10 12.05
CA GLU B 258 -7.05 -16.36 11.04
C GLU B 258 -5.64 -16.21 11.61
N VAL B 259 -5.39 -15.16 12.40
CA VAL B 259 -4.09 -15.03 13.03
C VAL B 259 -3.87 -16.13 14.05
N ILE B 260 -4.93 -16.63 14.68
CA ILE B 260 -4.78 -17.74 15.60
C ILE B 260 -4.33 -18.99 14.85
N ALA B 261 -4.91 -19.24 13.68
CA ALA B 261 -4.48 -20.39 12.88
C ALA B 261 -3.06 -20.20 12.39
N ARG B 262 -2.67 -18.96 12.06
CA ARG B 262 -1.30 -18.72 11.60
C ARG B 262 -0.30 -18.94 12.73
N SER B 263 -0.63 -18.52 13.96
CA SER B 263 0.25 -18.78 15.09
C SER B 263 0.33 -20.27 15.40
N VAL B 264 -0.79 -20.98 15.26
CA VAL B 264 -0.75 -22.43 15.45
C VAL B 264 0.11 -23.09 14.40
N HIS B 265 0.10 -22.57 13.17
CA HIS B 265 0.95 -23.14 12.12
C HIS B 265 2.42 -22.86 12.41
N LEU B 266 2.74 -21.65 12.86
CA LEU B 266 4.13 -21.34 13.19
C LEU B 266 4.62 -22.13 14.38
N ARG B 267 3.72 -22.47 15.32
CA ARG B 267 4.08 -23.27 16.47
C ARG B 267 4.13 -24.76 16.15
N SER B 268 3.65 -25.17 14.99
CA SER B 268 3.66 -26.56 14.58
C SER B 268 5.01 -26.94 13.99
N LYS B 269 5.15 -28.23 13.68
CA LYS B 269 6.40 -28.76 13.13
C LYS B 269 6.57 -28.42 11.65
N ARG B 270 5.57 -27.86 10.99
CA ARG B 270 5.64 -27.50 9.57
C ARG B 270 5.69 -25.98 9.38
N ALA B 271 6.36 -25.27 10.30
CA ALA B 271 6.37 -23.81 10.23
C ALA B 271 7.05 -23.30 8.97
N ALA B 272 8.07 -24.00 8.47
CA ALA B 272 8.74 -23.56 7.25
C ALA B 272 7.92 -23.82 6.01
N GLU B 273 6.93 -24.71 6.10
CA GLU B 273 6.08 -25.07 4.98
C GLU B 273 5.01 -24.02 4.73
N PRO B 274 4.49 -23.94 3.50
CA PRO B 274 3.51 -22.89 3.16
C PRO B 274 2.23 -23.00 3.98
N PHE B 275 1.64 -21.84 4.26
CA PHE B 275 0.39 -21.71 5.00
C PHE B 275 -0.63 -20.98 4.12
N VAL B 276 -1.76 -21.62 3.85
CA VAL B 276 -2.79 -21.06 2.98
C VAL B 276 -4.09 -20.94 3.75
N ALA B 277 -4.63 -19.72 3.81
CA ALA B 277 -5.92 -19.46 4.43
C ALA B 277 -6.97 -19.17 3.36
N VAL B 278 -8.19 -19.65 3.58
CA VAL B 278 -9.30 -19.45 2.64
C VAL B 278 -10.56 -19.16 3.44
N ASN B 279 -11.18 -18.01 3.17
CA ASN B 279 -12.48 -17.67 3.74
C ASN B 279 -13.55 -18.13 2.74
N CYS B 280 -14.31 -19.14 3.13
CA CYS B 280 -15.30 -19.71 2.21
C CYS B 280 -16.43 -18.73 1.92
N ALA B 281 -16.75 -17.83 2.84
CA ALA B 281 -17.83 -16.89 2.60
C ALA B 281 -17.49 -15.91 1.48
N ALA B 282 -16.21 -15.57 1.31
CA ALA B 282 -15.83 -14.60 0.28
C ALA B 282 -16.02 -15.15 -1.13
N ILE B 283 -15.81 -16.44 -1.32
CA ILE B 283 -15.86 -17.07 -2.63
C ILE B 283 -17.23 -17.73 -2.81
N PRO B 284 -17.94 -17.45 -3.90
CA PRO B 284 -19.22 -18.14 -4.13
C PRO B 284 -18.99 -19.62 -4.28
N PRO B 285 -19.94 -20.45 -3.82
CA PRO B 285 -19.70 -21.90 -3.77
C PRO B 285 -19.37 -22.50 -5.13
N ASP B 286 -19.98 -21.96 -6.19
CA ASP B 286 -19.70 -22.42 -7.54
C ASP B 286 -18.24 -22.24 -7.89
N LEU B 287 -17.61 -21.20 -7.34
CA LEU B 287 -16.16 -21.04 -7.43
C LEU B 287 -15.43 -21.72 -6.28
N ILE B 288 -16.09 -21.97 -5.15
CA ILE B 288 -15.43 -22.61 -4.02
C ILE B 288 -14.95 -24.00 -4.40
N GLU B 289 -15.81 -24.76 -5.09
CA GLU B 289 -15.43 -26.14 -5.40
C GLU B 289 -14.20 -26.17 -6.30
N SER B 290 -14.20 -25.39 -7.38
CA SER B 290 -13.06 -25.37 -8.29
C SER B 290 -11.83 -24.74 -7.66
N GLU B 291 -11.99 -23.81 -6.72
CA GLU B 291 -10.83 -23.14 -6.14
C GLU B 291 -10.13 -23.99 -5.09
N LEU B 292 -10.88 -24.69 -4.24
CA LEU B 292 -10.25 -25.49 -3.20
C LEU B 292 -9.45 -26.67 -3.75
N PHE B 293 -9.89 -27.25 -4.87
CA PHE B 293 -9.26 -28.46 -5.39
C PHE B 293 -8.73 -28.33 -6.82
N GLY B 294 -8.85 -27.17 -7.45
CA GLY B 294 -8.36 -27.00 -8.80
C GLY B 294 -9.30 -27.56 -9.84
N VAL B 295 -8.82 -27.57 -11.08
CA VAL B 295 -9.60 -28.07 -12.21
C VAL B 295 -8.63 -28.48 -13.30
N GLU B 296 -8.95 -29.60 -13.97
CA GLU B 296 -8.13 -30.14 -15.04
C GLU B 296 -8.70 -29.74 -16.40
N LYS B 297 -7.82 -29.61 -17.39
CA LYS B 297 -8.23 -29.26 -18.73
C LYS B 297 -8.95 -30.44 -19.39
N GLY B 298 -9.83 -30.11 -20.32
CA GLY B 298 -10.58 -31.11 -21.06
C GLY B 298 -11.91 -30.55 -21.51
N ALA B 299 -12.71 -31.43 -22.12
CA ALA B 299 -14.06 -31.04 -22.51
C ALA B 299 -14.94 -30.82 -21.28
N PHE B 300 -14.59 -31.43 -20.17
CA PHE B 300 -15.34 -31.33 -18.92
C PHE B 300 -14.99 -30.03 -18.20
N THR B 301 -16.02 -29.28 -17.80
CA THR B 301 -15.93 -28.05 -17.01
C THR B 301 -15.27 -26.91 -17.80
N GLY B 302 -14.91 -27.14 -19.05
CA GLY B 302 -14.23 -26.12 -19.85
C GLY B 302 -12.72 -26.16 -19.63
N ALA B 303 -12.17 -25.05 -19.12
CA ALA B 303 -10.77 -24.96 -18.74
C ALA B 303 -9.81 -25.11 -19.92
N THR B 304 -9.40 -23.99 -20.51
CA THR B 304 -8.40 -24.02 -21.57
C THR B 304 -7.06 -24.51 -21.02
N GLN B 305 -6.76 -24.19 -19.76
CA GLN B 305 -5.51 -24.56 -19.14
C GLN B 305 -5.78 -25.06 -17.73
N SER B 306 -5.06 -26.10 -17.33
CA SER B 306 -5.23 -26.68 -16.00
C SER B 306 -4.82 -25.69 -14.92
N ARG B 307 -5.56 -25.68 -13.81
CA ARG B 307 -5.30 -24.76 -12.71
C ARG B 307 -5.20 -25.53 -11.40
N MET B 308 -4.09 -25.31 -10.69
CA MET B 308 -3.85 -25.97 -9.42
C MET B 308 -4.78 -25.44 -8.33
N GLY B 309 -5.25 -26.34 -7.47
CA GLY B 309 -6.09 -25.94 -6.36
C GLY B 309 -5.29 -25.40 -5.19
N ARG B 310 -6.00 -24.77 -4.26
CA ARG B 310 -5.33 -24.21 -3.09
C ARG B 310 -4.76 -25.29 -2.19
N PHE B 311 -5.36 -26.49 -2.20
CA PHE B 311 -4.85 -27.58 -1.38
C PHE B 311 -3.47 -28.03 -1.84
N GLU B 312 -3.27 -28.18 -3.15
CA GLU B 312 -1.95 -28.54 -3.66
C GLU B 312 -0.96 -27.40 -3.46
N ARG B 313 -1.45 -26.16 -3.45
CA ARG B 313 -0.58 -25.01 -3.19
C ARG B 313 -0.04 -25.05 -1.77
N ALA B 314 -0.78 -25.65 -0.84
CA ALA B 314 -0.39 -25.77 0.56
C ALA B 314 0.17 -27.14 0.90
N ASP B 315 0.70 -27.86 -0.09
CA ASP B 315 1.26 -29.18 0.17
C ASP B 315 2.37 -29.09 1.21
N LYS B 316 2.43 -30.11 2.08
CA LYS B 316 3.34 -30.21 3.21
C LYS B 316 3.08 -29.13 4.27
N GLY B 317 2.02 -28.34 4.11
CA GLY B 317 1.77 -27.24 5.04
C GLY B 317 0.45 -27.31 5.77
N THR B 318 -0.25 -26.17 5.86
CA THR B 318 -1.51 -26.09 6.58
C THR B 318 -2.48 -25.20 5.83
N ILE B 319 -3.77 -25.58 5.89
CA ILE B 319 -4.85 -24.82 5.29
C ILE B 319 -5.84 -24.44 6.38
N PHE B 320 -6.19 -23.16 6.41
CA PHE B 320 -7.24 -22.64 7.26
C PHE B 320 -8.49 -22.44 6.41
N LEU B 321 -9.65 -22.82 6.96
CA LEU B 321 -10.92 -22.71 6.25
C LEU B 321 -11.94 -22.02 7.13
N ASP B 322 -12.11 -20.71 6.93
CA ASP B 322 -13.14 -19.99 7.66
C ASP B 322 -14.51 -20.27 7.04
N GLU B 323 -15.53 -20.29 7.89
CA GLU B 323 -16.92 -20.56 7.47
C GLU B 323 -17.02 -21.84 6.64
N VAL B 324 -16.55 -22.94 7.25
CA VAL B 324 -16.56 -24.23 6.57
C VAL B 324 -17.98 -24.72 6.29
N ILE B 325 -18.97 -24.18 7.01
CA ILE B 325 -20.36 -24.59 6.80
C ILE B 325 -20.83 -24.24 5.40
N GLU B 326 -20.27 -23.19 4.79
CA GLU B 326 -20.69 -22.75 3.46
C GLU B 326 -19.92 -23.46 2.35
N LEU B 327 -19.89 -24.79 2.38
CA LEU B 327 -19.24 -25.58 1.36
C LEU B 327 -20.29 -26.36 0.56
N SER B 328 -20.05 -26.52 -0.74
CA SER B 328 -20.93 -27.32 -1.55
C SER B 328 -20.80 -28.79 -1.15
N PRO B 329 -21.89 -29.57 -1.18
CA PRO B 329 -21.81 -30.95 -0.68
C PRO B 329 -20.77 -31.81 -1.37
N ARG B 330 -20.56 -31.61 -2.68
CA ARG B 330 -19.49 -32.35 -3.34
C ARG B 330 -18.12 -31.87 -2.85
N ALA B 331 -17.98 -30.57 -2.58
CA ALA B 331 -16.76 -30.08 -1.96
C ALA B 331 -16.61 -30.64 -0.55
N GLN B 332 -17.72 -30.84 0.17
CA GLN B 332 -17.63 -31.45 1.49
C GLN B 332 -17.16 -32.89 1.41
N ALA B 333 -17.63 -33.63 0.40
CA ALA B 333 -17.18 -35.00 0.23
C ALA B 333 -15.71 -35.05 -0.16
N SER B 334 -15.27 -34.15 -1.04
CA SER B 334 -13.86 -34.11 -1.41
C SER B 334 -12.99 -33.72 -0.21
N LEU B 335 -13.48 -32.81 0.63
CA LEU B 335 -12.73 -32.43 1.82
C LEU B 335 -12.65 -33.57 2.81
N LEU B 336 -13.72 -34.36 2.94
CA LEU B 336 -13.66 -35.52 3.82
C LEU B 336 -12.70 -36.57 3.29
N ARG B 337 -12.65 -36.74 1.96
CA ARG B 337 -11.70 -37.68 1.39
C ARG B 337 -10.27 -37.22 1.63
N VAL B 338 -10.02 -35.91 1.48
CA VAL B 338 -8.70 -35.36 1.76
C VAL B 338 -8.36 -35.51 3.23
N LEU B 339 -9.36 -35.42 4.10
CA LEU B 339 -9.12 -35.42 5.54
C LEU B 339 -8.86 -36.82 6.08
N GLN B 340 -9.55 -37.83 5.55
CA GLN B 340 -9.40 -39.18 6.08
C GLN B 340 -8.46 -40.06 5.27
N GLU B 341 -8.16 -39.72 4.02
CA GLU B 341 -7.28 -40.54 3.20
C GLU B 341 -6.13 -39.77 2.56
N GLY B 342 -6.09 -38.45 2.70
CA GLY B 342 -4.98 -37.68 2.17
C GLY B 342 -4.87 -37.65 0.65
N GLU B 343 -5.98 -37.72 -0.06
CA GLU B 343 -5.99 -37.73 -1.51
C GLU B 343 -7.03 -36.75 -2.03
N LEU B 344 -6.75 -36.18 -3.20
CA LEU B 344 -7.67 -35.23 -3.82
C LEU B 344 -7.63 -35.43 -5.33
N GLU B 345 -8.70 -34.98 -5.98
CA GLU B 345 -8.80 -35.00 -7.43
C GLU B 345 -9.21 -33.61 -7.90
N ARG B 346 -8.52 -33.10 -8.91
CA ARG B 346 -8.91 -31.84 -9.50
C ARG B 346 -10.25 -32.00 -10.19
N VAL B 347 -11.04 -30.93 -10.22
CA VAL B 347 -12.36 -31.01 -10.84
C VAL B 347 -12.19 -31.37 -12.30
N GLY B 348 -12.98 -32.34 -12.76
CA GLY B 348 -12.88 -32.83 -14.11
C GLY B 348 -11.77 -33.84 -14.34
N ASP B 349 -11.05 -34.25 -13.30
CA ASP B 349 -9.93 -35.18 -13.41
C ASP B 349 -10.27 -36.49 -12.71
N ASN B 350 -9.85 -37.61 -13.30
CA ASN B 350 -10.10 -38.92 -12.74
C ASN B 350 -8.95 -39.46 -11.89
N ARG B 351 -7.71 -39.08 -12.18
CA ARG B 351 -6.57 -39.56 -11.41
C ARG B 351 -6.48 -38.86 -10.06
N THR B 352 -5.99 -39.59 -9.07
CA THR B 352 -5.84 -39.08 -7.70
C THR B 352 -4.44 -38.52 -7.50
N ARG B 353 -4.32 -37.57 -6.55
CA ARG B 353 -3.07 -36.93 -6.23
C ARG B 353 -2.86 -36.96 -4.72
N LYS B 354 -1.69 -37.44 -4.29
CA LYS B 354 -1.37 -37.46 -2.86
C LYS B 354 -1.02 -36.06 -2.38
N ILE B 355 -1.35 -35.78 -1.12
CA ILE B 355 -1.06 -34.50 -0.48
C ILE B 355 -0.82 -34.74 1.00
N ASP B 356 -0.20 -33.77 1.64
CA ASP B 356 0.04 -33.77 3.09
C ASP B 356 -0.30 -32.37 3.59
N VAL B 357 -1.55 -32.17 4.01
CA VAL B 357 -2.06 -30.86 4.35
C VAL B 357 -2.74 -30.92 5.71
N ARG B 358 -2.26 -30.11 6.66
CA ARG B 358 -2.94 -29.94 7.93
C ARG B 358 -4.18 -29.08 7.71
N VAL B 359 -5.21 -29.31 8.53
CA VAL B 359 -6.49 -28.65 8.34
C VAL B 359 -6.95 -27.99 9.64
N ILE B 360 -7.35 -26.73 9.53
CA ILE B 360 -7.95 -25.99 10.64
C ILE B 360 -9.19 -25.30 10.08
N ALA B 361 -10.36 -25.84 10.39
CA ALA B 361 -11.60 -25.19 10.00
C ALA B 361 -12.05 -24.26 11.12
N ALA B 362 -12.99 -23.38 10.80
CA ALA B 362 -13.51 -22.46 11.80
C ALA B 362 -14.92 -22.04 11.42
N THR B 363 -15.74 -21.75 12.44
CA THR B 363 -17.09 -21.30 12.13
C THR B 363 -17.72 -20.59 13.32
N HIS B 364 -18.63 -19.66 13.01
CA HIS B 364 -19.41 -18.96 14.03
C HIS B 364 -20.80 -19.54 14.21
N GLU B 365 -21.37 -20.14 13.16
CA GLU B 365 -22.69 -20.75 13.27
C GLU B 365 -22.61 -22.06 14.04
N ASP B 366 -23.72 -22.42 14.67
CA ASP B 366 -23.80 -23.65 15.47
C ASP B 366 -23.73 -24.84 14.52
N LEU B 367 -22.53 -25.44 14.42
CA LEU B 367 -22.31 -26.52 13.48
C LEU B 367 -23.08 -27.78 13.83
N ALA B 368 -23.41 -27.98 15.11
CA ALA B 368 -24.06 -29.22 15.52
C ALA B 368 -25.43 -29.39 14.87
N GLU B 369 -26.28 -28.37 14.98
CA GLU B 369 -27.61 -28.43 14.38
C GLU B 369 -27.62 -28.12 12.89
N ALA B 370 -26.55 -27.56 12.34
CA ALA B 370 -26.50 -27.31 10.90
C ALA B 370 -26.54 -28.62 10.12
N VAL B 371 -25.95 -29.68 10.65
CA VAL B 371 -26.04 -30.99 10.02
C VAL B 371 -27.49 -31.51 10.06
N LYS B 372 -28.24 -31.15 11.11
CA LYS B 372 -29.59 -31.65 11.26
C LYS B 372 -30.52 -31.12 10.16
N ALA B 373 -30.22 -29.96 9.61
CA ALA B 373 -31.03 -29.36 8.56
C ALA B 373 -30.68 -29.89 7.17
N GLY B 374 -29.67 -30.74 7.05
CA GLY B 374 -29.21 -31.21 5.77
C GLY B 374 -28.23 -30.28 5.07
N ARG B 375 -27.87 -29.17 5.72
CA ARG B 375 -26.94 -28.21 5.15
C ARG B 375 -25.49 -28.64 5.26
N PHE B 376 -25.19 -29.69 6.03
CA PHE B 376 -23.81 -30.11 6.22
C PHE B 376 -23.77 -31.61 6.47
N ARG B 377 -22.69 -32.24 6.01
CA ARG B 377 -22.51 -33.68 6.17
C ARG B 377 -22.24 -34.03 7.64
N ALA B 378 -22.70 -35.21 8.03
CA ALA B 378 -22.49 -35.68 9.40
C ALA B 378 -21.08 -36.23 9.59
N ASP B 379 -20.57 -37.01 8.63
CA ASP B 379 -19.26 -37.61 8.79
C ASP B 379 -18.17 -36.55 8.84
N LEU B 380 -18.28 -35.52 8.00
CA LEU B 380 -17.31 -34.43 8.03
C LEU B 380 -17.39 -33.68 9.36
N TYR B 381 -18.58 -33.55 9.93
CA TYR B 381 -18.70 -32.88 11.22
C TYR B 381 -18.02 -33.71 12.32
N TYR B 382 -18.19 -35.03 12.28
CA TYR B 382 -17.49 -35.86 13.27
C TYR B 382 -15.98 -35.79 13.08
N ARG B 383 -15.51 -35.71 11.83
CA ARG B 383 -14.08 -35.63 11.59
C ARG B 383 -13.50 -34.26 11.96
N LEU B 384 -14.31 -33.21 11.91
CA LEU B 384 -13.83 -31.88 12.23
C LEU B 384 -13.99 -31.51 13.70
N ASN B 385 -14.92 -32.15 14.41
CA ASN B 385 -15.16 -31.85 15.81
C ASN B 385 -14.22 -32.63 16.73
N VAL B 386 -13.16 -33.23 16.18
CA VAL B 386 -12.27 -34.05 17.00
C VAL B 386 -11.59 -33.21 18.06
N PHE B 387 -11.22 -31.98 17.72
CA PHE B 387 -10.55 -31.07 18.67
C PHE B 387 -11.15 -29.68 18.58
N PRO B 388 -12.35 -29.48 19.13
CA PRO B 388 -12.89 -28.12 19.23
C PRO B 388 -12.03 -27.26 20.14
N VAL B 389 -11.93 -25.97 19.80
CA VAL B 389 -11.17 -25.00 20.57
C VAL B 389 -11.98 -23.71 20.58
N ALA B 390 -12.59 -23.40 21.72
CA ALA B 390 -13.41 -22.19 21.82
C ALA B 390 -12.54 -20.98 22.11
N ILE B 391 -12.71 -19.93 21.30
CA ILE B 391 -12.00 -18.67 21.50
C ILE B 391 -12.97 -17.67 22.12
N PRO B 392 -12.74 -17.23 23.35
CA PRO B 392 -13.70 -16.36 24.03
C PRO B 392 -13.79 -14.96 23.42
N ALA B 393 -14.96 -14.36 23.60
CA ALA B 393 -15.20 -12.96 23.29
C ALA B 393 -14.56 -12.07 24.35
N LEU B 394 -14.37 -10.80 24.00
CA LEU B 394 -13.77 -9.84 24.93
C LEU B 394 -14.57 -9.71 26.21
N ARG B 395 -15.88 -9.96 26.16
CA ARG B 395 -16.67 -9.92 27.40
C ARG B 395 -16.19 -10.96 28.41
N GLU B 396 -15.65 -12.08 27.94
CA GLU B 396 -15.01 -13.06 28.81
C GLU B 396 -13.56 -12.73 29.09
N ARG B 397 -13.00 -11.71 28.44
CA ARG B 397 -11.62 -11.29 28.63
C ARG B 397 -11.56 -9.82 28.98
N ARG B 398 -12.54 -9.35 29.77
CA ARG B 398 -12.61 -7.93 30.10
C ARG B 398 -11.36 -7.47 30.84
N GLU B 399 -10.86 -8.31 31.75
CA GLU B 399 -9.67 -7.94 32.51
C GLU B 399 -8.46 -7.78 31.61
N ASP B 400 -8.45 -8.44 30.45
CA ASP B 400 -7.39 -8.28 29.48
C ASP B 400 -7.60 -7.08 28.59
N ILE B 401 -8.81 -6.52 28.56
CA ILE B 401 -9.13 -5.49 27.57
C ILE B 401 -8.18 -4.29 27.62
N PRO B 402 -7.89 -3.68 28.79
CA PRO B 402 -7.04 -2.48 28.75
C PRO B 402 -5.68 -2.72 28.13
N LEU B 403 -5.07 -3.89 28.36
CA LEU B 403 -3.76 -4.14 27.77
C LEU B 403 -3.85 -4.08 26.26
N LEU B 404 -4.86 -4.75 25.68
CA LEU B 404 -5.05 -4.67 24.25
C LEU B 404 -5.16 -3.23 23.83
N VAL B 405 -6.04 -2.47 24.50
CA VAL B 405 -6.32 -1.13 24.01
C VAL B 405 -5.07 -0.28 24.08
N GLU B 406 -4.24 -0.46 25.13
CA GLU B 406 -3.06 0.39 25.17
C GLU B 406 -2.12 0.03 24.03
N HIS B 407 -1.95 -1.26 23.77
CA HIS B 407 -1.16 -1.63 22.61
C HIS B 407 -1.80 -1.05 21.37
N PHE B 408 -3.13 -1.13 21.28
CA PHE B 408 -3.82 -0.58 20.13
C PHE B 408 -3.54 0.91 20.02
N LEU B 409 -3.63 1.63 21.14
CA LEU B 409 -3.39 3.06 21.05
C LEU B 409 -1.97 3.34 20.59
N GLN B 410 -1.01 2.55 21.08
CA GLN B 410 0.36 2.76 20.64
C GLN B 410 0.48 2.54 19.14
N ARG B 411 -0.13 1.47 18.64
CA ARG B 411 -0.03 1.19 17.21
C ARG B 411 -0.70 2.28 16.40
N PHE B 412 -1.66 2.98 17.00
CA PHE B 412 -2.27 4.11 16.30
C PHE B 412 -1.55 5.41 16.56
N HIS B 413 -0.88 5.55 17.72
CA HIS B 413 -0.13 6.77 17.94
C HIS B 413 0.98 6.89 16.90
N GLN B 414 1.72 5.80 16.71
CA GLN B 414 2.73 5.73 15.66
C GLN B 414 2.09 5.84 14.28
N GLU B 415 0.78 5.56 14.18
CA GLU B 415 0.09 5.70 12.91
C GLU B 415 0.02 7.16 12.47
N TYR B 416 0.12 8.12 13.40
CA TYR B 416 0.09 9.53 12.99
C TYR B 416 1.25 10.35 13.55
N GLY B 417 2.19 9.74 14.26
CA GLY B 417 3.46 10.35 14.62
C GLY B 417 3.51 11.13 15.92
N LYS B 418 2.38 11.58 16.46
CA LYS B 418 2.36 12.35 17.70
C LYS B 418 0.93 12.63 18.13
N ARG B 419 0.44 11.94 19.17
CA ARG B 419 -0.98 11.99 19.50
C ARG B 419 -1.16 12.01 21.00
N THR B 420 -2.42 11.92 21.42
CA THR B 420 -2.81 12.22 22.79
C THR B 420 -2.12 11.31 23.81
N LEU B 421 -1.70 11.92 24.92
CA LEU B 421 -1.01 11.22 25.99
C LEU B 421 -1.95 10.72 27.08
N GLY B 422 -3.22 10.45 26.78
CA GLY B 422 -4.15 10.00 27.80
C GLY B 422 -5.12 8.96 27.30
N LEU B 423 -5.79 8.34 28.26
CA LEU B 423 -6.80 7.31 28.01
C LEU B 423 -8.17 7.66 28.58
N SER B 424 -8.23 8.51 29.61
CA SER B 424 -9.47 8.86 30.31
C SER B 424 -10.07 7.62 30.94
N ASP B 425 -9.82 7.42 32.25
CA ASP B 425 -10.25 6.20 32.92
C ASP B 425 -11.74 5.96 32.79
N LYS B 426 -12.53 7.04 32.66
CA LYS B 426 -13.95 6.88 32.42
C LYS B 426 -14.21 6.19 31.08
N ALA B 427 -13.41 6.52 30.06
CA ALA B 427 -13.52 5.82 28.78
C ALA B 427 -13.09 4.37 28.91
N LEU B 428 -12.09 4.08 29.75
CA LEU B 428 -11.69 2.70 29.98
C LEU B 428 -12.80 1.92 30.65
N GLU B 429 -13.51 2.56 31.59
CA GLU B 429 -14.66 1.93 32.23
C GLU B 429 -15.77 1.66 31.21
N ALA B 430 -15.95 2.59 30.27
CA ALA B 430 -16.92 2.36 29.21
C ALA B 430 -16.50 1.22 28.29
N CYS B 431 -15.19 1.05 28.07
CA CYS B 431 -14.72 -0.05 27.23
C CYS B 431 -14.88 -1.39 27.92
N LEU B 432 -14.61 -1.45 29.23
CA LEU B 432 -14.81 -2.69 29.96
C LEU B 432 -16.29 -3.06 30.05
N HIS B 433 -17.17 -2.08 29.96
CA HIS B 433 -18.61 -2.28 30.09
C HIS B 433 -19.26 -2.18 28.71
N TYR B 434 -18.95 -3.15 27.85
CA TYR B 434 -19.52 -3.21 26.52
C TYR B 434 -19.43 -4.65 26.01
N SER B 435 -20.46 -5.08 25.28
CA SER B 435 -20.50 -6.45 24.79
C SER B 435 -19.41 -6.73 23.77
N TRP B 436 -19.04 -5.71 22.98
CA TRP B 436 -18.09 -5.83 21.89
C TRP B 436 -18.55 -6.95 20.96
N PRO B 437 -19.62 -6.76 20.19
CA PRO B 437 -20.01 -7.80 19.22
C PRO B 437 -18.90 -8.12 18.24
N GLY B 438 -18.09 -7.13 17.89
CA GLY B 438 -16.94 -7.35 17.05
C GLY B 438 -15.64 -7.30 17.83
N ASN B 439 -15.24 -8.40 18.48
CA ASN B 439 -14.05 -8.34 19.31
C ASN B 439 -12.88 -7.88 18.46
N ILE B 440 -11.84 -7.34 19.13
CA ILE B 440 -10.59 -6.86 18.51
C ILE B 440 -10.77 -6.07 17.21
N ARG B 441 -11.76 -6.41 16.38
CA ARG B 441 -12.01 -5.64 15.16
C ARG B 441 -12.77 -4.35 15.48
N GLU B 442 -13.89 -4.47 16.21
CA GLU B 442 -14.62 -3.27 16.63
C GLU B 442 -13.79 -2.46 17.61
N LEU B 443 -12.95 -3.11 18.41
CA LEU B 443 -12.09 -2.37 19.32
C LEU B 443 -11.10 -1.51 18.55
N GLU B 444 -10.47 -2.09 17.52
CA GLU B 444 -9.55 -1.31 16.69
C GLU B 444 -10.28 -0.18 15.99
N ASN B 445 -11.52 -0.42 15.56
CA ASN B 445 -12.26 0.60 14.83
C ASN B 445 -12.66 1.76 15.75
N VAL B 446 -13.20 1.45 16.93
CA VAL B 446 -13.59 2.51 17.84
C VAL B 446 -12.38 3.27 18.34
N ILE B 447 -11.24 2.60 18.51
CA ILE B 447 -10.04 3.31 18.96
C ILE B 447 -9.52 4.23 17.87
N GLU B 448 -9.59 3.78 16.61
CA GLU B 448 -9.16 4.66 15.51
C GLU B 448 -10.08 5.88 15.40
N ARG B 449 -11.39 5.67 15.53
CA ARG B 449 -12.30 6.81 15.44
C ARG B 449 -12.11 7.77 16.62
N GLY B 450 -11.84 7.23 17.81
CA GLY B 450 -11.61 8.11 18.95
C GLY B 450 -10.32 8.88 18.84
N ILE B 451 -9.29 8.26 18.24
CA ILE B 451 -8.02 8.95 18.06
C ILE B 451 -8.14 10.02 17.00
N ILE B 452 -8.86 9.75 15.92
CA ILE B 452 -9.01 10.79 14.89
C ILE B 452 -9.86 11.93 15.44
N LEU B 453 -10.74 11.65 16.41
CA LEU B 453 -11.57 12.73 16.93
C LEU B 453 -10.86 13.59 17.97
N THR B 454 -9.70 13.19 18.46
CA THR B 454 -8.93 13.96 19.43
C THR B 454 -7.60 14.38 18.83
N ASP B 455 -7.16 15.59 19.16
CA ASP B 455 -5.88 16.09 18.66
C ASP B 455 -4.94 16.74 19.69
N PRO B 456 -5.38 17.10 20.93
CA PRO B 456 -4.41 17.72 21.84
C PRO B 456 -3.55 16.69 22.57
N ASN B 457 -2.85 17.13 23.61
CA ASN B 457 -2.18 16.22 24.52
C ASN B 457 -3.12 15.67 25.59
N GLU B 458 -4.38 16.13 25.58
CA GLU B 458 -5.38 15.75 26.56
C GLU B 458 -5.85 14.32 26.34
N SER B 459 -6.38 13.73 27.42
CA SER B 459 -6.92 12.38 27.38
C SER B 459 -8.07 12.28 26.40
N ILE B 460 -8.16 11.15 25.70
CA ILE B 460 -9.23 10.95 24.73
C ILE B 460 -10.57 10.92 25.46
N SER B 461 -11.56 11.59 24.87
CA SER B 461 -12.87 11.68 25.50
C SER B 461 -13.65 10.37 25.37
N VAL B 462 -14.50 10.11 26.37
CA VAL B 462 -15.37 8.95 26.30
C VAL B 462 -16.42 9.11 25.21
N GLN B 463 -16.74 10.34 24.80
CA GLN B 463 -17.70 10.51 23.71
C GLN B 463 -17.08 10.27 22.34
N ALA B 464 -15.74 10.26 22.25
CA ALA B 464 -15.10 10.00 20.98
C ALA B 464 -15.42 8.61 20.47
N LEU B 465 -15.61 7.66 21.38
CA LEU B 465 -16.07 6.32 21.07
C LEU B 465 -17.41 6.12 21.76
N PHE B 466 -18.31 5.38 21.12
CA PHE B 466 -19.69 5.25 21.60
C PHE B 466 -20.34 6.62 21.74
N PRO B 467 -20.47 7.42 20.66
CA PRO B 467 -21.13 8.72 20.78
C PRO B 467 -22.63 8.59 20.99
N ARG B 468 -23.34 9.71 20.95
CA ARG B 468 -24.78 9.82 21.15
C ARG B 468 -25.23 9.42 22.55
N ALA B 469 -24.29 9.18 23.47
CA ALA B 469 -24.63 8.77 24.83
C ALA B 469 -24.20 9.82 25.84
N ASP C 2 -50.42 -22.51 -49.59
CA ASP C 2 -49.67 -23.62 -48.99
C ASP C 2 -49.87 -24.94 -49.71
N PRO C 3 -49.37 -25.05 -50.95
CA PRO C 3 -49.53 -26.31 -51.70
C PRO C 3 -48.25 -27.14 -51.77
N GLU C 4 -48.17 -28.24 -51.01
CA GLU C 4 -49.18 -28.67 -50.05
C GLU C 4 -48.43 -29.06 -48.76
N PHE C 5 -47.85 -28.05 -48.11
CA PHE C 5 -46.95 -28.29 -47.00
C PHE C 5 -47.66 -28.68 -45.70
N THR C 6 -48.97 -28.43 -45.60
CA THR C 6 -49.68 -28.80 -44.37
C THR C 6 -49.65 -30.30 -44.14
N ASN C 7 -49.52 -31.08 -45.21
CA ASN C 7 -49.43 -32.53 -45.12
C ASN C 7 -48.01 -33.04 -44.90
N LEU C 8 -47.03 -32.14 -44.84
CA LEU C 8 -45.64 -32.54 -44.64
C LEU C 8 -45.30 -32.84 -43.18
N ILE C 9 -46.19 -32.52 -42.24
CA ILE C 9 -45.88 -32.72 -40.82
C ILE C 9 -46.48 -34.04 -40.33
N HIS C 10 -45.93 -35.17 -40.80
CA HIS C 10 -46.36 -36.46 -40.32
C HIS C 10 -45.87 -36.69 -38.89
N PHE C 11 -46.72 -37.31 -38.06
CA PHE C 11 -46.32 -37.59 -36.69
C PHE C 11 -47.10 -38.78 -36.17
N GLN C 12 -46.43 -39.61 -35.38
CA GLN C 12 -47.02 -40.79 -34.76
C GLN C 12 -46.90 -40.66 -33.25
N SER C 13 -48.04 -40.50 -32.58
CA SER C 13 -48.03 -40.36 -31.12
C SER C 13 -47.57 -41.64 -30.44
N THR C 14 -48.00 -42.79 -30.97
CA THR C 14 -47.66 -44.06 -30.33
C THR C 14 -46.16 -44.33 -30.36
N GLU C 15 -45.47 -43.87 -31.40
CA GLU C 15 -44.02 -44.02 -31.47
C GLU C 15 -43.30 -42.94 -30.67
N GLY C 16 -44.00 -41.92 -30.20
CA GLY C 16 -43.36 -40.86 -29.45
C GLY C 16 -42.47 -39.98 -30.29
N LYS C 17 -42.82 -39.77 -31.56
CA LYS C 17 -41.98 -39.00 -32.48
C LYS C 17 -42.84 -38.11 -33.35
N ILE C 18 -42.25 -36.99 -33.74
CA ILE C 18 -42.83 -36.06 -34.69
C ILE C 18 -41.82 -35.86 -35.82
N TRP C 19 -42.28 -35.96 -37.06
CA TRP C 19 -41.40 -35.91 -38.22
C TRP C 19 -41.81 -34.78 -39.16
N LEU C 20 -40.83 -34.30 -39.92
CA LEU C 20 -41.08 -33.30 -40.95
C LEU C 20 -40.08 -33.60 -42.05
N GLY C 21 -40.57 -34.11 -43.18
CA GLY C 21 -39.66 -34.61 -44.18
C GLY C 21 -38.90 -35.79 -43.60
N GLU C 22 -37.58 -35.74 -43.70
CA GLU C 22 -36.73 -36.75 -43.08
C GLU C 22 -36.12 -36.28 -41.76
N GLN C 23 -36.59 -35.16 -41.21
CA GLN C 23 -36.00 -34.59 -40.01
C GLN C 23 -36.93 -34.77 -38.82
N ARG C 24 -36.38 -35.33 -37.73
CA ARG C 24 -37.13 -35.42 -36.49
C ARG C 24 -37.25 -34.05 -35.85
N MET C 25 -38.41 -33.78 -35.23
CA MET C 25 -38.68 -32.47 -34.66
C MET C 25 -39.50 -32.64 -33.38
N LEU C 26 -39.60 -31.55 -32.62
CA LEU C 26 -40.32 -31.53 -31.35
C LEU C 26 -41.09 -30.23 -31.23
N LEU C 27 -42.19 -30.28 -30.48
CA LEU C 27 -43.10 -29.15 -30.31
C LEU C 27 -43.12 -28.71 -28.86
N LEU C 28 -42.62 -27.50 -28.59
CA LEU C 28 -42.55 -26.95 -27.24
C LEU C 28 -43.51 -25.77 -27.08
N GLN C 29 -43.87 -25.51 -25.82
CA GLN C 29 -44.73 -24.38 -25.49
C GLN C 29 -43.97 -23.07 -25.60
N VAL C 30 -44.70 -22.01 -25.91
CA VAL C 30 -44.08 -20.69 -26.04
C VAL C 30 -43.67 -20.15 -24.68
N SER C 31 -44.48 -20.37 -23.66
CA SER C 31 -44.14 -19.90 -22.32
C SER C 31 -42.88 -20.59 -21.78
N ALA C 32 -42.73 -21.88 -22.12
CA ALA C 32 -41.52 -22.59 -21.73
C ALA C 32 -40.29 -22.01 -22.41
N MET C 33 -40.42 -21.64 -23.69
CA MET C 33 -39.32 -20.99 -24.38
C MET C 33 -39.04 -19.61 -23.81
N ALA C 34 -40.08 -18.94 -23.29
CA ALA C 34 -39.88 -17.63 -22.67
C ALA C 34 -39.06 -17.74 -21.40
N SER C 35 -39.41 -18.70 -20.54
CA SER C 35 -38.60 -18.94 -19.34
C SER C 35 -37.20 -19.43 -19.74
N PHE C 36 -37.10 -20.16 -20.85
CA PHE C 36 -35.82 -20.62 -21.33
C PHE C 36 -34.90 -19.45 -21.69
N ARG C 37 -35.41 -18.52 -22.49
CA ARG C 37 -34.62 -17.35 -22.85
C ARG C 37 -34.34 -16.48 -21.64
N ARG C 38 -35.27 -16.42 -20.68
CA ARG C 38 -35.05 -15.61 -19.49
C ARG C 38 -33.89 -16.14 -18.67
N GLU C 39 -33.91 -17.44 -18.36
CA GLU C 39 -32.80 -18.01 -17.60
C GLU C 39 -31.51 -18.00 -18.42
N MET C 40 -31.61 -18.12 -19.74
CA MET C 40 -30.41 -18.08 -20.58
C MET C 40 -29.72 -16.72 -20.48
N VAL C 41 -30.49 -15.65 -20.64
CA VAL C 41 -29.92 -14.31 -20.52
C VAL C 41 -29.48 -14.03 -19.09
N ASN C 42 -30.19 -14.60 -18.10
CA ASN C 42 -29.80 -14.39 -16.71
C ASN C 42 -28.54 -15.15 -16.32
N THR C 43 -28.19 -16.21 -17.06
CA THR C 43 -26.98 -16.94 -16.70
C THR C 43 -25.74 -16.44 -17.44
N LEU C 44 -25.88 -16.07 -18.70
CA LEU C 44 -24.76 -15.58 -19.51
C LEU C 44 -25.03 -14.14 -19.92
N GLY C 45 -24.14 -13.57 -20.71
CA GLY C 45 -24.37 -12.23 -21.21
C GLY C 45 -25.41 -12.20 -22.29
N ILE C 46 -25.94 -10.99 -22.56
CA ILE C 46 -26.93 -10.85 -23.62
C ILE C 46 -26.34 -11.29 -24.96
N GLU C 47 -25.09 -10.90 -25.23
CA GLU C 47 -24.47 -11.25 -26.50
C GLU C 47 -24.21 -12.74 -26.63
N ARG C 48 -23.90 -13.41 -25.52
CA ARG C 48 -23.66 -14.86 -25.57
C ARG C 48 -24.95 -15.59 -25.95
N ALA C 49 -26.07 -15.24 -25.30
CA ALA C 49 -27.34 -15.87 -25.61
C ALA C 49 -27.81 -15.49 -27.00
N LYS C 50 -27.56 -14.25 -27.42
CA LYS C 50 -27.93 -13.83 -28.76
C LYS C 50 -27.18 -14.64 -29.81
N GLY C 51 -25.89 -14.89 -29.57
CA GLY C 51 -25.12 -15.71 -30.50
C GLY C 51 -25.58 -17.15 -30.50
N PHE C 52 -25.95 -17.67 -29.33
CA PHE C 52 -26.45 -19.04 -29.26
C PHE C 52 -27.72 -19.20 -30.07
N PHE C 53 -28.70 -18.30 -29.86
CA PHE C 53 -29.95 -18.40 -30.59
C PHE C 53 -29.75 -18.12 -32.08
N LEU C 54 -28.80 -17.25 -32.43
CA LEU C 54 -28.53 -16.97 -33.83
C LEU C 54 -27.96 -18.19 -34.52
N ARG C 55 -27.01 -18.88 -33.89
CA ARG C 55 -26.46 -20.09 -34.49
C ARG C 55 -27.49 -21.21 -34.54
N GLN C 56 -28.39 -21.28 -33.55
CA GLN C 56 -29.44 -22.29 -33.61
C GLN C 56 -30.37 -22.04 -34.80
N GLY C 57 -30.74 -20.78 -35.01
CA GLY C 57 -31.57 -20.45 -36.15
C GLY C 57 -30.84 -20.68 -37.46
N TYR C 58 -29.53 -20.41 -37.48
CA TYR C 58 -28.76 -20.62 -38.70
C TYR C 58 -28.67 -22.09 -39.06
N GLN C 59 -28.47 -22.96 -38.07
CA GLN C 59 -28.44 -24.39 -38.36
C GLN C 59 -29.82 -24.88 -38.82
N SER C 60 -30.88 -24.38 -38.18
CA SER C 60 -32.21 -24.76 -38.59
C SER C 60 -32.50 -24.29 -40.02
N GLY C 61 -31.97 -23.12 -40.39
CA GLY C 61 -32.18 -22.62 -41.73
C GLY C 61 -31.41 -23.41 -42.78
N LEU C 62 -30.20 -23.85 -42.44
CA LEU C 62 -29.45 -24.69 -43.37
C LEU C 62 -30.18 -26.01 -43.61
N LYS C 63 -30.66 -26.63 -42.53
CA LYS C 63 -31.37 -27.89 -42.69
C LYS C 63 -32.67 -27.71 -43.47
N ASP C 64 -33.41 -26.63 -43.19
CA ASP C 64 -34.66 -26.40 -43.91
C ASP C 64 -34.43 -26.05 -45.37
N ALA C 65 -33.31 -25.38 -45.68
CA ALA C 65 -32.99 -25.12 -47.08
C ALA C 65 -32.67 -26.41 -47.81
N GLU C 66 -31.93 -27.31 -47.16
CA GLU C 66 -31.68 -28.61 -47.77
C GLU C 66 -32.98 -29.39 -47.97
N LEU C 67 -33.89 -29.27 -47.02
CA LEU C 67 -35.17 -29.99 -47.12
C LEU C 67 -36.03 -29.44 -48.25
N ALA C 68 -36.13 -28.12 -48.36
CA ALA C 68 -36.91 -27.53 -49.45
C ALA C 68 -36.26 -27.79 -50.80
N ARG C 69 -34.93 -27.88 -50.84
CA ARG C 69 -34.25 -28.22 -52.08
C ARG C 69 -34.55 -29.65 -52.49
N LYS C 70 -34.65 -30.57 -51.51
CA LYS C 70 -34.94 -31.95 -51.85
C LYS C 70 -36.42 -32.23 -52.07
N LEU C 71 -37.32 -31.33 -51.62
CA LEU C 71 -38.74 -31.59 -51.78
C LEU C 71 -39.18 -31.30 -53.22
N ARG C 72 -39.22 -30.03 -53.60
CA ARG C 72 -39.47 -29.64 -54.98
C ARG C 72 -38.13 -29.36 -55.65
N PRO C 73 -37.79 -30.05 -56.74
CA PRO C 73 -36.43 -29.89 -57.26
C PRO C 73 -36.26 -28.54 -57.95
N ASN C 74 -36.74 -28.40 -59.18
CA ASN C 74 -36.64 -27.12 -59.86
C ASN C 74 -37.77 -26.15 -59.49
N ALA C 75 -38.96 -26.36 -60.06
CA ALA C 75 -40.06 -25.40 -59.98
C ALA C 75 -39.59 -24.02 -60.43
N SER C 76 -39.49 -23.09 -59.49
CA SER C 76 -39.13 -21.72 -59.82
C SER C 76 -38.29 -21.15 -58.69
N GLU C 77 -37.41 -20.21 -59.05
CA GLU C 77 -36.48 -19.64 -58.08
C GLU C 77 -37.22 -19.00 -56.91
N TYR C 78 -38.18 -18.12 -57.21
CA TYR C 78 -38.90 -17.40 -56.16
C TYR C 78 -39.69 -18.34 -55.26
N ASP C 79 -40.27 -19.41 -55.83
CA ASP C 79 -41.01 -20.35 -54.98
C ASP C 79 -40.07 -21.10 -54.04
N MET C 80 -38.90 -21.49 -54.53
CA MET C 80 -37.95 -22.18 -53.67
C MET C 80 -37.44 -21.27 -52.56
N PHE C 81 -37.16 -20.00 -52.89
CA PHE C 81 -36.74 -19.07 -51.84
C PHE C 81 -37.88 -18.78 -50.85
N LEU C 82 -39.11 -18.69 -51.35
CA LEU C 82 -40.26 -18.40 -50.50
C LEU C 82 -40.64 -19.58 -49.62
N ALA C 83 -40.19 -20.80 -49.98
CA ALA C 83 -40.48 -21.94 -49.12
C ALA C 83 -39.87 -21.76 -47.73
N GLY C 84 -38.78 -21.01 -47.62
CA GLY C 84 -38.19 -20.68 -46.35
C GLY C 84 -39.16 -19.97 -45.42
N PRO C 85 -39.59 -18.77 -45.80
CA PRO C 85 -40.62 -18.07 -45.01
C PRO C 85 -41.92 -18.85 -44.89
N GLN C 86 -42.29 -19.62 -45.91
CA GLN C 86 -43.46 -20.49 -45.77
C GLN C 86 -43.22 -21.56 -44.70
N LEU C 87 -41.99 -22.07 -44.60
CA LEU C 87 -41.67 -22.97 -43.50
C LEU C 87 -41.72 -22.25 -42.16
N HIS C 88 -41.34 -20.97 -42.14
CA HIS C 88 -41.45 -20.19 -40.92
C HIS C 88 -42.90 -20.09 -40.47
N SER C 89 -43.80 -19.81 -41.40
CA SER C 89 -45.22 -19.75 -41.06
C SER C 89 -45.75 -21.13 -40.69
N LEU C 90 -45.24 -22.19 -41.31
CA LEU C 90 -45.73 -23.54 -41.03
C LEU C 90 -45.37 -24.00 -39.62
N LYS C 91 -44.21 -23.58 -39.12
CA LYS C 91 -43.73 -24.03 -37.81
C LYS C 91 -44.29 -23.21 -36.66
N GLY C 92 -45.08 -22.17 -36.93
CA GLY C 92 -45.61 -21.35 -35.87
C GLY C 92 -44.71 -20.26 -35.37
N LEU C 93 -43.59 -19.99 -36.06
CA LEU C 93 -42.67 -18.95 -35.61
C LEU C 93 -43.22 -17.56 -35.93
N VAL C 94 -43.38 -17.25 -37.21
CA VAL C 94 -43.75 -15.90 -37.65
C VAL C 94 -44.63 -15.99 -38.89
N LYS C 95 -45.38 -14.92 -39.14
CA LYS C 95 -46.05 -14.72 -40.41
C LYS C 95 -45.19 -13.77 -41.23
N VAL C 96 -44.97 -14.11 -42.50
CA VAL C 96 -44.04 -13.37 -43.34
C VAL C 96 -44.81 -12.53 -44.35
N ARG C 97 -44.39 -11.28 -44.52
CA ARG C 97 -44.96 -10.36 -45.51
C ARG C 97 -43.82 -9.73 -46.30
N PRO C 98 -43.35 -10.39 -47.36
CA PRO C 98 -42.28 -9.81 -48.18
C PRO C 98 -42.77 -8.65 -49.04
N THR C 99 -42.44 -7.42 -48.65
CA THR C 99 -42.91 -6.26 -49.41
C THR C 99 -42.08 -6.00 -50.66
N GLU C 100 -40.85 -6.50 -50.72
CA GLU C 100 -39.99 -6.31 -51.89
C GLU C 100 -39.00 -7.46 -51.97
N VAL C 101 -38.77 -7.95 -53.18
CA VAL C 101 -37.85 -9.05 -53.43
C VAL C 101 -37.19 -8.80 -54.78
N ASP C 102 -35.95 -9.25 -54.91
CA ASP C 102 -35.23 -9.18 -56.19
C ASP C 102 -34.19 -10.29 -56.15
N ILE C 103 -34.41 -11.35 -56.91
CA ILE C 103 -33.60 -12.56 -56.82
C ILE C 103 -33.16 -12.99 -58.22
N ASP C 104 -31.90 -13.41 -58.32
CA ASP C 104 -31.37 -14.00 -59.55
C ASP C 104 -30.19 -14.88 -59.11
N LYS C 105 -30.46 -16.17 -58.92
CA LYS C 105 -29.44 -17.06 -58.36
C LYS C 105 -28.22 -17.16 -59.25
N GLU C 106 -28.38 -17.03 -60.57
CA GLU C 106 -27.23 -17.16 -61.44
C GLU C 106 -26.30 -15.96 -61.31
N SER C 107 -26.85 -14.74 -61.42
CA SER C 107 -26.02 -13.54 -61.34
C SER C 107 -25.62 -13.18 -59.92
N GLY C 108 -26.26 -13.75 -58.91
CA GLY C 108 -25.94 -13.46 -57.53
C GLY C 108 -26.61 -12.23 -56.95
N ARG C 109 -27.44 -11.52 -57.73
CA ARG C 109 -28.12 -10.35 -57.19
C ARG C 109 -29.15 -10.76 -56.15
N PHE C 110 -29.26 -9.97 -55.10
CA PHE C 110 -30.21 -10.26 -54.02
C PHE C 110 -30.52 -8.96 -53.29
N TYR C 111 -31.81 -8.78 -52.98
CA TYR C 111 -32.26 -7.74 -52.08
C TYR C 111 -33.68 -8.10 -51.65
N ALA C 112 -34.00 -7.83 -50.39
CA ALA C 112 -35.33 -8.16 -49.91
C ALA C 112 -35.68 -7.30 -48.71
N GLU C 113 -36.97 -6.99 -48.59
CA GLU C 113 -37.51 -6.27 -47.45
C GLU C 113 -38.76 -7.02 -46.99
N MET C 114 -38.80 -7.37 -45.71
CA MET C 114 -39.87 -8.24 -45.24
C MET C 114 -40.35 -7.81 -43.86
N GLU C 115 -41.60 -8.13 -43.57
CA GLU C 115 -42.20 -7.88 -42.26
C GLU C 115 -42.51 -9.19 -41.57
N TRP C 116 -42.17 -9.26 -40.29
CA TRP C 116 -42.41 -10.43 -39.44
C TRP C 116 -43.55 -10.09 -38.50
N ILE C 117 -44.72 -10.65 -38.77
CA ILE C 117 -45.92 -10.42 -37.97
C ILE C 117 -46.07 -11.54 -36.96
N ASP C 118 -46.46 -11.16 -35.73
CA ASP C 118 -46.73 -12.10 -34.64
C ASP C 118 -45.54 -13.03 -34.40
N SER C 119 -44.35 -12.45 -34.36
CA SER C 119 -43.16 -13.23 -34.05
C SER C 119 -43.25 -13.76 -32.63
N PHE C 120 -42.89 -15.04 -32.45
CA PHE C 120 -42.95 -15.62 -31.12
C PHE C 120 -41.92 -14.97 -30.19
N GLU C 121 -40.83 -14.46 -30.76
CA GLU C 121 -39.80 -13.83 -29.94
C GLU C 121 -40.32 -12.57 -29.24
N VAL C 122 -41.23 -11.83 -29.86
CA VAL C 122 -41.80 -10.69 -29.16
C VAL C 122 -42.74 -11.18 -28.04
N GLU C 123 -43.39 -12.32 -28.25
CA GLU C 123 -44.19 -12.90 -27.18
C GLU C 123 -43.31 -13.32 -26.00
N ILE C 124 -42.10 -13.79 -26.29
CA ILE C 124 -41.14 -14.06 -25.23
C ILE C 124 -40.65 -12.75 -24.60
N SER C 125 -40.52 -11.69 -25.39
CA SER C 125 -40.13 -10.39 -24.85
C SER C 125 -41.18 -9.85 -23.90
N GLN C 126 -42.43 -10.25 -24.08
CA GLN C 126 -43.49 -9.80 -23.18
C GLN C 126 -43.26 -10.27 -21.74
N THR C 127 -42.55 -11.38 -21.53
CA THR C 127 -42.25 -11.80 -20.16
C THR C 127 -41.29 -10.85 -19.47
N ASP C 128 -40.51 -10.09 -20.23
CA ASP C 128 -39.65 -9.03 -19.70
C ASP C 128 -40.38 -7.70 -19.86
N LEU C 129 -40.86 -7.15 -18.75
CA LEU C 129 -41.77 -6.00 -18.81
C LEU C 129 -41.14 -4.80 -19.51
N GLY C 130 -39.84 -4.60 -19.30
CA GLY C 130 -39.13 -3.50 -19.96
C GLY C 130 -38.79 -3.81 -21.41
N GLN C 131 -38.91 -2.78 -22.26
CA GLN C 131 -38.56 -2.95 -23.67
C GLN C 131 -37.07 -3.19 -23.82
N MET C 132 -36.71 -4.11 -24.72
CA MET C 132 -35.31 -4.36 -25.03
C MET C 132 -34.73 -3.21 -25.85
N GLN C 133 -33.44 -2.92 -25.61
CA GLN C 133 -32.78 -1.87 -26.35
C GLN C 133 -32.27 -2.32 -27.72
N ASP C 134 -32.31 -3.60 -28.00
CA ASP C 134 -31.85 -4.18 -29.26
C ASP C 134 -32.89 -5.16 -29.78
N PRO C 135 -32.91 -5.41 -31.09
CA PRO C 135 -33.93 -6.33 -31.63
C PRO C 135 -33.81 -7.72 -31.03
N VAL C 136 -34.96 -8.34 -30.80
CA VAL C 136 -35.01 -9.61 -30.08
C VAL C 136 -35.17 -10.82 -30.99
N CYS C 137 -35.59 -10.63 -32.25
CA CYS C 137 -35.81 -11.75 -33.15
C CYS C 137 -34.45 -12.25 -33.65
N TRP C 138 -33.82 -13.09 -32.82
CA TRP C 138 -32.48 -13.59 -33.08
C TRP C 138 -32.51 -14.86 -33.95
N THR C 139 -33.17 -15.91 -33.47
CA THR C 139 -33.21 -17.14 -34.25
C THR C 139 -33.93 -16.94 -35.57
N LEU C 140 -34.88 -16.00 -35.63
CA LEU C 140 -35.51 -15.66 -36.90
C LEU C 140 -34.50 -15.08 -37.88
N LEU C 141 -33.66 -14.16 -37.40
CA LEU C 141 -32.65 -13.56 -38.26
C LEU C 141 -31.63 -14.60 -38.71
N GLY C 142 -31.29 -15.54 -37.82
CA GLY C 142 -30.34 -16.56 -38.19
C GLY C 142 -30.89 -17.52 -39.23
N TYR C 143 -32.15 -17.93 -39.07
CA TYR C 143 -32.78 -18.79 -40.06
C TYR C 143 -32.93 -18.06 -41.39
N ALA C 144 -33.23 -16.76 -41.35
CA ALA C 144 -33.38 -16.02 -42.59
C ALA C 144 -32.05 -15.96 -43.34
N CYS C 145 -30.99 -15.57 -42.64
CA CYS C 145 -29.68 -15.49 -43.29
C CYS C 145 -29.22 -16.85 -43.79
N ALA C 146 -29.49 -17.90 -43.01
CA ALA C 146 -29.04 -19.23 -43.37
C ALA C 146 -29.77 -19.75 -44.60
N TYR C 147 -31.10 -19.63 -44.61
CA TYR C 147 -31.86 -20.10 -45.76
C TYR C 147 -31.51 -19.32 -47.00
N SER C 148 -31.35 -17.99 -46.88
CA SER C 148 -31.02 -17.20 -48.06
C SER C 148 -29.63 -17.54 -48.59
N SER C 149 -28.67 -17.76 -47.68
CA SER C 149 -27.31 -18.09 -48.12
C SER C 149 -27.27 -19.47 -48.77
N ALA C 150 -27.95 -20.45 -48.18
CA ALA C 150 -27.96 -21.78 -48.77
C ALA C 150 -28.70 -21.79 -50.11
N PHE C 151 -29.72 -20.94 -50.27
CA PHE C 151 -30.45 -20.90 -51.52
C PHE C 151 -29.67 -20.21 -52.63
N MET C 152 -28.93 -19.15 -52.30
CA MET C 152 -28.22 -18.39 -53.32
C MET C 152 -26.86 -18.97 -53.68
N GLY C 153 -26.15 -19.52 -52.71
CA GLY C 153 -24.77 -19.89 -52.89
C GLY C 153 -23.79 -18.84 -52.46
N ARG C 154 -24.25 -17.59 -52.34
CA ARG C 154 -23.50 -16.49 -51.76
C ARG C 154 -23.89 -16.34 -50.30
N GLU C 155 -23.03 -15.68 -49.54
CA GLU C 155 -23.40 -15.37 -48.17
C GLU C 155 -24.40 -14.22 -48.19
N ILE C 156 -25.59 -14.46 -47.62
CA ILE C 156 -26.63 -13.46 -47.55
C ILE C 156 -26.88 -13.13 -46.09
N ILE C 157 -27.00 -11.85 -45.78
CA ILE C 157 -27.14 -11.40 -44.40
C ILE C 157 -28.30 -10.43 -44.31
N PHE C 158 -29.22 -10.70 -43.39
CA PHE C 158 -30.34 -9.83 -43.09
C PHE C 158 -30.02 -9.03 -41.83
N LYS C 159 -30.75 -7.93 -41.64
CA LYS C 159 -30.63 -7.16 -40.42
C LYS C 159 -31.99 -6.59 -40.10
N GLU C 160 -32.42 -6.76 -38.84
CA GLU C 160 -33.74 -6.31 -38.42
C GLU C 160 -33.66 -4.80 -38.19
N VAL C 161 -34.02 -4.04 -39.22
CA VAL C 161 -33.97 -2.58 -39.14
C VAL C 161 -34.93 -2.08 -38.07
N SER C 162 -36.02 -2.81 -37.82
CA SER C 162 -36.91 -2.42 -36.74
C SER C 162 -37.53 -3.68 -36.15
N CYS C 163 -37.84 -3.62 -34.85
CA CYS C 163 -38.43 -4.76 -34.16
C CYS C 163 -39.47 -4.28 -33.16
N ARG C 164 -40.54 -5.06 -33.02
CA ARG C 164 -41.61 -4.70 -32.10
C ARG C 164 -41.22 -4.92 -30.64
N GLY C 165 -40.14 -5.66 -30.38
CA GLY C 165 -39.68 -5.84 -29.02
C GLY C 165 -38.94 -4.65 -28.45
N CYS C 166 -38.46 -3.75 -29.32
CA CYS C 166 -37.80 -2.52 -28.90
C CYS C 166 -38.77 -1.36 -28.76
N GLY C 167 -40.06 -1.60 -28.96
CA GLY C 167 -41.04 -0.53 -28.98
C GLY C 167 -41.42 -0.06 -30.36
N GLY C 168 -40.91 -0.71 -31.42
CA GLY C 168 -41.22 -0.33 -32.77
C GLY C 168 -42.62 -0.75 -33.20
N ASP C 169 -43.06 -0.18 -34.32
CA ASP C 169 -44.39 -0.47 -34.83
C ASP C 169 -44.47 -1.85 -35.47
N LYS C 170 -43.46 -2.21 -36.25
CA LYS C 170 -43.47 -3.47 -37.00
C LYS C 170 -42.06 -4.04 -37.04
N CYS C 171 -42.00 -5.37 -37.10
CA CYS C 171 -40.72 -6.05 -37.29
C CYS C 171 -40.38 -6.02 -38.77
N ARG C 172 -39.40 -5.21 -39.15
CA ARG C 172 -39.00 -5.03 -40.53
C ARG C 172 -37.52 -5.39 -40.67
N VAL C 173 -37.23 -6.22 -41.68
CA VAL C 173 -35.90 -6.74 -41.93
C VAL C 173 -35.53 -6.50 -43.38
N ILE C 174 -34.22 -6.30 -43.62
CA ILE C 174 -33.66 -6.06 -44.93
C ILE C 174 -32.54 -7.07 -45.16
N GLY C 175 -32.55 -7.72 -46.32
CA GLY C 175 -31.54 -8.72 -46.63
C GLY C 175 -30.86 -8.51 -47.96
N LYS C 176 -29.54 -8.33 -47.92
CA LYS C 176 -28.69 -8.19 -49.09
C LYS C 176 -27.40 -8.97 -48.85
N PRO C 177 -26.67 -9.32 -49.90
CA PRO C 177 -25.43 -10.10 -49.72
C PRO C 177 -24.41 -9.36 -48.86
N ALA C 178 -23.66 -10.13 -48.08
CA ALA C 178 -22.74 -9.54 -47.11
C ALA C 178 -21.70 -8.65 -47.76
N GLU C 179 -21.29 -8.96 -48.99
CA GLU C 179 -20.31 -8.12 -49.66
C GLU C 179 -20.86 -6.74 -50.00
N GLU C 180 -22.18 -6.61 -50.10
CA GLU C 180 -22.82 -5.33 -50.40
C GLU C 180 -23.05 -4.48 -49.16
N TRP C 181 -22.73 -4.99 -47.97
CA TRP C 181 -22.87 -4.25 -46.73
C TRP C 181 -21.62 -3.42 -46.44
N ASP C 182 -21.80 -2.41 -45.58
CA ASP C 182 -20.69 -1.57 -45.14
C ASP C 182 -20.02 -2.15 -43.89
N ASP C 183 -20.79 -2.34 -42.82
CA ASP C 183 -20.30 -2.86 -41.56
C ASP C 183 -20.92 -4.22 -41.31
N VAL C 184 -20.13 -5.27 -41.48
CA VAL C 184 -20.60 -6.64 -41.28
C VAL C 184 -20.01 -7.29 -40.04
N ALA C 185 -19.00 -6.68 -39.41
CA ALA C 185 -18.30 -7.33 -38.30
C ALA C 185 -19.20 -7.54 -37.09
N SER C 186 -20.16 -6.63 -36.87
CA SER C 186 -21.04 -6.76 -35.71
C SER C 186 -21.87 -8.04 -35.78
N PHE C 187 -22.25 -8.45 -36.98
CA PHE C 187 -22.97 -9.71 -37.14
C PHE C 187 -22.03 -10.90 -36.98
N LYS C 188 -20.81 -10.79 -37.50
CA LYS C 188 -19.85 -11.88 -37.41
C LYS C 188 -19.37 -12.14 -36.00
N GLN C 189 -19.45 -11.14 -35.11
CA GLN C 189 -18.99 -11.35 -33.74
C GLN C 189 -19.84 -12.38 -33.01
N TYR C 190 -21.10 -12.56 -33.42
CA TYR C 190 -21.96 -13.54 -32.77
C TYR C 190 -21.54 -14.98 -33.06
N PHE C 191 -20.80 -15.22 -34.15
CA PHE C 191 -20.37 -16.56 -34.49
C PHE C 191 -19.17 -17.04 -33.69
N LYS C 192 -18.49 -16.15 -32.96
CA LYS C 192 -17.35 -16.55 -32.15
C LYS C 192 -17.83 -17.09 -30.80
N ASN C 193 -17.42 -18.30 -30.47
CA ASN C 193 -17.87 -19.00 -29.27
C ASN C 193 -16.71 -19.16 -28.28
N ASP C 194 -16.52 -18.16 -27.42
CA ASP C 194 -15.49 -18.21 -26.39
C ASP C 194 -16.07 -18.76 -25.10
N PRO C 195 -15.50 -19.82 -24.52
CA PRO C 195 -16.09 -20.42 -23.30
C PRO C 195 -16.07 -19.45 -22.14
N ILE C 196 -17.27 -19.12 -21.63
CA ILE C 196 -17.39 -18.19 -20.52
C ILE C 196 -16.80 -18.76 -19.23
N ILE C 197 -16.88 -20.09 -19.04
CA ILE C 197 -16.35 -20.66 -17.81
C ILE C 197 -14.84 -20.48 -17.73
N GLU C 198 -14.16 -20.51 -18.87
CA GLU C 198 -12.72 -20.26 -18.87
C GLU C 198 -12.42 -18.83 -18.43
N GLU C 199 -13.25 -17.88 -18.88
CA GLU C 199 -13.06 -16.50 -18.42
C GLU C 199 -13.34 -16.35 -16.94
N LEU C 200 -14.31 -17.11 -16.40
CA LEU C 200 -14.55 -17.04 -14.98
C LEU C 200 -13.37 -17.60 -14.20
N TYR C 201 -12.83 -18.74 -14.63
CA TYR C 201 -11.65 -19.28 -13.96
C TYR C 201 -10.45 -18.35 -14.09
N GLU C 202 -10.33 -17.68 -15.25
CA GLU C 202 -9.21 -16.78 -15.45
C GLU C 202 -9.31 -15.54 -14.57
N LEU C 203 -10.51 -14.96 -14.47
CA LEU C 203 -10.68 -13.78 -13.62
C LEU C 203 -10.52 -14.14 -12.14
N GLN C 204 -11.03 -15.30 -11.73
CA GLN C 204 -10.84 -15.70 -10.35
C GLN C 204 -9.37 -15.96 -10.05
N SER C 205 -8.64 -16.54 -11.01
CA SER C 205 -7.22 -16.77 -10.82
C SER C 205 -6.46 -15.44 -10.76
N GLN C 206 -6.86 -14.47 -11.58
CA GLN C 206 -6.18 -13.17 -11.54
C GLN C 206 -6.42 -12.46 -10.22
N LEU C 207 -7.66 -12.47 -9.74
CA LEU C 207 -7.95 -11.80 -8.46
C LEU C 207 -7.28 -12.52 -7.30
N VAL C 208 -7.24 -13.86 -7.33
CA VAL C 208 -6.60 -14.59 -6.25
C VAL C 208 -5.09 -14.38 -6.28
N SER C 209 -4.49 -14.34 -7.47
CA SER C 209 -3.07 -14.07 -7.57
C SER C 209 -2.73 -12.64 -7.17
N LEU C 210 -3.63 -11.69 -7.41
CA LEU C 210 -3.37 -10.31 -7.03
C LEU C 210 -3.53 -10.10 -5.53
N ARG C 211 -4.46 -10.81 -4.89
CA ARG C 211 -4.61 -10.72 -3.45
C ARG C 211 -3.67 -11.65 -2.68
N THR C 212 -3.04 -12.62 -3.37
CA THR C 212 -2.03 -13.47 -2.75
C THR C 212 -0.69 -12.76 -2.66
N ASN C 213 -0.48 -11.73 -3.46
CA ASN C 213 0.70 -10.88 -3.39
C ASN C 213 0.58 -9.84 -2.29
N LEU C 214 -0.43 -9.97 -1.43
CA LEU C 214 -0.69 -9.04 -0.35
C LEU C 214 0.45 -9.02 0.67
N ASP C 215 0.34 -9.85 1.72
CA ASP C 215 1.19 -9.72 2.89
C ASP C 215 1.98 -10.99 3.24
N LYS C 216 2.17 -11.90 2.29
CA LYS C 216 2.91 -13.11 2.63
C LYS C 216 4.40 -12.83 2.82
N GLN C 217 5.02 -13.59 3.70
CA GLN C 217 6.40 -13.32 4.13
C GLN C 217 7.45 -14.22 3.48
N GLU C 218 7.11 -15.46 3.14
CA GLU C 218 8.13 -16.45 2.82
C GLU C 218 8.40 -16.60 1.32
N GLY C 219 7.39 -16.44 0.47
CA GLY C 219 7.56 -16.75 -0.94
C GLY C 219 8.58 -15.90 -1.65
N GLN C 220 9.73 -16.49 -1.98
CA GLN C 220 10.81 -15.76 -2.63
C GLN C 220 11.42 -16.57 -3.77
N TYR C 221 12.24 -17.56 -3.43
CA TYR C 221 12.92 -18.39 -4.41
C TYR C 221 13.28 -19.71 -3.75
N TYR C 222 14.29 -20.40 -4.31
CA TYR C 222 14.78 -21.70 -3.89
C TYR C 222 13.64 -22.68 -3.57
N GLY C 223 13.17 -23.36 -4.61
CA GLY C 223 12.12 -24.35 -4.47
C GLY C 223 12.70 -25.70 -4.16
N ILE C 224 12.00 -26.74 -4.60
CA ILE C 224 12.52 -28.10 -4.45
C ILE C 224 13.37 -28.44 -5.67
N GLY C 225 14.36 -27.60 -5.96
CA GLY C 225 15.35 -27.89 -6.98
C GLY C 225 16.62 -28.43 -6.34
N GLN C 226 16.63 -29.72 -6.03
CA GLN C 226 17.70 -30.32 -5.25
C GLN C 226 19.02 -30.43 -5.99
N THR C 227 19.63 -29.28 -6.29
CA THR C 227 21.01 -29.19 -6.78
C THR C 227 21.97 -29.36 -5.61
N PRO C 228 23.15 -29.97 -5.85
CA PRO C 228 24.05 -30.26 -4.72
C PRO C 228 24.43 -29.04 -3.89
N ALA C 229 24.63 -27.88 -4.52
CA ALA C 229 24.99 -26.70 -3.76
C ALA C 229 23.80 -26.17 -2.96
N TYR C 230 22.64 -26.09 -3.60
CA TYR C 230 21.44 -25.68 -2.88
C TYR C 230 21.09 -26.66 -1.77
N GLN C 231 21.33 -27.96 -1.99
CA GLN C 231 21.03 -28.93 -0.95
C GLN C 231 22.00 -28.81 0.21
N THR C 232 23.29 -28.55 -0.07
CA THR C 232 24.23 -28.36 1.03
C THR C 232 23.89 -27.11 1.84
N VAL C 233 23.57 -26.00 1.16
CA VAL C 233 23.19 -24.80 1.90
C VAL C 233 21.89 -25.01 2.68
N ARG C 234 20.97 -25.81 2.13
CA ARG C 234 19.70 -26.07 2.81
C ARG C 234 19.90 -26.90 4.06
N ASN C 235 20.70 -27.96 3.96
CA ASN C 235 21.01 -28.76 5.14
C ASN C 235 21.81 -27.95 6.16
N MET C 236 22.67 -27.04 5.70
CA MET C 236 23.39 -26.22 6.65
C MET C 236 22.44 -25.31 7.43
N MET C 237 21.49 -24.67 6.73
CA MET C 237 20.55 -23.81 7.44
C MET C 237 19.62 -24.60 8.34
N ASP C 238 19.18 -25.79 7.90
CA ASP C 238 18.23 -26.54 8.72
C ASP C 238 18.91 -27.13 9.96
N LYS C 239 20.18 -27.55 9.86
CA LYS C 239 20.90 -27.93 11.07
C LYS C 239 21.21 -26.73 11.95
N ALA C 240 21.46 -25.56 11.36
CA ALA C 240 21.70 -24.36 12.16
C ALA C 240 20.45 -23.93 12.93
N ALA C 241 19.27 -24.18 12.37
CA ALA C 241 18.04 -23.71 13.01
C ALA C 241 17.78 -24.41 14.34
N GLN C 242 18.24 -25.65 14.51
CA GLN C 242 17.95 -26.38 15.75
C GLN C 242 18.59 -25.70 16.96
N GLY C 243 19.77 -25.12 16.81
CA GLY C 243 20.41 -24.48 17.93
C GLY C 243 20.14 -22.98 18.03
N LYS C 244 20.61 -22.41 19.14
CA LYS C 244 20.55 -20.97 19.38
C LYS C 244 21.81 -20.26 18.90
N VAL C 245 22.79 -21.00 18.37
CA VAL C 245 24.06 -20.40 17.96
C VAL C 245 23.82 -19.34 16.90
N SER C 246 24.49 -18.20 17.05
CA SER C 246 24.40 -17.13 16.07
C SER C 246 24.99 -17.60 14.74
N VAL C 247 24.35 -17.20 13.64
CA VAL C 247 24.75 -17.64 12.31
C VAL C 247 25.19 -16.44 11.49
N LEU C 248 26.31 -16.58 10.79
CA LEU C 248 26.85 -15.53 9.93
C LEU C 248 26.66 -15.92 8.47
N LEU C 249 26.02 -15.03 7.71
CA LEU C 249 25.75 -15.24 6.30
C LEU C 249 26.79 -14.46 5.49
N LEU C 250 27.77 -15.20 4.97
CA LEU C 250 28.78 -14.67 4.07
C LEU C 250 28.34 -14.94 2.64
N GLY C 251 28.33 -13.89 1.81
CA GLY C 251 27.87 -14.06 0.45
C GLY C 251 28.12 -12.87 -0.45
N GLU C 252 27.17 -12.61 -1.35
CA GLU C 252 27.27 -11.51 -2.31
C GLU C 252 26.04 -10.62 -2.18
N THR C 253 26.19 -9.38 -2.61
CA THR C 253 25.11 -8.42 -2.56
C THR C 253 23.94 -8.85 -3.46
N GLY C 254 22.73 -8.63 -2.98
CA GLY C 254 21.53 -8.95 -3.74
C GLY C 254 21.09 -10.39 -3.74
N VAL C 255 21.72 -11.25 -2.93
CA VAL C 255 21.30 -12.65 -2.89
C VAL C 255 20.11 -12.91 -1.99
N GLY C 256 19.66 -11.91 -1.23
CA GLY C 256 18.50 -12.07 -0.39
C GLY C 256 18.73 -12.84 0.89
N LYS C 257 19.73 -12.40 1.68
CA LYS C 257 20.04 -13.09 2.92
C LYS C 257 18.93 -12.94 3.97
N GLU C 258 18.13 -11.87 3.89
CA GLU C 258 17.10 -11.66 4.90
C GLU C 258 16.04 -12.74 4.89
N VAL C 259 15.57 -13.14 3.69
CA VAL C 259 14.59 -14.20 3.62
C VAL C 259 15.22 -15.54 4.01
N ILE C 260 16.52 -15.69 3.80
CA ILE C 260 17.21 -16.89 4.28
C ILE C 260 17.17 -16.93 5.80
N ALA C 261 17.39 -15.79 6.45
CA ALA C 261 17.27 -15.73 7.90
C ALA C 261 15.83 -15.98 8.35
N ARG C 262 14.85 -15.54 7.55
CA ARG C 262 13.46 -15.82 7.89
C ARG C 262 13.17 -17.31 7.85
N SER C 263 13.70 -18.00 6.83
CA SER C 263 13.52 -19.45 6.75
C SER C 263 14.26 -20.16 7.88
N VAL C 264 15.43 -19.65 8.28
CA VAL C 264 16.15 -20.24 9.40
C VAL C 264 15.35 -20.08 10.68
N HIS C 265 14.67 -18.93 10.82
CA HIS C 265 13.84 -18.72 12.00
C HIS C 265 12.61 -19.63 11.98
N LEU C 266 12.00 -19.80 10.81
CA LEU C 266 10.85 -20.70 10.71
C LEU C 266 11.23 -22.15 10.97
N ARG C 267 12.45 -22.55 10.60
CA ARG C 267 12.90 -23.91 10.89
C ARG C 267 13.38 -24.05 12.32
N SER C 268 13.53 -22.94 13.04
CA SER C 268 13.99 -22.94 14.42
C SER C 268 12.82 -23.23 15.36
N LYS C 269 13.16 -23.41 16.64
CA LYS C 269 12.18 -23.69 17.68
C LYS C 269 11.40 -22.45 18.11
N ARG C 270 11.80 -21.27 17.66
CA ARG C 270 11.18 -20.00 18.05
C ARG C 270 10.46 -19.32 16.88
N ALA C 271 9.88 -20.12 15.97
CA ALA C 271 9.29 -19.56 14.77
C ALA C 271 8.10 -18.64 15.07
N ALA C 272 7.32 -18.96 16.11
CA ALA C 272 6.18 -18.12 16.45
C ALA C 272 6.57 -16.78 17.04
N GLU C 273 7.78 -16.68 17.57
CA GLU C 273 8.27 -15.47 18.21
C GLU C 273 8.68 -14.43 17.17
N PRO C 274 8.73 -13.15 17.56
CA PRO C 274 9.03 -12.10 16.58
C PRO C 274 10.40 -12.27 15.93
N PHE C 275 10.47 -11.90 14.66
CA PHE C 275 11.69 -11.88 13.87
C PHE C 275 11.88 -10.47 13.33
N VAL C 276 12.97 -9.81 13.72
CA VAL C 276 13.21 -8.44 13.29
C VAL C 276 14.52 -8.37 12.53
N ALA C 277 14.47 -7.84 11.31
CA ALA C 277 15.66 -7.61 10.50
C ALA C 277 16.08 -6.15 10.62
N VAL C 278 17.40 -5.92 10.61
CA VAL C 278 17.96 -4.58 10.77
C VAL C 278 19.08 -4.42 9.75
N ASN C 279 18.96 -3.41 8.89
CA ASN C 279 20.01 -3.05 7.97
C ASN C 279 20.90 -2.01 8.64
N CYS C 280 22.20 -2.27 8.65
CA CYS C 280 23.17 -1.37 9.28
C CYS C 280 23.58 -0.23 8.37
N ALA C 281 23.11 -0.21 7.12
CA ALA C 281 23.38 0.90 6.23
C ALA C 281 22.77 2.20 6.74
N ALA C 282 21.78 2.11 7.63
CA ALA C 282 21.23 3.29 8.27
C ALA C 282 22.32 4.00 9.07
N ILE C 283 22.17 5.32 9.19
CA ILE C 283 23.25 6.14 9.75
C ILE C 283 23.60 5.65 11.15
N PRO C 284 24.87 5.49 11.49
CA PRO C 284 25.21 4.83 12.75
C PRO C 284 25.98 5.74 13.69
N PRO C 285 25.50 6.96 13.96
CA PRO C 285 26.30 7.87 14.80
C PRO C 285 26.02 7.57 16.26
N ASP C 286 24.91 8.10 16.75
CA ASP C 286 24.34 7.78 18.04
C ASP C 286 22.98 7.12 17.88
N LEU C 287 22.41 7.15 16.68
CA LEU C 287 21.10 6.55 16.43
C LEU C 287 21.15 5.04 16.30
N ILE C 288 22.28 4.48 15.85
CA ILE C 288 22.37 3.02 15.76
C ILE C 288 22.27 2.40 17.14
N GLU C 289 22.92 3.04 18.13
CA GLU C 289 22.89 2.51 19.50
C GLU C 289 21.50 2.68 20.11
N SER C 290 20.89 3.86 19.92
CA SER C 290 19.57 4.11 20.47
C SER C 290 18.49 3.24 19.82
N GLU C 291 18.69 2.86 18.55
CA GLU C 291 17.69 2.02 17.90
C GLU C 291 17.91 0.55 18.23
N LEU C 292 19.16 0.09 18.28
CA LEU C 292 19.43 -1.31 18.58
C LEU C 292 19.16 -1.65 20.03
N PHE C 293 19.44 -0.71 20.94
CA PHE C 293 19.35 -1.00 22.37
C PHE C 293 18.45 -0.05 23.15
N GLY C 294 17.82 0.92 22.50
CA GLY C 294 16.90 1.81 23.20
C GLY C 294 17.60 2.95 23.92
N VAL C 295 16.79 3.74 24.61
CA VAL C 295 17.26 4.87 25.41
C VAL C 295 16.21 5.19 26.45
N GLU C 296 16.65 5.49 27.66
CA GLU C 296 15.77 5.82 28.77
C GLU C 296 15.70 7.33 28.97
N LYS C 297 14.51 7.82 29.34
CA LYS C 297 14.31 9.23 29.58
C LYS C 297 14.92 9.64 30.93
N GLY C 298 15.28 10.91 31.01
CA GLY C 298 15.85 11.45 32.24
C GLY C 298 16.74 12.65 31.94
N ALA C 299 17.29 13.22 33.01
CA ALA C 299 18.22 14.33 32.88
C ALA C 299 19.63 13.88 32.52
N PHE C 300 19.93 12.58 32.62
CA PHE C 300 21.25 12.04 32.28
C PHE C 300 21.46 11.89 30.79
N THR C 301 20.40 12.01 29.98
CA THR C 301 20.52 11.95 28.52
C THR C 301 19.36 12.73 27.93
N GLY C 302 19.54 13.21 26.71
CA GLY C 302 18.53 14.04 26.08
C GLY C 302 17.35 13.27 25.50
N ALA C 303 16.64 12.53 26.35
CA ALA C 303 15.49 11.73 25.92
C ALA C 303 14.25 12.21 26.66
N THR C 304 13.31 12.79 25.93
CA THR C 304 12.03 13.17 26.53
C THR C 304 11.17 11.94 26.78
N GLN C 305 11.10 11.04 25.80
CA GLN C 305 10.36 9.80 25.91
C GLN C 305 11.32 8.62 25.78
N SER C 306 11.17 7.64 26.67
CA SER C 306 11.95 6.41 26.54
C SER C 306 11.49 5.62 25.32
N ARG C 307 12.44 4.96 24.66
CA ARG C 307 12.15 4.22 23.44
C ARG C 307 12.78 2.84 23.51
N MET C 308 11.96 1.82 23.29
CA MET C 308 12.45 0.44 23.30
C MET C 308 13.34 0.17 22.10
N GLY C 309 14.41 -0.59 22.33
CA GLY C 309 15.30 -0.97 21.25
C GLY C 309 14.78 -2.13 20.43
N ARG C 310 15.38 -2.31 19.25
CA ARG C 310 14.95 -3.39 18.36
C ARG C 310 15.27 -4.77 18.95
N PHE C 311 16.33 -4.87 19.76
CA PHE C 311 16.64 -6.16 20.35
C PHE C 311 15.54 -6.63 21.31
N GLU C 312 14.93 -5.69 22.05
CA GLU C 312 13.82 -6.07 22.92
C GLU C 312 12.59 -6.48 22.12
N ARG C 313 12.41 -5.93 20.91
CA ARG C 313 11.31 -6.35 20.06
C ARG C 313 11.49 -7.79 19.62
N ALA C 314 12.74 -8.26 19.55
CA ALA C 314 13.05 -9.64 19.21
C ALA C 314 13.10 -10.55 20.42
N ASP C 315 12.58 -10.09 21.55
CA ASP C 315 12.65 -10.89 22.78
C ASP C 315 12.00 -12.24 22.54
N LYS C 316 12.66 -13.29 23.02
CA LYS C 316 12.28 -14.68 22.80
C LYS C 316 12.32 -15.08 21.33
N GLY C 317 12.78 -14.18 20.46
CA GLY C 317 12.80 -14.43 19.03
C GLY C 317 14.16 -14.35 18.36
N THR C 318 14.21 -13.77 17.16
CA THR C 318 15.42 -13.71 16.35
C THR C 318 15.60 -12.32 15.76
N ILE C 319 16.86 -11.88 15.68
CA ILE C 319 17.21 -10.62 15.05
C ILE C 319 18.23 -10.89 13.96
N PHE C 320 18.01 -10.29 12.80
CA PHE C 320 18.91 -10.34 11.66
C PHE C 320 19.65 -9.01 11.56
N LEU C 321 20.93 -9.06 11.27
CA LEU C 321 21.78 -7.86 11.21
C LEU C 321 22.56 -7.89 9.90
N ASP C 322 22.05 -7.20 8.88
CA ASP C 322 22.78 -7.12 7.62
C ASP C 322 23.90 -6.08 7.73
N GLU C 323 25.01 -6.36 7.05
CA GLU C 323 26.18 -5.48 7.04
C GLU C 323 26.64 -5.16 8.46
N VAL C 324 26.93 -6.23 9.22
CA VAL C 324 27.30 -6.09 10.62
C VAL C 324 28.62 -5.35 10.79
N ILE C 325 29.46 -5.29 9.75
CA ILE C 325 30.73 -4.58 9.83
C ILE C 325 30.51 -3.10 10.09
N GLU C 326 29.39 -2.55 9.65
CA GLU C 326 29.11 -1.12 9.81
C GLU C 326 28.53 -0.78 11.18
N LEU C 327 29.06 -1.38 12.25
CA LEU C 327 28.61 -1.08 13.60
C LEU C 327 29.62 -0.19 14.31
N SER C 328 29.11 0.73 15.13
CA SER C 328 29.98 1.53 15.97
C SER C 328 30.60 0.62 17.04
N PRO C 329 31.81 0.93 17.49
CA PRO C 329 32.48 0.05 18.46
C PRO C 329 31.66 -0.17 19.74
N ARG C 330 30.93 0.85 20.20
CA ARG C 330 30.06 0.65 21.35
C ARG C 330 28.94 -0.33 21.02
N ALA C 331 28.42 -0.28 19.78
CA ALA C 331 27.40 -1.23 19.38
C ALA C 331 27.98 -2.64 19.31
N GLN C 332 29.24 -2.76 18.86
CA GLN C 332 29.87 -4.07 18.83
C GLN C 332 30.05 -4.63 20.23
N ALA C 333 30.39 -3.75 21.19
CA ALA C 333 30.56 -4.20 22.56
C ALA C 333 29.24 -4.64 23.18
N SER C 334 28.18 -3.86 22.93
CA SER C 334 26.86 -4.24 23.46
C SER C 334 26.37 -5.53 22.83
N LEU C 335 26.64 -5.73 21.53
CA LEU C 335 26.24 -6.98 20.89
C LEU C 335 27.03 -8.15 21.45
N LEU C 336 28.32 -7.96 21.73
CA LEU C 336 29.10 -9.02 22.34
C LEU C 336 28.59 -9.36 23.74
N ARG C 337 28.16 -8.34 24.49
CA ARG C 337 27.60 -8.61 25.81
C ARG C 337 26.29 -9.36 25.71
N VAL C 338 25.45 -9.01 24.74
CA VAL C 338 24.20 -9.73 24.54
C VAL C 338 24.47 -11.15 24.10
N LEU C 339 25.52 -11.38 23.32
CA LEU C 339 25.79 -12.69 22.77
C LEU C 339 26.48 -13.61 23.78
N GLN C 340 27.25 -13.07 24.71
CA GLN C 340 27.96 -13.90 25.67
C GLN C 340 27.30 -14.01 27.03
N GLU C 341 26.51 -13.00 27.44
CA GLU C 341 25.86 -13.02 28.74
C GLU C 341 24.34 -12.95 28.67
N GLY C 342 23.76 -12.69 27.51
CA GLY C 342 22.32 -12.63 27.41
C GLY C 342 21.70 -11.43 28.10
N GLU C 343 22.42 -10.32 28.20
CA GLU C 343 21.94 -9.15 28.91
C GLU C 343 22.25 -7.89 28.11
N LEU C 344 21.42 -6.86 28.33
CA LEU C 344 21.64 -5.56 27.75
C LEU C 344 21.00 -4.52 28.64
N GLU C 345 21.44 -3.27 28.47
CA GLU C 345 20.87 -2.14 29.18
C GLU C 345 20.65 -0.99 28.21
N ARG C 346 19.52 -0.32 28.35
CA ARG C 346 19.22 0.81 27.48
C ARG C 346 20.16 1.97 27.76
N VAL C 347 20.41 2.79 26.74
CA VAL C 347 21.30 3.93 26.91
C VAL C 347 20.73 4.85 27.97
N GLY C 348 21.58 5.24 28.92
CA GLY C 348 21.17 6.08 30.02
C GLY C 348 20.44 5.36 31.14
N ASP C 349 20.34 4.03 31.06
CA ASP C 349 19.64 3.24 32.07
C ASP C 349 20.65 2.52 32.96
N ASN C 350 20.37 2.50 34.26
CA ASN C 350 21.27 1.83 35.20
C ASN C 350 20.96 0.35 35.36
N ARG C 351 19.67 0.00 35.43
CA ARG C 351 19.28 -1.39 35.64
C ARG C 351 19.43 -2.21 34.36
N THR C 352 19.62 -3.52 34.53
CA THR C 352 19.85 -4.45 33.43
C THR C 352 18.72 -5.47 33.36
N ARG C 353 18.36 -5.87 32.14
CA ARG C 353 17.35 -6.90 31.93
C ARG C 353 17.89 -7.96 30.97
N LYS C 354 17.68 -9.22 31.32
CA LYS C 354 18.09 -10.34 30.48
C LYS C 354 17.16 -10.48 29.28
N ILE C 355 17.69 -11.06 28.20
CA ILE C 355 16.91 -11.33 26.99
C ILE C 355 17.32 -12.67 26.42
N ASP C 356 16.46 -13.20 25.55
CA ASP C 356 16.68 -14.46 24.84
C ASP C 356 16.46 -14.16 23.36
N VAL C 357 17.52 -13.81 22.65
CA VAL C 357 17.42 -13.37 21.26
C VAL C 357 18.46 -14.12 20.43
N ARG C 358 18.00 -14.88 19.45
CA ARG C 358 18.90 -15.49 18.49
C ARG C 358 19.43 -14.44 17.52
N VAL C 359 20.65 -14.64 17.04
CA VAL C 359 21.34 -13.63 16.24
C VAL C 359 21.75 -14.23 14.90
N ILE C 360 21.41 -13.55 13.82
CA ILE C 360 21.81 -13.94 12.47
C ILE C 360 22.44 -12.69 11.83
N ALA C 361 23.77 -12.64 11.83
CA ALA C 361 24.49 -11.55 11.19
C ALA C 361 24.79 -11.91 9.74
N ALA C 362 25.06 -10.90 8.93
CA ALA C 362 25.39 -11.15 7.53
C ALA C 362 26.29 -10.03 7.01
N THR C 363 27.13 -10.37 6.03
CA THR C 363 28.02 -9.36 5.45
C THR C 363 28.58 -9.87 4.12
N HIS C 364 28.87 -8.92 3.22
CA HIS C 364 29.50 -9.24 1.95
C HIS C 364 31.02 -9.09 1.99
N GLU C 365 31.53 -8.15 2.79
CA GLU C 365 32.96 -7.96 2.94
C GLU C 365 33.56 -9.10 3.78
N ASP C 366 34.82 -9.42 3.51
CA ASP C 366 35.49 -10.46 4.28
C ASP C 366 35.73 -9.94 5.71
N LEU C 367 35.08 -10.60 6.67
CA LEU C 367 35.14 -10.15 8.06
C LEU C 367 36.50 -10.36 8.72
N ALA C 368 37.31 -11.31 8.24
CA ALA C 368 38.64 -11.51 8.83
C ALA C 368 39.52 -10.28 8.64
N GLU C 369 39.61 -9.78 7.42
CA GLU C 369 40.44 -8.60 7.20
C GLU C 369 39.77 -7.34 7.71
N ALA C 370 38.48 -7.40 8.03
CA ALA C 370 37.83 -6.28 8.70
C ALA C 370 38.19 -6.26 10.18
N VAL C 371 38.28 -7.43 10.81
CA VAL C 371 38.82 -7.48 12.17
C VAL C 371 40.26 -7.06 12.18
N LYS C 372 40.99 -7.38 11.11
CA LYS C 372 42.32 -6.82 10.93
C LYS C 372 42.20 -5.32 10.68
N ALA C 373 43.23 -4.59 11.11
CA ALA C 373 43.27 -3.12 11.11
C ALA C 373 42.31 -2.51 12.11
N GLY C 374 41.66 -3.33 12.93
CA GLY C 374 40.88 -2.84 14.06
C GLY C 374 39.47 -2.35 13.74
N ARG C 375 38.97 -2.58 12.53
CA ARG C 375 37.63 -2.11 12.21
C ARG C 375 36.54 -2.91 12.92
N PHE C 376 36.87 -4.10 13.45
CA PHE C 376 35.90 -4.96 14.09
C PHE C 376 36.58 -5.75 15.19
N ARG C 377 35.87 -5.97 16.31
CA ARG C 377 36.46 -6.68 17.43
C ARG C 377 36.61 -8.16 17.12
N ALA C 378 37.71 -8.75 17.62
CA ALA C 378 37.94 -10.18 17.43
C ALA C 378 36.96 -11.04 18.21
N ASP C 379 36.50 -10.55 19.36
CA ASP C 379 35.59 -11.33 20.18
C ASP C 379 34.28 -11.59 19.46
N LEU C 380 33.64 -10.53 18.97
CA LEU C 380 32.39 -10.67 18.26
C LEU C 380 32.58 -11.47 16.98
N TYR C 381 33.74 -11.35 16.34
CA TYR C 381 33.98 -12.09 15.11
C TYR C 381 34.03 -13.59 15.38
N TYR C 382 34.78 -14.01 16.40
CA TYR C 382 34.84 -15.43 16.69
C TYR C 382 33.52 -15.94 17.26
N ARG C 383 32.74 -15.07 17.92
CA ARG C 383 31.44 -15.49 18.39
C ARG C 383 30.43 -15.65 17.25
N LEU C 384 30.61 -14.89 16.17
CA LEU C 384 29.69 -14.96 15.03
C LEU C 384 30.11 -15.98 13.98
N ASN C 385 31.40 -16.29 13.90
CA ASN C 385 31.92 -17.22 12.90
C ASN C 385 31.82 -18.67 13.36
N VAL C 386 31.11 -18.93 14.47
CA VAL C 386 30.99 -20.30 14.95
C VAL C 386 30.28 -21.19 13.94
N PHE C 387 29.31 -20.63 13.22
CA PHE C 387 28.54 -21.37 12.23
C PHE C 387 28.39 -20.54 10.97
N PRO C 388 29.47 -20.37 10.20
CA PRO C 388 29.34 -19.69 8.90
C PRO C 388 28.47 -20.49 7.94
N VAL C 389 27.76 -19.75 7.08
CA VAL C 389 26.95 -20.35 6.03
C VAL C 389 27.19 -19.55 4.74
N ALA C 390 28.02 -20.10 3.86
CA ALA C 390 28.36 -19.42 2.62
C ALA C 390 27.25 -19.62 1.60
N ILE C 391 26.78 -18.53 1.02
CA ILE C 391 25.74 -18.57 -0.01
C ILE C 391 26.44 -18.43 -1.37
N PRO C 392 26.44 -19.47 -2.21
CA PRO C 392 27.13 -19.38 -3.49
C PRO C 392 26.50 -18.37 -4.44
N ALA C 393 27.35 -17.79 -5.29
CA ALA C 393 26.88 -16.96 -6.39
C ALA C 393 26.27 -17.84 -7.48
N LEU C 394 25.41 -17.23 -8.30
CA LEU C 394 24.74 -17.98 -9.36
C LEU C 394 25.72 -18.56 -10.36
N ARG C 395 26.94 -18.01 -10.44
CA ARG C 395 27.92 -18.50 -11.40
C ARG C 395 28.25 -19.97 -11.17
N GLU C 396 28.29 -20.38 -9.90
CA GLU C 396 28.43 -21.79 -9.55
C GLU C 396 27.09 -22.50 -9.43
N ARG C 397 26.00 -21.78 -9.59
CA ARG C 397 24.63 -22.33 -9.55
C ARG C 397 24.05 -22.45 -10.95
N ARG C 398 24.78 -23.12 -11.86
CA ARG C 398 24.35 -23.17 -13.25
C ARG C 398 23.02 -23.90 -13.41
N GLU C 399 22.77 -24.92 -12.60
CA GLU C 399 21.56 -25.74 -12.77
C GLU C 399 20.33 -25.12 -12.12
N ASP C 400 20.50 -24.17 -11.20
CA ASP C 400 19.34 -23.52 -10.59
C ASP C 400 18.78 -22.39 -11.43
N ILE C 401 19.50 -21.93 -12.46
CA ILE C 401 19.02 -20.80 -13.25
C ILE C 401 17.69 -21.07 -13.93
N PRO C 402 17.48 -22.20 -14.64
CA PRO C 402 16.17 -22.38 -15.30
C PRO C 402 14.99 -22.39 -14.35
N LEU C 403 15.05 -23.20 -13.29
CA LEU C 403 13.91 -23.30 -12.39
C LEU C 403 13.54 -21.92 -11.87
N LEU C 404 14.55 -21.15 -11.45
CA LEU C 404 14.28 -19.80 -10.97
C LEU C 404 13.53 -19.00 -12.02
N VAL C 405 14.08 -18.92 -13.24
CA VAL C 405 13.44 -18.05 -14.23
C VAL C 405 12.04 -18.55 -14.51
N GLU C 406 11.84 -19.88 -14.50
CA GLU C 406 10.50 -20.40 -14.73
C GLU C 406 9.53 -19.87 -13.68
N HIS C 407 9.93 -19.99 -12.41
CA HIS C 407 9.06 -19.47 -11.36
C HIS C 407 8.86 -17.98 -11.54
N PHE C 408 9.94 -17.26 -11.87
CA PHE C 408 9.81 -15.82 -12.05
C PHE C 408 8.90 -15.51 -13.22
N LEU C 409 8.95 -16.33 -14.28
CA LEU C 409 8.05 -16.11 -15.39
C LEU C 409 6.62 -16.17 -14.89
N GLN C 410 6.28 -17.25 -14.19
CA GLN C 410 4.93 -17.38 -13.65
C GLN C 410 4.65 -16.28 -12.65
N ARG C 411 5.67 -15.83 -11.93
CA ARG C 411 5.47 -14.75 -10.97
C ARG C 411 5.20 -13.42 -11.68
N PHE C 412 5.84 -13.18 -12.82
CA PHE C 412 5.68 -11.88 -13.47
C PHE C 412 4.70 -11.87 -14.64
N HIS C 413 4.32 -13.03 -15.18
CA HIS C 413 3.33 -13.01 -16.26
C HIS C 413 1.97 -12.54 -15.77
N GLN C 414 1.68 -12.73 -14.48
CA GLN C 414 0.43 -12.27 -13.89
C GLN C 414 0.45 -10.80 -13.51
N GLU C 415 1.60 -10.14 -13.60
CA GLU C 415 1.79 -8.76 -13.16
C GLU C 415 1.31 -7.81 -14.27
N TYR C 416 0.01 -7.56 -14.28
CA TYR C 416 -0.64 -6.59 -15.17
C TYR C 416 -0.44 -6.90 -16.64
N GLY C 417 -0.12 -8.14 -17.00
CA GLY C 417 0.13 -8.39 -18.40
C GLY C 417 -0.53 -9.62 -19.01
N LYS C 418 -0.70 -10.68 -18.23
CA LYS C 418 -1.21 -11.98 -18.67
C LYS C 418 -0.65 -12.34 -20.06
N ARG C 419 0.67 -12.50 -20.10
CA ARG C 419 1.38 -12.63 -21.36
C ARG C 419 1.94 -14.04 -21.56
N THR C 420 2.97 -14.14 -22.40
CA THR C 420 3.51 -15.42 -22.86
C THR C 420 4.31 -16.14 -21.78
N LEU C 421 4.41 -17.46 -21.96
CA LEU C 421 5.21 -18.34 -21.12
C LEU C 421 6.46 -18.83 -21.84
N GLY C 422 6.77 -18.27 -23.01
CA GLY C 422 7.89 -18.76 -23.78
C GLY C 422 9.22 -18.42 -23.14
N LEU C 423 10.24 -19.10 -23.61
CA LEU C 423 11.61 -18.99 -23.10
C LEU C 423 12.62 -18.65 -24.17
N SER C 424 12.47 -19.18 -25.38
CA SER C 424 13.41 -18.99 -26.47
C SER C 424 14.78 -19.54 -26.09
N ASP C 425 15.05 -20.80 -26.46
CA ASP C 425 16.22 -21.51 -26.00
C ASP C 425 17.53 -20.77 -26.27
N LYS C 426 17.58 -19.97 -27.35
CA LYS C 426 18.77 -19.18 -27.60
C LYS C 426 19.01 -18.17 -26.47
N ALA C 427 17.93 -17.54 -26.00
CA ALA C 427 18.06 -16.64 -24.86
C ALA C 427 18.43 -17.39 -23.59
N LEU C 428 17.94 -18.63 -23.43
CA LEU C 428 18.28 -19.40 -22.25
C LEU C 428 19.76 -19.79 -22.25
N GLU C 429 20.29 -20.19 -23.41
CA GLU C 429 21.71 -20.50 -23.48
C GLU C 429 22.55 -19.25 -23.29
N ALA C 430 22.05 -18.10 -23.72
CA ALA C 430 22.74 -16.84 -23.43
C ALA C 430 22.70 -16.53 -21.93
N CYS C 431 21.62 -16.92 -21.25
CA CYS C 431 21.50 -16.64 -19.83
C CYS C 431 22.39 -17.54 -18.98
N LEU C 432 22.51 -18.82 -19.35
CA LEU C 432 23.36 -19.72 -18.56
C LEU C 432 24.83 -19.32 -18.64
N HIS C 433 25.23 -18.68 -19.74
CA HIS C 433 26.61 -18.24 -19.93
C HIS C 433 26.72 -16.74 -19.60
N TYR C 434 26.67 -16.44 -18.30
CA TYR C 434 26.76 -15.06 -17.86
C TYR C 434 27.28 -15.03 -16.43
N SER C 435 28.12 -14.02 -16.13
CA SER C 435 28.72 -13.90 -14.81
C SER C 435 27.70 -13.53 -13.75
N TRP C 436 26.63 -12.82 -14.11
CA TRP C 436 25.63 -12.34 -13.17
C TRP C 436 26.26 -11.61 -11.99
N PRO C 437 26.81 -10.41 -12.17
CA PRO C 437 27.34 -9.67 -11.01
C PRO C 437 26.27 -9.42 -9.95
N GLY C 438 25.02 -9.20 -10.39
CA GLY C 438 23.89 -9.20 -9.51
C GLY C 438 23.17 -10.54 -9.66
N ASN C 439 23.05 -11.26 -8.55
CA ASN C 439 22.55 -12.63 -8.61
C ASN C 439 21.05 -12.67 -8.90
N ILE C 440 20.21 -12.46 -7.90
CA ILE C 440 18.78 -12.61 -8.11
C ILE C 440 18.12 -11.28 -8.50
N ARG C 441 18.59 -10.16 -7.96
CA ARG C 441 17.98 -8.87 -8.31
C ARG C 441 18.17 -8.57 -9.79
N GLU C 442 19.40 -8.77 -10.29
CA GLU C 442 19.65 -8.50 -11.71
C GLU C 442 18.89 -9.46 -12.60
N LEU C 443 18.72 -10.72 -12.18
CA LEU C 443 18.00 -11.66 -13.03
C LEU C 443 16.51 -11.31 -13.08
N GLU C 444 15.93 -10.92 -11.94
CA GLU C 444 14.54 -10.48 -11.98
C GLU C 444 14.38 -9.19 -12.79
N ASN C 445 15.38 -8.31 -12.73
CA ASN C 445 15.31 -7.07 -13.50
C ASN C 445 15.37 -7.34 -14.99
N VAL C 446 16.30 -8.21 -15.42
CA VAL C 446 16.38 -8.54 -16.84
C VAL C 446 15.17 -9.33 -17.29
N ILE C 447 14.56 -10.14 -16.41
CA ILE C 447 13.35 -10.86 -16.81
C ILE C 447 12.20 -9.87 -17.03
N GLU C 448 12.11 -8.84 -16.19
CA GLU C 448 11.10 -7.81 -16.43
C GLU C 448 11.39 -7.03 -17.71
N ARG C 449 12.68 -6.76 -17.97
CA ARG C 449 13.05 -6.05 -19.19
C ARG C 449 12.73 -6.86 -20.44
N GLY C 450 12.87 -8.19 -20.36
CA GLY C 450 12.47 -9.03 -21.47
C GLY C 450 10.97 -9.09 -21.63
N ILE C 451 10.24 -9.01 -20.51
CA ILE C 451 8.80 -8.91 -20.57
C ILE C 451 8.36 -7.60 -21.22
N ILE C 452 9.19 -6.55 -21.11
CA ILE C 452 8.82 -5.24 -21.65
C ILE C 452 8.62 -5.30 -23.16
N LEU C 453 9.59 -5.87 -23.88
CA LEU C 453 9.50 -5.90 -25.34
C LEU C 453 8.94 -7.23 -25.84
N THR C 454 7.86 -7.69 -25.24
CA THR C 454 7.16 -8.87 -25.75
C THR C 454 5.69 -8.55 -25.90
N ASP C 455 5.21 -8.58 -27.14
CA ASP C 455 3.80 -8.51 -27.44
C ASP C 455 3.24 -9.88 -27.07
N PRO C 456 1.92 -10.02 -26.88
CA PRO C 456 1.41 -11.34 -26.47
C PRO C 456 1.65 -12.45 -27.50
N ASN C 457 2.67 -12.25 -28.34
CA ASN C 457 3.26 -13.33 -29.11
C ASN C 457 3.91 -14.32 -28.15
N GLU C 458 3.78 -15.61 -28.44
CA GLU C 458 4.18 -16.66 -27.50
C GLU C 458 5.69 -16.95 -27.57
N SER C 459 6.52 -15.95 -27.26
CA SER C 459 7.97 -16.16 -27.19
C SER C 459 8.76 -14.96 -26.68
N ILE C 460 9.57 -15.15 -25.63
CA ILE C 460 10.50 -14.13 -25.19
C ILE C 460 11.56 -13.92 -26.27
N SER C 461 11.86 -12.66 -26.59
CA SER C 461 12.83 -12.37 -27.63
C SER C 461 14.25 -12.68 -27.17
N VAL C 462 15.07 -13.19 -28.10
CA VAL C 462 16.48 -13.41 -27.79
C VAL C 462 17.21 -12.08 -27.62
N GLN C 463 16.85 -11.08 -28.44
CA GLN C 463 17.49 -9.77 -28.39
C GLN C 463 16.90 -8.86 -27.32
N ALA C 464 15.76 -9.23 -26.74
CA ALA C 464 15.20 -8.39 -25.68
C ALA C 464 16.12 -8.31 -24.47
N LEU C 465 16.89 -9.37 -24.23
CA LEU C 465 17.86 -9.40 -23.15
C LEU C 465 19.23 -9.00 -23.69
N PHE C 466 19.95 -8.16 -22.93
CA PHE C 466 21.27 -7.65 -23.27
C PHE C 466 21.42 -7.42 -24.77
N PRO C 467 20.81 -6.36 -25.29
CA PRO C 467 20.90 -6.07 -26.72
C PRO C 467 22.31 -5.68 -27.14
N ARG C 468 22.55 -5.76 -28.45
CA ARG C 468 23.88 -5.50 -29.00
C ARG C 468 24.41 -4.13 -28.63
N ALA C 469 23.52 -3.15 -28.41
CA ALA C 469 23.96 -1.83 -28.00
C ALA C 469 22.86 -1.10 -27.25
N MET D 1 -48.68 -43.76 -22.33
CA MET D 1 -49.18 -44.12 -23.64
C MET D 1 -50.65 -43.70 -23.76
N ASP D 2 -51.32 -44.14 -24.83
CA ASP D 2 -52.71 -43.80 -25.11
C ASP D 2 -52.86 -42.29 -25.23
N PRO D 3 -52.43 -41.70 -26.36
CA PRO D 3 -52.36 -40.23 -26.46
C PRO D 3 -53.70 -39.54 -26.25
N GLU D 4 -54.55 -39.54 -27.28
CA GLU D 4 -55.87 -38.92 -27.23
C GLU D 4 -55.81 -37.45 -26.83
N PHE D 5 -54.81 -36.74 -27.35
CA PHE D 5 -54.76 -35.30 -27.25
C PHE D 5 -54.50 -34.63 -28.59
N THR D 6 -54.41 -35.41 -29.68
CA THR D 6 -54.23 -34.85 -31.01
C THR D 6 -55.43 -34.04 -31.47
N ASN D 7 -56.61 -34.31 -30.94
CA ASN D 7 -57.78 -33.52 -31.33
C ASN D 7 -57.71 -32.10 -30.78
N LEU D 8 -56.96 -31.88 -29.71
CA LEU D 8 -56.84 -30.56 -29.09
C LEU D 8 -55.67 -29.74 -29.62
N ILE D 9 -54.82 -30.31 -30.49
CA ILE D 9 -53.66 -29.58 -30.99
C ILE D 9 -54.06 -28.85 -32.27
N HIS D 10 -55.21 -28.18 -32.22
CA HIS D 10 -55.69 -27.40 -33.35
C HIS D 10 -54.74 -26.24 -33.64
N PHE D 11 -54.52 -25.96 -34.92
CA PHE D 11 -53.62 -24.88 -35.30
C PHE D 11 -54.04 -24.31 -36.65
N GLN D 12 -53.71 -23.04 -36.85
CA GLN D 12 -54.02 -22.31 -38.08
C GLN D 12 -52.72 -21.92 -38.77
N SER D 13 -52.41 -22.58 -39.89
CA SER D 13 -51.15 -22.32 -40.60
C SER D 13 -51.14 -20.96 -41.29
N THR D 14 -52.30 -20.42 -41.64
CA THR D 14 -52.34 -19.19 -42.43
C THR D 14 -51.73 -18.01 -41.69
N GLU D 15 -51.92 -17.95 -40.38
CA GLU D 15 -51.37 -16.87 -39.56
C GLU D 15 -50.00 -17.19 -38.98
N GLY D 16 -49.44 -18.35 -39.31
CA GLY D 16 -48.13 -18.70 -38.80
C GLY D 16 -48.10 -19.00 -37.31
N LYS D 17 -49.15 -19.63 -36.78
CA LYS D 17 -49.25 -19.92 -35.36
C LYS D 17 -49.75 -21.35 -35.17
N ILE D 18 -49.31 -21.96 -34.06
CA ILE D 18 -49.73 -23.30 -33.67
C ILE D 18 -50.31 -23.21 -32.26
N TRP D 19 -51.42 -23.90 -32.03
CA TRP D 19 -52.11 -23.80 -30.76
C TRP D 19 -52.31 -25.19 -30.15
N LEU D 20 -52.48 -25.19 -28.82
CA LEU D 20 -52.81 -26.40 -28.07
C LEU D 20 -53.63 -25.93 -26.88
N GLY D 21 -54.93 -26.18 -26.90
CA GLY D 21 -55.78 -25.57 -25.91
C GLY D 21 -55.70 -24.07 -26.07
N GLU D 22 -55.52 -23.36 -24.97
CA GLU D 22 -55.33 -21.92 -25.01
C GLU D 22 -53.85 -21.55 -25.07
N GLN D 23 -52.94 -22.52 -25.08
CA GLN D 23 -51.50 -22.23 -25.05
C GLN D 23 -50.92 -22.25 -26.45
N ARG D 24 -50.12 -21.21 -26.76
CA ARG D 24 -49.38 -21.17 -28.00
C ARG D 24 -48.25 -22.20 -27.98
N MET D 25 -47.91 -22.71 -29.16
CA MET D 25 -46.89 -23.73 -29.30
C MET D 25 -45.91 -23.37 -30.40
N LEU D 26 -44.76 -24.01 -30.37
CA LEU D 26 -43.71 -23.80 -31.35
C LEU D 26 -43.09 -25.15 -31.70
N LEU D 27 -42.64 -25.28 -32.95
CA LEU D 27 -42.07 -26.52 -33.46
C LEU D 27 -40.61 -26.27 -33.82
N LEU D 28 -39.69 -26.81 -33.02
CA LEU D 28 -38.27 -26.60 -33.22
C LEU D 28 -37.60 -27.85 -33.78
N GLN D 29 -36.54 -27.62 -34.55
CA GLN D 29 -35.75 -28.69 -35.15
C GLN D 29 -34.86 -29.36 -34.12
N VAL D 30 -34.56 -30.64 -34.34
CA VAL D 30 -33.72 -31.39 -33.41
C VAL D 30 -32.24 -31.17 -33.70
N SER D 31 -31.85 -31.06 -34.97
CA SER D 31 -30.43 -30.85 -35.29
C SER D 31 -29.94 -29.52 -34.75
N ALA D 32 -30.80 -28.50 -34.77
CA ALA D 32 -30.43 -27.22 -34.18
C ALA D 32 -30.20 -27.35 -32.69
N MET D 33 -31.03 -28.15 -32.01
CA MET D 33 -30.81 -28.40 -30.60
C MET D 33 -29.54 -29.20 -30.35
N ALA D 34 -29.16 -30.07 -31.30
CA ALA D 34 -27.92 -30.82 -31.14
C ALA D 34 -26.71 -29.91 -31.20
N SER D 35 -26.66 -29.04 -32.21
CA SER D 35 -25.57 -28.06 -32.27
C SER D 35 -25.61 -27.12 -31.08
N PHE D 36 -26.83 -26.81 -30.61
CA PHE D 36 -27.00 -25.92 -29.46
C PHE D 36 -26.36 -26.53 -28.21
N ARG D 37 -26.70 -27.78 -27.91
CA ARG D 37 -26.13 -28.47 -26.76
C ARG D 37 -24.64 -28.69 -26.91
N ARG D 38 -24.17 -28.92 -28.14
CA ARG D 38 -22.73 -29.10 -28.34
C ARG D 38 -21.97 -27.83 -27.97
N GLU D 39 -22.37 -26.70 -28.53
CA GLU D 39 -21.71 -25.44 -28.19
C GLU D 39 -21.93 -25.06 -26.73
N MET D 40 -23.08 -25.44 -26.16
CA MET D 40 -23.35 -25.16 -24.76
C MET D 40 -22.35 -25.88 -23.85
N VAL D 41 -22.17 -27.18 -24.08
CA VAL D 41 -21.20 -27.93 -23.30
C VAL D 41 -19.78 -27.43 -23.56
N ASN D 42 -19.51 -26.99 -24.78
CA ASN D 42 -18.16 -26.50 -25.09
C ASN D 42 -17.85 -25.19 -24.38
N THR D 43 -18.87 -24.39 -24.06
CA THR D 43 -18.65 -23.09 -23.44
C THR D 43 -19.19 -22.97 -22.02
N LEU D 44 -19.52 -24.10 -21.38
CA LEU D 44 -20.09 -24.02 -20.03
C LEU D 44 -19.69 -25.21 -19.18
N GLY D 45 -19.04 -26.20 -19.78
CA GLY D 45 -18.74 -27.41 -19.06
C GLY D 45 -19.92 -28.36 -19.09
N ILE D 46 -19.79 -29.46 -18.36
CA ILE D 46 -20.81 -30.50 -18.34
C ILE D 46 -21.73 -30.36 -17.13
N GLU D 47 -21.18 -30.15 -15.93
CA GLU D 47 -22.03 -30.05 -14.76
C GLU D 47 -22.97 -28.84 -14.85
N ARG D 48 -22.44 -27.72 -15.35
CA ARG D 48 -23.24 -26.51 -15.44
C ARG D 48 -24.32 -26.63 -16.51
N ALA D 49 -23.97 -27.14 -17.69
CA ALA D 49 -24.97 -27.34 -18.72
C ALA D 49 -26.02 -28.37 -18.30
N LYS D 50 -25.60 -29.39 -17.54
CA LYS D 50 -26.54 -30.38 -17.04
C LYS D 50 -27.53 -29.73 -16.07
N GLY D 51 -27.03 -28.89 -15.16
CA GLY D 51 -27.93 -28.22 -14.24
C GLY D 51 -28.85 -27.24 -14.96
N PHE D 52 -28.35 -26.58 -15.99
CA PHE D 52 -29.17 -25.64 -16.74
C PHE D 52 -30.31 -26.34 -17.46
N PHE D 53 -29.99 -27.44 -18.16
CA PHE D 53 -31.04 -28.20 -18.83
C PHE D 53 -31.99 -28.83 -17.83
N LEU D 54 -31.50 -29.20 -16.64
CA LEU D 54 -32.37 -29.74 -15.61
C LEU D 54 -33.36 -28.69 -15.11
N ARG D 55 -32.88 -27.46 -14.89
CA ARG D 55 -33.78 -26.40 -14.46
C ARG D 55 -34.80 -26.06 -15.53
N GLN D 56 -34.38 -26.09 -16.80
CA GLN D 56 -35.32 -25.79 -17.88
C GLN D 56 -36.36 -26.89 -18.03
N GLY D 57 -35.96 -28.15 -17.82
CA GLY D 57 -36.93 -29.21 -17.83
C GLY D 57 -37.90 -29.12 -16.68
N TYR D 58 -37.41 -28.67 -15.51
CA TYR D 58 -38.29 -28.47 -14.37
C TYR D 58 -39.31 -27.36 -14.63
N GLN D 59 -38.87 -26.26 -15.24
CA GLN D 59 -39.81 -25.19 -15.53
C GLN D 59 -40.83 -25.61 -16.59
N SER D 60 -40.36 -26.32 -17.63
CA SER D 60 -41.29 -26.81 -18.64
C SER D 60 -42.26 -27.83 -18.04
N GLY D 61 -41.80 -28.62 -17.07
CA GLY D 61 -42.69 -29.57 -16.45
C GLY D 61 -43.75 -28.91 -15.57
N LEU D 62 -43.37 -27.84 -14.88
CA LEU D 62 -44.37 -27.12 -14.10
C LEU D 62 -45.39 -26.46 -15.01
N LYS D 63 -44.94 -25.90 -16.15
CA LYS D 63 -45.88 -25.30 -17.09
C LYS D 63 -46.81 -26.35 -17.69
N ASP D 64 -46.27 -27.52 -18.06
CA ASP D 64 -47.10 -28.57 -18.60
C ASP D 64 -48.03 -29.15 -17.54
N ALA D 65 -47.64 -29.13 -16.27
CA ALA D 65 -48.54 -29.57 -15.21
C ALA D 65 -49.72 -28.60 -15.07
N GLU D 66 -49.43 -27.30 -15.15
CA GLU D 66 -50.53 -26.34 -15.14
C GLU D 66 -51.43 -26.53 -16.35
N LEU D 67 -50.84 -26.84 -17.50
CA LEU D 67 -51.63 -27.04 -18.71
C LEU D 67 -52.52 -28.27 -18.59
N ALA D 68 -51.96 -29.39 -18.12
CA ALA D 68 -52.74 -30.60 -17.97
C ALA D 68 -53.83 -30.44 -16.94
N ARG D 69 -53.57 -29.68 -15.86
CA ARG D 69 -54.62 -29.41 -14.89
C ARG D 69 -55.72 -28.55 -15.50
N LYS D 70 -55.38 -27.64 -16.41
CA LYS D 70 -56.40 -26.87 -17.10
C LYS D 70 -57.16 -27.68 -18.14
N LEU D 71 -56.55 -28.78 -18.63
CA LEU D 71 -57.20 -29.55 -19.69
C LEU D 71 -58.29 -30.48 -19.16
N ARG D 72 -57.97 -31.33 -18.18
CA ARG D 72 -58.92 -32.29 -17.60
C ARG D 72 -58.91 -32.10 -16.09
N PRO D 73 -59.60 -31.08 -15.59
CA PRO D 73 -59.59 -30.82 -14.13
C PRO D 73 -60.12 -31.94 -13.27
N ASN D 74 -61.15 -32.67 -13.72
CA ASN D 74 -61.80 -33.68 -12.89
C ASN D 74 -61.65 -35.09 -13.43
N ALA D 75 -60.55 -35.39 -14.11
CA ALA D 75 -60.34 -36.74 -14.63
C ALA D 75 -60.23 -37.76 -13.50
N SER D 76 -59.01 -37.97 -13.02
CA SER D 76 -58.71 -38.92 -11.95
C SER D 76 -57.26 -38.69 -11.55
N GLU D 77 -56.87 -39.26 -10.42
CA GLU D 77 -55.49 -39.11 -9.96
C GLU D 77 -54.52 -39.71 -10.97
N TYR D 78 -54.68 -41.00 -11.27
CA TYR D 78 -53.83 -41.64 -12.26
C TYR D 78 -54.04 -41.04 -13.64
N ASP D 79 -55.28 -40.69 -13.98
CA ASP D 79 -55.54 -40.12 -15.31
C ASP D 79 -54.89 -38.75 -15.46
N MET D 80 -54.83 -37.98 -14.37
CA MET D 80 -54.15 -36.69 -14.42
C MET D 80 -52.63 -36.86 -14.46
N PHE D 81 -52.10 -37.79 -13.66
CA PHE D 81 -50.65 -38.00 -13.65
C PHE D 81 -50.14 -38.56 -14.98
N LEU D 82 -50.93 -39.38 -15.67
CA LEU D 82 -50.47 -39.98 -16.92
C LEU D 82 -50.36 -38.96 -18.03
N ALA D 83 -50.99 -37.78 -17.87
CA ALA D 83 -50.90 -36.74 -18.90
C ALA D 83 -49.47 -36.27 -19.11
N GLY D 84 -48.62 -36.35 -18.08
CA GLY D 84 -47.23 -35.96 -18.20
C GLY D 84 -46.51 -36.77 -19.24
N PRO D 85 -46.39 -38.07 -19.00
CA PRO D 85 -45.79 -38.95 -20.04
C PRO D 85 -46.54 -38.88 -21.35
N GLN D 86 -47.87 -38.71 -21.31
CA GLN D 86 -48.60 -38.52 -22.55
C GLN D 86 -48.21 -37.22 -23.24
N LEU D 87 -47.90 -36.17 -22.48
CA LEU D 87 -47.39 -34.95 -23.09
C LEU D 87 -46.01 -35.17 -23.69
N HIS D 88 -45.19 -36.03 -23.06
CA HIS D 88 -43.90 -36.35 -23.62
C HIS D 88 -44.05 -37.06 -24.96
N SER D 89 -44.97 -38.03 -25.02
CA SER D 89 -45.22 -38.74 -26.27
C SER D 89 -45.84 -37.82 -27.32
N LEU D 90 -46.65 -36.85 -26.90
CA LEU D 90 -47.32 -35.97 -27.85
C LEU D 90 -46.35 -34.97 -28.46
N LYS D 91 -45.42 -34.46 -27.66
CA LYS D 91 -44.49 -33.44 -28.12
C LYS D 91 -43.27 -34.01 -28.83
N GLY D 92 -43.16 -35.33 -28.93
CA GLY D 92 -42.06 -35.95 -29.65
C GLY D 92 -40.76 -36.09 -28.90
N LEU D 93 -40.76 -35.85 -27.58
CA LEU D 93 -39.53 -35.97 -26.81
C LEU D 93 -39.11 -37.43 -26.66
N VAL D 94 -39.94 -38.26 -26.02
CA VAL D 94 -39.61 -39.64 -25.73
C VAL D 94 -40.88 -40.47 -25.77
N LYS D 95 -40.71 -41.77 -25.98
CA LYS D 95 -41.81 -42.71 -25.80
C LYS D 95 -41.66 -43.34 -24.42
N VAL D 96 -42.76 -43.36 -23.65
CA VAL D 96 -42.76 -43.76 -22.25
C VAL D 96 -43.31 -45.17 -22.11
N ARG D 97 -42.63 -45.99 -21.30
CA ARG D 97 -43.06 -47.35 -21.00
C ARG D 97 -42.99 -47.55 -19.49
N PRO D 98 -44.04 -47.15 -18.77
CA PRO D 98 -44.04 -47.31 -17.31
C PRO D 98 -44.21 -48.75 -16.86
N THR D 99 -43.14 -49.37 -16.35
CA THR D 99 -43.23 -50.76 -15.93
C THR D 99 -43.88 -50.94 -14.56
N GLU D 100 -43.96 -49.87 -13.76
CA GLU D 100 -44.59 -49.96 -12.44
C GLU D 100 -44.98 -48.56 -11.99
N VAL D 101 -46.14 -48.47 -11.33
CA VAL D 101 -46.66 -47.20 -10.83
C VAL D 101 -47.35 -47.45 -9.48
N ASP D 102 -47.22 -46.50 -8.58
CA ASP D 102 -47.88 -46.57 -7.26
C ASP D 102 -48.08 -45.15 -6.78
N ILE D 103 -49.35 -44.71 -6.71
CA ILE D 103 -49.66 -43.32 -6.39
C ILE D 103 -50.89 -43.28 -5.49
N ASP D 104 -50.85 -42.39 -4.50
CA ASP D 104 -52.01 -42.11 -3.64
C ASP D 104 -51.83 -40.68 -3.13
N LYS D 105 -52.60 -39.74 -3.68
CA LYS D 105 -52.41 -38.33 -3.37
C LYS D 105 -52.63 -38.02 -1.90
N GLU D 106 -53.56 -38.73 -1.25
CA GLU D 106 -53.88 -38.40 0.13
C GLU D 106 -52.81 -38.90 1.09
N SER D 107 -52.37 -40.15 0.93
CA SER D 107 -51.38 -40.72 1.84
C SER D 107 -49.97 -40.24 1.56
N GLY D 108 -49.72 -39.62 0.40
CA GLY D 108 -48.39 -39.15 0.05
C GLY D 108 -47.48 -40.20 -0.52
N ARG D 109 -47.95 -41.43 -0.71
CA ARG D 109 -47.12 -42.48 -1.28
C ARG D 109 -46.88 -42.24 -2.76
N PHE D 110 -45.66 -42.57 -3.21
CA PHE D 110 -45.31 -42.43 -4.62
C PHE D 110 -44.14 -43.33 -4.92
N TYR D 111 -44.19 -43.98 -6.08
CA TYR D 111 -43.10 -44.78 -6.61
C TYR D 111 -43.37 -45.04 -8.08
N ALA D 112 -42.31 -45.04 -8.89
CA ALA D 112 -42.49 -45.37 -10.30
C ALA D 112 -41.17 -45.79 -10.91
N GLU D 113 -41.26 -46.60 -11.97
CA GLU D 113 -40.10 -46.94 -12.79
C GLU D 113 -40.56 -47.02 -14.23
N MET D 114 -39.84 -46.32 -15.11
CA MET D 114 -40.27 -46.19 -16.49
C MET D 114 -39.09 -46.31 -17.43
N GLU D 115 -39.39 -46.65 -18.68
CA GLU D 115 -38.41 -46.74 -19.76
C GLU D 115 -38.65 -45.60 -20.75
N TRP D 116 -37.55 -44.94 -21.14
CA TRP D 116 -37.58 -43.83 -22.09
C TRP D 116 -36.95 -44.33 -23.39
N ILE D 117 -37.77 -44.64 -24.39
CA ILE D 117 -37.26 -45.12 -25.66
C ILE D 117 -37.26 -43.98 -26.67
N ASP D 118 -36.23 -43.98 -27.53
CA ASP D 118 -36.04 -42.99 -28.59
C ASP D 118 -36.00 -41.57 -28.03
N SER D 119 -35.24 -41.39 -26.95
CA SER D 119 -35.06 -40.06 -26.39
C SER D 119 -34.32 -39.18 -27.38
N PHE D 120 -34.79 -37.94 -27.53
CA PHE D 120 -34.10 -37.03 -28.45
C PHE D 120 -32.72 -36.65 -27.92
N GLU D 121 -32.54 -36.68 -26.59
CA GLU D 121 -31.24 -36.34 -26.03
C GLU D 121 -30.18 -37.38 -26.36
N VAL D 122 -30.55 -38.67 -26.36
CA VAL D 122 -29.57 -39.67 -26.77
C VAL D 122 -29.30 -39.56 -28.27
N GLU D 123 -30.28 -39.09 -29.05
CA GLU D 123 -30.04 -38.92 -30.49
C GLU D 123 -29.08 -37.76 -30.76
N ILE D 124 -29.24 -36.65 -30.05
CA ILE D 124 -28.29 -35.55 -30.20
C ILE D 124 -26.94 -35.92 -29.60
N SER D 125 -26.94 -36.83 -28.60
CA SER D 125 -25.69 -37.28 -28.00
C SER D 125 -24.84 -38.05 -28.98
N GLN D 126 -25.46 -38.71 -29.97
CA GLN D 126 -24.69 -39.39 -31.00
C GLN D 126 -23.92 -38.38 -31.85
N THR D 127 -24.40 -37.13 -31.92
CA THR D 127 -23.66 -36.09 -32.62
C THR D 127 -22.55 -35.52 -31.75
N ASP D 128 -22.82 -35.32 -30.46
CA ASP D 128 -21.83 -34.84 -29.50
C ASP D 128 -21.57 -35.96 -28.49
N LEU D 129 -20.54 -36.77 -28.76
CA LEU D 129 -20.21 -37.91 -27.92
C LEU D 129 -18.75 -37.84 -27.50
N GLY D 130 -18.42 -38.66 -26.50
CA GLY D 130 -17.08 -38.74 -25.96
C GLY D 130 -17.00 -39.78 -24.86
N GLN D 131 -16.77 -39.34 -23.63
CA GLN D 131 -16.80 -40.30 -22.52
C GLN D 131 -18.23 -40.71 -22.19
N MET D 132 -19.12 -39.73 -22.02
CA MET D 132 -20.55 -39.97 -21.82
C MET D 132 -20.79 -41.03 -20.74
N GLN D 133 -20.05 -40.93 -19.64
CA GLN D 133 -20.10 -41.93 -18.59
C GLN D 133 -21.22 -41.69 -17.58
N ASP D 134 -21.98 -40.61 -17.74
CA ASP D 134 -23.13 -40.31 -16.89
C ASP D 134 -24.39 -40.14 -17.75
N PRO D 135 -25.57 -40.37 -17.18
CA PRO D 135 -26.80 -40.32 -17.98
C PRO D 135 -27.02 -38.94 -18.61
N VAL D 136 -27.54 -38.94 -19.83
CA VAL D 136 -27.66 -37.72 -20.63
C VAL D 136 -29.08 -37.15 -20.68
N CYS D 137 -30.11 -37.95 -20.40
CA CYS D 137 -31.50 -37.48 -20.51
C CYS D 137 -31.79 -36.54 -19.34
N TRP D 138 -31.37 -35.29 -19.51
CA TRP D 138 -31.44 -34.28 -18.46
C TRP D 138 -32.80 -33.57 -18.42
N THR D 139 -33.21 -32.96 -19.55
CA THR D 139 -34.49 -32.26 -19.57
C THR D 139 -35.65 -33.22 -19.32
N LEU D 140 -35.53 -34.47 -19.76
CA LEU D 140 -36.56 -35.45 -19.47
C LEU D 140 -36.66 -35.67 -17.96
N LEU D 141 -35.53 -35.79 -17.29
CA LEU D 141 -35.53 -36.04 -15.86
C LEU D 141 -36.07 -34.83 -15.10
N GLY D 142 -35.72 -33.62 -15.54
CA GLY D 142 -36.24 -32.44 -14.85
C GLY D 142 -37.72 -32.25 -15.07
N TYR D 143 -38.21 -32.55 -16.28
CA TYR D 143 -39.63 -32.49 -16.56
C TYR D 143 -40.37 -33.54 -15.73
N ALA D 144 -39.77 -34.73 -15.58
CA ALA D 144 -40.39 -35.75 -14.77
C ALA D 144 -40.48 -35.33 -13.31
N CYS D 145 -39.39 -34.76 -12.77
CA CYS D 145 -39.40 -34.32 -11.39
C CYS D 145 -40.43 -33.22 -11.17
N ALA D 146 -40.50 -32.27 -12.10
CA ALA D 146 -41.44 -31.16 -11.94
C ALA D 146 -42.88 -31.64 -12.03
N TYR D 147 -43.19 -32.50 -13.00
CA TYR D 147 -44.57 -32.96 -13.14
C TYR D 147 -44.99 -33.81 -11.94
N SER D 148 -44.12 -34.72 -11.50
CA SER D 148 -44.48 -35.55 -10.35
C SER D 148 -44.61 -34.74 -9.08
N SER D 149 -43.76 -33.72 -8.90
CA SER D 149 -43.86 -32.89 -7.70
C SER D 149 -45.12 -32.03 -7.74
N ALA D 150 -45.46 -31.46 -8.90
CA ALA D 150 -46.67 -30.66 -9.00
C ALA D 150 -47.92 -31.52 -8.83
N PHE D 151 -47.87 -32.78 -9.26
CA PHE D 151 -49.04 -33.64 -9.12
C PHE D 151 -49.20 -34.15 -7.68
N MET D 152 -48.10 -34.49 -7.02
CA MET D 152 -48.17 -35.03 -5.66
C MET D 152 -48.22 -33.95 -4.59
N GLY D 153 -47.53 -32.83 -4.81
CA GLY D 153 -47.35 -31.82 -3.79
C GLY D 153 -46.12 -31.99 -2.95
N ARG D 154 -45.50 -33.18 -2.99
CA ARG D 154 -44.23 -33.46 -2.34
C ARG D 154 -43.09 -33.25 -3.33
N GLU D 155 -41.88 -33.12 -2.79
CA GLU D 155 -40.69 -33.08 -3.62
C GLU D 155 -40.40 -34.49 -4.13
N ILE D 156 -40.42 -34.66 -5.45
CA ILE D 156 -40.14 -35.95 -6.07
C ILE D 156 -38.87 -35.83 -6.88
N ILE D 157 -37.98 -36.81 -6.75
CA ILE D 157 -36.70 -36.80 -7.44
C ILE D 157 -36.55 -38.12 -8.20
N PHE D 158 -36.30 -38.02 -9.50
CA PHE D 158 -36.04 -39.18 -10.35
C PHE D 158 -34.53 -39.31 -10.58
N LYS D 159 -34.12 -40.51 -10.96
CA LYS D 159 -32.74 -40.77 -11.33
C LYS D 159 -32.71 -41.82 -12.42
N GLU D 160 -32.00 -41.51 -13.51
CA GLU D 160 -31.92 -42.42 -14.66
C GLU D 160 -30.88 -43.49 -14.31
N VAL D 161 -31.36 -44.63 -13.84
CA VAL D 161 -30.45 -45.70 -13.44
C VAL D 161 -29.69 -46.23 -14.65
N SER D 162 -30.26 -46.11 -15.85
CA SER D 162 -29.52 -46.53 -17.03
C SER D 162 -29.87 -45.63 -18.20
N CYS D 163 -28.89 -45.40 -19.07
CA CYS D 163 -29.07 -44.53 -20.23
C CYS D 163 -28.32 -45.09 -21.42
N ARG D 164 -28.91 -44.90 -22.61
CA ARG D 164 -28.30 -45.38 -23.85
C ARG D 164 -27.03 -44.61 -24.22
N GLY D 165 -26.86 -43.39 -23.72
CA GLY D 165 -25.65 -42.65 -24.03
C GLY D 165 -24.43 -43.13 -23.28
N CYS D 166 -24.63 -43.87 -22.19
CA CYS D 166 -23.55 -44.44 -21.40
C CYS D 166 -23.13 -45.82 -21.89
N GLY D 167 -23.68 -46.29 -22.99
CA GLY D 167 -23.46 -47.65 -23.44
C GLY D 167 -24.44 -48.65 -22.89
N GLY D 168 -25.42 -48.20 -22.10
CA GLY D 168 -26.40 -49.11 -21.56
C GLY D 168 -27.41 -49.57 -22.60
N ASP D 169 -28.14 -50.63 -22.25
CA ASP D 169 -29.07 -51.23 -23.20
C ASP D 169 -30.35 -50.42 -23.35
N LYS D 170 -30.88 -49.87 -22.25
CA LYS D 170 -32.13 -49.12 -22.29
C LYS D 170 -32.08 -47.99 -21.28
N CYS D 171 -32.76 -46.90 -21.60
CA CYS D 171 -32.88 -45.78 -20.67
C CYS D 171 -33.99 -46.10 -19.68
N ARG D 172 -33.62 -46.29 -18.42
CA ARG D 172 -34.57 -46.61 -17.37
C ARG D 172 -34.37 -45.66 -16.20
N VAL D 173 -35.48 -45.17 -15.66
CA VAL D 173 -35.52 -44.17 -14.61
C VAL D 173 -36.44 -44.63 -13.48
N ILE D 174 -36.15 -44.15 -12.27
CA ILE D 174 -36.89 -44.49 -11.06
C ILE D 174 -37.25 -43.20 -10.34
N GLY D 175 -38.49 -43.09 -9.88
CA GLY D 175 -38.98 -41.93 -9.18
C GLY D 175 -39.56 -42.23 -7.81
N LYS D 176 -39.00 -41.59 -6.79
CA LYS D 176 -39.40 -41.75 -5.39
C LYS D 176 -39.43 -40.36 -4.75
N PRO D 177 -40.20 -40.19 -3.67
CA PRO D 177 -40.18 -38.92 -2.94
C PRO D 177 -38.80 -38.66 -2.35
N ALA D 178 -38.44 -37.38 -2.29
CA ALA D 178 -37.09 -36.99 -1.91
C ALA D 178 -36.73 -37.48 -0.50
N GLU D 179 -37.72 -37.61 0.37
CA GLU D 179 -37.44 -38.08 1.73
C GLU D 179 -36.93 -39.51 1.74
N GLU D 180 -37.27 -40.30 0.71
CA GLU D 180 -36.89 -41.69 0.61
C GLU D 180 -35.56 -41.89 -0.12
N TRP D 181 -34.84 -40.81 -0.43
CA TRP D 181 -33.54 -40.88 -1.09
C TRP D 181 -32.43 -40.73 -0.05
N ASP D 182 -31.22 -41.10 -0.47
CA ASP D 182 -30.06 -41.05 0.43
C ASP D 182 -29.37 -39.69 0.38
N ASP D 183 -28.91 -39.27 -0.80
CA ASP D 183 -28.19 -38.00 -0.97
C ASP D 183 -28.96 -37.13 -1.95
N VAL D 184 -29.68 -36.14 -1.44
CA VAL D 184 -30.38 -35.18 -2.29
C VAL D 184 -29.67 -33.84 -2.38
N ALA D 185 -28.64 -33.60 -1.55
CA ALA D 185 -27.99 -32.30 -1.56
C ALA D 185 -27.30 -32.02 -2.88
N SER D 186 -26.74 -33.06 -3.51
CA SER D 186 -26.12 -32.87 -4.83
C SER D 186 -27.18 -32.51 -5.86
N PHE D 187 -28.33 -33.17 -5.80
CA PHE D 187 -29.42 -32.85 -6.71
C PHE D 187 -29.95 -31.45 -6.49
N LYS D 188 -30.08 -31.04 -5.21
CA LYS D 188 -30.53 -29.69 -4.93
C LYS D 188 -29.54 -28.64 -5.39
N GLN D 189 -28.24 -28.94 -5.33
CA GLN D 189 -27.28 -28.00 -5.91
C GLN D 189 -27.34 -27.99 -7.42
N TYR D 190 -27.80 -29.09 -8.04
CA TYR D 190 -28.03 -29.04 -9.47
C TYR D 190 -29.15 -28.07 -9.83
N PHE D 191 -30.07 -27.83 -8.90
CA PHE D 191 -31.22 -26.96 -9.14
C PHE D 191 -30.93 -25.48 -8.91
N LYS D 192 -29.77 -25.12 -8.38
CA LYS D 192 -29.50 -23.72 -8.07
C LYS D 192 -29.19 -22.91 -9.34
N ASN D 193 -29.53 -21.61 -9.29
CA ASN D 193 -29.45 -20.77 -10.48
C ASN D 193 -28.02 -20.54 -10.95
N ASP D 194 -27.07 -20.38 -10.02
CA ASP D 194 -25.66 -20.08 -10.26
C ASP D 194 -25.47 -19.10 -11.42
N PRO D 195 -25.85 -17.82 -11.25
CA PRO D 195 -25.68 -16.86 -12.35
C PRO D 195 -24.22 -16.46 -12.57
N ILE D 196 -23.57 -17.08 -13.56
CA ILE D 196 -22.15 -16.84 -13.80
C ILE D 196 -21.89 -15.41 -14.29
N ILE D 197 -22.85 -14.79 -14.98
CA ILE D 197 -22.61 -13.45 -15.51
C ILE D 197 -22.45 -12.43 -14.37
N GLU D 198 -23.24 -12.56 -13.30
CA GLU D 198 -23.09 -11.63 -12.18
C GLU D 198 -21.77 -11.87 -11.46
N GLU D 199 -21.34 -13.13 -11.35
CA GLU D 199 -20.04 -13.42 -10.77
C GLU D 199 -18.93 -12.81 -11.61
N LEU D 200 -19.08 -12.84 -12.93
CA LEU D 200 -18.09 -12.24 -13.81
C LEU D 200 -18.06 -10.72 -13.67
N TYR D 201 -19.24 -10.10 -13.53
CA TYR D 201 -19.28 -8.65 -13.34
C TYR D 201 -18.63 -8.26 -12.02
N GLU D 202 -18.90 -9.01 -10.95
CA GLU D 202 -18.30 -8.70 -9.66
C GLU D 202 -16.79 -8.89 -9.70
N LEU D 203 -16.32 -9.96 -10.33
CA LEU D 203 -14.88 -10.19 -10.40
C LEU D 203 -14.19 -9.12 -11.24
N GLN D 204 -14.81 -8.70 -12.35
CA GLN D 204 -14.21 -7.64 -13.16
C GLN D 204 -14.20 -6.32 -12.41
N SER D 205 -15.26 -6.04 -11.65
CA SER D 205 -15.31 -4.80 -10.88
C SER D 205 -14.24 -4.78 -9.80
N GLN D 206 -14.12 -5.89 -9.06
CA GLN D 206 -13.10 -5.94 -8.00
C GLN D 206 -11.70 -5.89 -8.59
N LEU D 207 -11.48 -6.53 -9.75
CA LEU D 207 -10.15 -6.51 -10.36
C LEU D 207 -9.78 -5.11 -10.85
N VAL D 208 -10.75 -4.41 -11.46
CA VAL D 208 -10.48 -3.06 -11.94
C VAL D 208 -10.24 -2.11 -10.78
N SER D 209 -11.08 -2.19 -9.74
CA SER D 209 -10.89 -1.31 -8.59
C SER D 209 -9.60 -1.61 -7.84
N LEU D 210 -9.20 -2.88 -7.77
CA LEU D 210 -7.97 -3.24 -7.07
C LEU D 210 -6.73 -2.84 -7.87
N ARG D 211 -6.80 -2.88 -9.21
CA ARG D 211 -5.64 -2.46 -10.00
C ARG D 211 -5.56 -0.94 -10.11
N THR D 212 -6.69 -0.25 -10.00
CA THR D 212 -6.73 1.21 -10.03
C THR D 212 -6.43 1.83 -8.68
N ASN D 213 -6.33 1.04 -7.61
CA ASN D 213 -6.04 1.61 -6.30
C ASN D 213 -4.67 2.27 -6.28
N LEU D 214 -3.75 1.82 -7.13
CA LEU D 214 -2.51 2.56 -7.32
C LEU D 214 -2.86 3.89 -7.96
N ASP D 215 -2.26 4.97 -7.45
CA ASP D 215 -2.59 6.34 -7.89
C ASP D 215 -4.09 6.59 -7.82
N LYS D 216 -4.68 6.23 -6.69
CA LYS D 216 -6.11 6.44 -6.43
C LYS D 216 -6.31 7.68 -5.56
N GLN D 217 -5.83 8.80 -6.05
CA GLN D 217 -5.82 10.07 -5.31
C GLN D 217 -6.42 11.19 -6.14
N GLU D 218 -7.61 10.95 -6.68
CA GLU D 218 -8.29 11.98 -7.48
C GLU D 218 -9.75 12.09 -7.07
N GLY D 219 -10.46 10.97 -7.01
CA GLY D 219 -11.81 10.97 -6.47
C GLY D 219 -11.80 11.08 -4.95
N GLN D 220 -12.58 12.03 -4.43
CA GLN D 220 -12.59 12.28 -2.99
C GLN D 220 -13.99 12.63 -2.50
N TYR D 221 -14.28 13.93 -2.45
CA TYR D 221 -15.61 14.44 -2.22
C TYR D 221 -15.69 15.81 -2.87
N TYR D 222 -16.33 16.78 -2.22
CA TYR D 222 -16.47 18.15 -2.73
C TYR D 222 -16.97 18.17 -4.18
N GLY D 223 -17.63 17.11 -4.62
CA GLY D 223 -18.08 17.03 -5.99
C GLY D 223 -19.38 16.27 -6.11
N ILE D 224 -20.41 16.75 -5.41
CA ILE D 224 -21.68 16.05 -5.43
C ILE D 224 -22.84 17.06 -5.54
N GLY D 225 -22.73 18.18 -4.86
CA GLY D 225 -23.73 19.23 -4.96
C GLY D 225 -24.79 19.14 -3.87
N GLN D 226 -26.04 19.28 -4.28
CA GLN D 226 -27.38 19.09 -3.70
C GLN D 226 -27.57 19.84 -2.39
N THR D 227 -26.68 20.75 -2.01
CA THR D 227 -26.99 21.61 -0.86
C THR D 227 -26.52 23.02 -1.19
N PRO D 228 -27.23 24.06 -0.76
CA PRO D 228 -26.78 25.42 -1.10
C PRO D 228 -25.39 25.76 -0.58
N ALA D 229 -25.01 25.23 0.58
CA ALA D 229 -23.70 25.58 1.15
C ALA D 229 -22.57 25.04 0.27
N TYR D 230 -22.69 23.79 -0.19
CA TYR D 230 -21.66 23.27 -1.08
C TYR D 230 -21.62 24.04 -2.39
N GLN D 231 -22.78 24.48 -2.89
CA GLN D 231 -22.78 25.25 -4.13
C GLN D 231 -22.04 26.56 -3.94
N THR D 232 -22.22 27.19 -2.78
CA THR D 232 -21.47 28.40 -2.50
C THR D 232 -19.98 28.12 -2.41
N VAL D 233 -19.60 27.00 -1.77
CA VAL D 233 -18.18 26.71 -1.64
C VAL D 233 -17.55 26.42 -3.00
N ARG D 234 -18.28 25.73 -3.88
CA ARG D 234 -17.68 25.38 -5.17
C ARG D 234 -17.62 26.58 -6.10
N ASN D 235 -18.66 27.42 -6.12
CA ASN D 235 -18.54 28.61 -6.97
C ASN D 235 -17.53 29.59 -6.39
N MET D 236 -17.33 29.60 -5.06
CA MET D 236 -16.32 30.45 -4.48
C MET D 236 -14.91 29.96 -4.84
N MET D 237 -14.68 28.65 -4.81
CA MET D 237 -13.38 28.16 -5.25
C MET D 237 -13.20 28.37 -6.76
N ASP D 238 -14.29 28.38 -7.52
CA ASP D 238 -14.18 28.73 -8.93
C ASP D 238 -13.73 30.17 -9.10
N LYS D 239 -14.28 31.07 -8.27
CA LYS D 239 -13.85 32.47 -8.32
C LYS D 239 -12.40 32.62 -7.89
N ALA D 240 -11.98 31.84 -6.89
CA ALA D 240 -10.60 31.93 -6.41
C ALA D 240 -9.61 31.36 -7.42
N ALA D 241 -10.04 30.40 -8.24
CA ALA D 241 -9.11 29.77 -9.17
C ALA D 241 -8.68 30.73 -10.27
N GLN D 242 -9.61 31.51 -10.81
CA GLN D 242 -9.27 32.41 -11.91
C GLN D 242 -8.35 33.55 -11.46
N GLY D 243 -8.45 33.95 -10.18
CA GLY D 243 -7.66 35.05 -9.69
C GLY D 243 -6.27 34.64 -9.22
N LYS D 244 -5.47 35.64 -8.89
CA LYS D 244 -4.14 35.45 -8.35
C LYS D 244 -4.12 35.56 -6.83
N VAL D 245 -5.30 35.69 -6.22
CA VAL D 245 -5.41 35.95 -4.79
C VAL D 245 -4.87 34.79 -3.97
N SER D 246 -4.17 35.13 -2.88
CA SER D 246 -3.88 34.13 -1.87
C SER D 246 -5.20 33.77 -1.17
N VAL D 247 -5.39 32.48 -0.91
CA VAL D 247 -6.68 31.99 -0.41
C VAL D 247 -6.50 31.44 0.99
N LEU D 248 -7.42 31.78 1.89
CA LEU D 248 -7.45 31.27 3.25
C LEU D 248 -8.66 30.36 3.42
N LEU D 249 -8.41 29.11 3.79
CA LEU D 249 -9.45 28.12 4.01
C LEU D 249 -9.81 28.10 5.49
N LEU D 250 -10.95 28.70 5.81
CA LEU D 250 -11.52 28.67 7.15
C LEU D 250 -12.49 27.50 7.25
N GLY D 251 -12.29 26.65 8.26
CA GLY D 251 -13.14 25.49 8.43
C GLY D 251 -12.92 24.80 9.75
N GLU D 252 -13.11 23.48 9.76
CA GLU D 252 -12.94 22.67 10.95
C GLU D 252 -12.07 21.46 10.61
N THR D 253 -11.49 20.86 11.64
CA THR D 253 -10.65 19.69 11.44
C THR D 253 -11.46 18.55 10.85
N GLY D 254 -10.84 17.82 9.92
CA GLY D 254 -11.48 16.70 9.27
C GLY D 254 -12.45 17.05 8.16
N VAL D 255 -12.46 18.30 7.70
CA VAL D 255 -13.31 18.69 6.58
C VAL D 255 -12.62 18.51 5.23
N GLY D 256 -11.34 18.11 5.23
CA GLY D 256 -10.63 17.89 3.98
C GLY D 256 -10.18 19.14 3.25
N LYS D 257 -9.52 20.05 3.97
CA LYS D 257 -9.07 21.28 3.34
C LYS D 257 -8.00 21.04 2.28
N GLU D 258 -7.19 19.99 2.43
CA GLU D 258 -6.10 19.77 1.49
C GLU D 258 -6.61 19.41 0.10
N VAL D 259 -7.62 18.54 0.02
CA VAL D 259 -8.18 18.23 -1.29
C VAL D 259 -8.89 19.45 -1.87
N ILE D 260 -9.42 20.33 -1.00
CA ILE D 260 -10.01 21.57 -1.48
C ILE D 260 -8.94 22.44 -2.13
N ALA D 261 -7.76 22.51 -1.51
CA ALA D 261 -6.67 23.27 -2.12
C ALA D 261 -6.20 22.63 -3.41
N ARG D 262 -6.21 21.30 -3.48
CA ARG D 262 -5.82 20.64 -4.73
C ARG D 262 -6.82 20.95 -5.84
N SER D 263 -8.11 20.99 -5.51
CA SER D 263 -9.11 21.31 -6.52
C SER D 263 -9.01 22.77 -6.94
N VAL D 264 -8.71 23.67 -6.00
CA VAL D 264 -8.51 25.06 -6.37
C VAL D 264 -7.30 25.22 -7.26
N HIS D 265 -6.26 24.41 -7.04
CA HIS D 265 -5.08 24.46 -7.90
C HIS D 265 -5.40 23.94 -9.29
N LEU D 266 -6.15 22.84 -9.37
CA LEU D 266 -6.52 22.28 -10.67
C LEU D 266 -7.46 23.19 -11.44
N ARG D 267 -8.31 23.95 -10.75
CA ARG D 267 -9.22 24.86 -11.42
C ARG D 267 -8.56 26.17 -11.83
N SER D 268 -7.35 26.44 -11.35
CA SER D 268 -6.63 27.66 -11.65
C SER D 268 -5.92 27.56 -13.00
N LYS D 269 -5.31 28.67 -13.42
CA LYS D 269 -4.61 28.72 -14.69
C LYS D 269 -3.28 27.98 -14.65
N ARG D 270 -2.81 27.58 -13.46
CA ARG D 270 -1.55 26.88 -13.30
C ARG D 270 -1.74 25.43 -12.86
N ALA D 271 -2.78 24.77 -13.39
CA ALA D 271 -3.09 23.42 -12.96
C ALA D 271 -1.97 22.44 -13.28
N ALA D 272 -1.26 22.65 -14.40
CA ALA D 272 -0.17 21.75 -14.76
C ALA D 272 1.07 21.96 -13.90
N GLU D 273 1.16 23.10 -13.21
CA GLU D 273 2.31 23.41 -12.39
C GLU D 273 2.26 22.65 -11.06
N PRO D 274 3.41 22.43 -10.42
CA PRO D 274 3.43 21.63 -9.19
C PRO D 274 2.63 22.26 -8.07
N PHE D 275 2.02 21.40 -7.27
CA PHE D 275 1.25 21.79 -6.09
C PHE D 275 1.89 21.11 -4.89
N VAL D 276 2.33 21.91 -3.91
CA VAL D 276 3.03 21.38 -2.75
C VAL D 276 2.22 21.71 -1.51
N ALA D 277 1.87 20.68 -0.75
CA ALA D 277 1.13 20.84 0.50
C ALA D 277 2.07 20.65 1.69
N VAL D 278 1.87 21.45 2.73
CA VAL D 278 2.70 21.40 3.92
C VAL D 278 1.79 21.53 5.14
N ASN D 279 1.83 20.53 6.02
CA ASN D 279 1.11 20.58 7.29
C ASN D 279 2.08 21.14 8.33
N CYS D 280 1.80 22.36 8.80
CA CYS D 280 2.72 23.02 9.71
C CYS D 280 2.80 22.31 11.05
N ALA D 281 1.73 21.65 11.49
CA ALA D 281 1.78 20.94 12.75
C ALA D 281 2.73 19.75 12.70
N ALA D 282 2.90 19.13 11.52
CA ALA D 282 3.75 17.95 11.41
C ALA D 282 5.22 18.28 11.62
N ILE D 283 5.67 19.46 11.22
CA ILE D 283 7.07 19.86 11.28
C ILE D 283 7.28 20.72 12.51
N PRO D 284 8.26 20.42 13.36
CA PRO D 284 8.57 21.32 14.47
C PRO D 284 9.02 22.66 13.95
N PRO D 285 8.71 23.75 14.66
CA PRO D 285 8.95 25.10 14.08
C PRO D 285 10.39 25.37 13.71
N ASP D 286 11.33 24.85 14.51
CA ASP D 286 12.75 25.00 14.22
C ASP D 286 13.09 24.37 12.89
N LEU D 287 12.42 23.29 12.54
CA LEU D 287 12.53 22.71 11.21
C LEU D 287 11.53 23.33 10.24
N ILE D 288 10.46 23.96 10.75
CA ILE D 288 9.46 24.56 9.86
C ILE D 288 10.10 25.64 9.01
N GLU D 289 10.90 26.51 9.63
CA GLU D 289 11.47 27.62 8.86
C GLU D 289 12.40 27.10 7.76
N SER D 290 13.32 26.20 8.12
CA SER D 290 14.28 25.68 7.16
C SER D 290 13.61 24.83 6.10
N GLU D 291 12.49 24.19 6.41
CA GLU D 291 11.83 23.36 5.41
C GLU D 291 11.03 24.24 4.44
N LEU D 292 10.36 25.28 4.95
CA LEU D 292 9.59 26.16 4.09
C LEU D 292 10.49 26.97 3.16
N PHE D 293 11.69 27.33 3.60
CA PHE D 293 12.53 28.19 2.77
C PHE D 293 13.89 27.62 2.40
N GLY D 294 14.22 26.41 2.83
CA GLY D 294 15.50 25.81 2.47
C GLY D 294 16.64 26.35 3.30
N VAL D 295 17.85 25.91 2.94
CA VAL D 295 19.07 26.35 3.63
C VAL D 295 20.25 26.11 2.70
N GLU D 296 21.18 27.07 2.69
CA GLU D 296 22.39 26.98 1.88
C GLU D 296 23.57 26.56 2.75
N LYS D 297 24.54 25.89 2.13
CA LYS D 297 25.73 25.45 2.84
C LYS D 297 26.60 26.64 3.24
N GLY D 298 27.37 26.45 4.29
CA GLY D 298 28.26 27.49 4.77
C GLY D 298 28.54 27.29 6.26
N ALA D 299 29.30 28.24 6.81
CA ALA D 299 29.54 28.21 8.25
C ALA D 299 28.29 28.56 9.05
N PHE D 300 27.37 29.33 8.47
CA PHE D 300 26.17 29.76 9.18
C PHE D 300 25.11 28.68 9.06
N THR D 301 24.92 27.90 10.13
CA THR D 301 23.89 26.86 10.21
C THR D 301 24.12 25.84 9.09
N GLY D 302 25.18 26.05 8.31
CA GLY D 302 25.43 25.26 7.14
C GLY D 302 25.61 23.78 7.37
N ALA D 303 24.71 23.02 6.77
CA ALA D 303 24.79 21.57 6.76
C ALA D 303 25.79 21.17 5.67
N THR D 304 25.95 19.87 5.42
CA THR D 304 26.91 19.45 4.40
C THR D 304 26.48 19.89 2.99
N GLN D 305 25.18 19.87 2.69
CA GLN D 305 24.74 20.17 1.33
C GLN D 305 23.51 21.07 1.35
N SER D 306 23.46 21.98 0.39
CA SER D 306 22.32 22.88 0.25
C SER D 306 21.05 22.08 -0.09
N ARG D 307 19.93 22.49 0.50
CA ARG D 307 18.65 21.83 0.29
C ARG D 307 17.61 22.87 -0.10
N MET D 308 16.94 22.63 -1.23
CA MET D 308 15.94 23.57 -1.72
C MET D 308 14.69 23.53 -0.83
N GLY D 309 14.10 24.70 -0.59
CA GLY D 309 12.90 24.78 0.22
C GLY D 309 11.65 24.43 -0.55
N ARG D 310 10.56 24.20 0.21
CA ARG D 310 9.30 23.82 -0.40
C ARG D 310 8.70 24.93 -1.26
N PHE D 311 8.98 26.19 -0.93
CA PHE D 311 8.45 27.28 -1.76
C PHE D 311 9.06 27.26 -3.15
N GLU D 312 10.38 27.05 -3.24
CA GLU D 312 11.02 26.93 -4.55
C GLU D 312 10.58 25.66 -5.27
N ARG D 313 10.26 24.60 -4.52
CA ARG D 313 9.78 23.38 -5.16
C ARG D 313 8.44 23.60 -5.84
N ALA D 314 7.64 24.55 -5.33
CA ALA D 314 6.35 24.89 -5.90
C ALA D 314 6.40 26.13 -6.77
N ASP D 315 7.58 26.46 -7.30
CA ASP D 315 7.72 27.64 -8.15
C ASP D 315 6.78 27.52 -9.35
N LYS D 316 6.18 28.64 -9.73
CA LYS D 316 5.17 28.73 -10.78
C LYS D 316 3.90 27.97 -10.44
N GLY D 317 3.80 27.44 -9.22
CA GLY D 317 2.65 26.63 -8.83
C GLY D 317 1.89 27.15 -7.63
N THR D 318 1.57 26.27 -6.70
CA THR D 318 0.80 26.64 -5.51
C THR D 318 1.36 25.93 -4.29
N ILE D 319 1.31 26.62 -3.16
CA ILE D 319 1.73 26.11 -1.86
C ILE D 319 0.51 26.12 -0.95
N PHE D 320 0.20 24.99 -0.35
CA PHE D 320 -0.83 24.88 0.67
C PHE D 320 -0.16 24.81 2.04
N LEU D 321 -0.73 25.51 3.01
CA LEU D 321 -0.19 25.56 4.36
C LEU D 321 -1.32 25.27 5.35
N ASP D 322 -1.42 24.03 5.79
CA ASP D 322 -2.40 23.70 6.82
C ASP D 322 -1.92 24.17 8.18
N GLU D 323 -2.85 24.62 9.02
CA GLU D 323 -2.54 25.13 10.36
C GLU D 323 -1.42 26.16 10.31
N VAL D 324 -1.64 27.19 9.51
CA VAL D 324 -0.63 28.23 9.29
C VAL D 324 -0.34 29.02 10.56
N ILE D 325 -1.22 28.98 11.56
CA ILE D 325 -1.01 29.73 12.79
C ILE D 325 0.24 29.21 13.52
N GLU D 326 0.58 27.95 13.32
CA GLU D 326 1.73 27.34 14.01
C GLU D 326 3.04 27.56 13.25
N LEU D 327 3.34 28.82 12.94
CA LEU D 327 4.58 29.20 12.27
C LEU D 327 5.47 29.98 13.21
N SER D 328 6.78 29.78 13.09
CA SER D 328 7.72 30.55 13.88
C SER D 328 7.72 32.00 13.39
N PRO D 329 7.88 32.99 14.27
CA PRO D 329 7.74 34.39 13.86
C PRO D 329 8.69 34.79 12.73
N ARG D 330 9.92 34.28 12.72
CA ARG D 330 10.81 34.60 11.61
C ARG D 330 10.33 33.96 10.32
N ALA D 331 9.76 32.76 10.40
CA ALA D 331 9.14 32.17 9.22
C ALA D 331 7.94 32.98 8.78
N GLN D 332 7.20 33.59 9.72
CA GLN D 332 6.08 34.44 9.32
C GLN D 332 6.57 35.68 8.60
N ALA D 333 7.71 36.25 9.05
CA ALA D 333 8.25 37.42 8.36
C ALA D 333 8.75 37.05 6.97
N SER D 334 9.40 35.89 6.84
CA SER D 334 9.84 35.45 5.52
C SER D 334 8.65 35.18 4.61
N LEU D 335 7.57 34.62 5.15
CA LEU D 335 6.37 34.39 4.35
C LEU D 335 5.74 35.70 3.93
N LEU D 336 5.76 36.70 4.81
CA LEU D 336 5.21 38.01 4.44
C LEU D 336 6.04 38.65 3.34
N ARG D 337 7.37 38.51 3.38
CA ARG D 337 8.19 39.05 2.31
C ARG D 337 7.93 38.33 1.00
N VAL D 338 7.81 37.00 1.05
CA VAL D 338 7.52 36.21 -0.14
C VAL D 338 6.15 36.57 -0.70
N LEU D 339 5.21 36.90 0.17
CA LEU D 339 3.84 37.19 -0.26
C LEU D 339 3.69 38.59 -0.82
N GLN D 340 4.46 39.55 -0.30
CA GLN D 340 4.32 40.94 -0.71
C GLN D 340 5.29 41.37 -1.79
N GLU D 341 6.43 40.69 -1.96
CA GLU D 341 7.39 41.08 -2.99
C GLU D 341 7.86 39.92 -3.86
N GLY D 342 7.44 38.69 -3.58
CA GLY D 342 7.84 37.58 -4.42
C GLY D 342 9.31 37.25 -4.36
N GLU D 343 9.94 37.47 -3.20
CA GLU D 343 11.37 37.21 -3.03
C GLU D 343 11.60 36.46 -1.73
N LEU D 344 12.62 35.60 -1.74
CA LEU D 344 12.98 34.82 -0.57
C LEU D 344 14.49 34.67 -0.49
N GLU D 345 14.97 34.37 0.71
CA GLU D 345 16.39 34.11 0.95
C GLU D 345 16.51 32.79 1.69
N ARG D 346 17.41 31.93 1.22
CA ARG D 346 17.69 30.68 1.92
C ARG D 346 18.36 30.99 3.26
N VAL D 347 18.14 30.11 4.23
CA VAL D 347 18.70 30.33 5.56
C VAL D 347 20.22 30.36 5.47
N GLY D 348 20.82 31.37 6.11
CA GLY D 348 22.26 31.56 6.07
C GLY D 348 22.76 32.25 4.82
N ASP D 349 21.87 32.67 3.92
CA ASP D 349 22.25 33.27 2.65
C ASP D 349 21.82 34.73 2.61
N ASN D 350 22.66 35.57 2.02
CA ASN D 350 22.36 36.99 1.88
C ASN D 350 21.72 37.35 0.54
N ARG D 351 22.00 36.58 -0.52
CA ARG D 351 21.41 36.87 -1.82
C ARG D 351 19.95 36.46 -1.87
N THR D 352 19.17 37.20 -2.64
CA THR D 352 17.73 36.97 -2.79
C THR D 352 17.44 36.09 -4.01
N ARG D 353 16.30 35.40 -3.96
CA ARG D 353 15.81 34.57 -5.06
C ARG D 353 14.36 34.93 -5.37
N LYS D 354 14.09 35.20 -6.65
CA LYS D 354 12.75 35.49 -7.11
C LYS D 354 11.91 34.21 -7.16
N ILE D 355 10.60 34.38 -6.94
CA ILE D 355 9.66 33.26 -7.00
C ILE D 355 8.32 33.79 -7.51
N ASP D 356 7.50 32.86 -7.99
CA ASP D 356 6.12 33.14 -8.42
C ASP D 356 5.30 31.97 -7.88
N VAL D 357 4.74 32.15 -6.68
CA VAL D 357 4.08 31.06 -5.96
C VAL D 357 2.74 31.54 -5.44
N ARG D 358 1.67 30.86 -5.86
CA ARG D 358 0.36 31.08 -5.27
C ARG D 358 0.32 30.46 -3.88
N VAL D 359 -0.46 31.06 -2.99
CA VAL D 359 -0.50 30.65 -1.59
C VAL D 359 -1.94 30.35 -1.18
N ILE D 360 -2.14 29.21 -0.53
CA ILE D 360 -3.42 28.81 0.03
C ILE D 360 -3.13 28.33 1.44
N ALA D 361 -3.44 29.16 2.44
CA ALA D 361 -3.32 28.79 3.84
C ALA D 361 -4.65 28.24 4.33
N ALA D 362 -4.63 27.59 5.49
CA ALA D 362 -5.85 27.07 6.08
C ALA D 362 -5.70 27.02 7.59
N THR D 363 -6.80 27.23 8.30
CA THR D 363 -6.74 27.14 9.76
C THR D 363 -8.13 26.99 10.34
N HIS D 364 -8.19 26.33 11.50
CA HIS D 364 -9.44 26.16 12.25
C HIS D 364 -9.60 27.15 13.39
N GLU D 365 -8.51 27.63 13.98
CA GLU D 365 -8.61 28.59 15.07
C GLU D 365 -9.01 29.97 14.56
N ASP D 366 -9.66 30.73 15.43
CA ASP D 366 -10.09 32.10 15.12
C ASP D 366 -8.86 32.99 15.04
N LEU D 367 -8.42 33.28 13.82
CA LEU D 367 -7.18 34.04 13.62
C LEU D 367 -7.32 35.48 14.09
N ALA D 368 -8.54 36.02 14.10
CA ALA D 368 -8.72 37.42 14.45
C ALA D 368 -8.25 37.71 15.88
N GLU D 369 -8.73 36.93 16.85
CA GLU D 369 -8.25 37.11 18.20
C GLU D 369 -6.91 36.42 18.43
N ALA D 370 -6.52 35.50 17.54
CA ALA D 370 -5.19 34.91 17.65
C ALA D 370 -4.12 35.97 17.41
N VAL D 371 -4.39 36.93 16.53
CA VAL D 371 -3.47 38.05 16.36
C VAL D 371 -3.44 38.91 17.62
N LYS D 372 -4.56 39.00 18.33
CA LYS D 372 -4.62 39.83 19.52
C LYS D 372 -3.73 39.30 20.64
N ALA D 373 -3.50 37.98 20.66
CA ALA D 373 -2.68 37.36 21.69
C ALA D 373 -1.19 37.43 21.40
N GLY D 374 -0.79 37.95 20.23
CA GLY D 374 0.61 37.97 19.86
C GLY D 374 1.12 36.69 19.24
N ARG D 375 0.25 35.70 19.05
CA ARG D 375 0.63 34.42 18.48
C ARG D 375 0.80 34.46 16.96
N PHE D 376 0.38 35.54 16.32
CA PHE D 376 0.45 35.65 14.87
C PHE D 376 0.62 37.11 14.48
N ARG D 377 1.34 37.33 13.38
CA ARG D 377 1.58 38.69 12.91
C ARG D 377 0.28 39.34 12.42
N ALA D 378 0.21 40.66 12.60
CA ALA D 378 -0.96 41.39 12.12
C ALA D 378 -0.88 41.65 10.62
N ASP D 379 0.30 42.02 10.12
CA ASP D 379 0.42 42.32 8.69
C ASP D 379 0.22 41.08 7.83
N LEU D 380 0.78 39.94 8.23
CA LEU D 380 0.56 38.71 7.47
C LEU D 380 -0.90 38.30 7.50
N TYR D 381 -1.58 38.54 8.63
CA TYR D 381 -3.01 38.26 8.70
C TYR D 381 -3.79 39.18 7.78
N TYR D 382 -3.38 40.45 7.69
CA TYR D 382 -4.05 41.39 6.81
C TYR D 382 -3.88 40.98 5.35
N ARG D 383 -2.70 40.48 5.00
CA ARG D 383 -2.44 40.04 3.63
C ARG D 383 -3.10 38.70 3.30
N LEU D 384 -3.34 37.85 4.31
CA LEU D 384 -3.97 36.56 4.09
C LEU D 384 -5.49 36.58 4.19
N ASN D 385 -6.07 37.60 4.82
CA ASN D 385 -7.51 37.69 4.98
C ASN D 385 -8.21 38.23 3.74
N VAL D 386 -7.49 38.34 2.62
CA VAL D 386 -8.05 38.96 1.42
C VAL D 386 -9.21 38.15 0.87
N PHE D 387 -9.11 36.81 0.90
CA PHE D 387 -10.15 35.94 0.33
C PHE D 387 -10.48 34.79 1.27
N PRO D 388 -11.23 35.05 2.33
CA PRO D 388 -11.72 33.95 3.17
C PRO D 388 -12.67 33.04 2.40
N VAL D 389 -12.61 31.74 2.73
CA VAL D 389 -13.47 30.72 2.12
C VAL D 389 -13.88 29.75 3.21
N ALA D 390 -15.13 29.84 3.67
CA ALA D 390 -15.62 28.97 4.73
C ALA D 390 -16.11 27.65 4.14
N ILE D 391 -15.61 26.55 4.70
CA ILE D 391 -16.06 25.20 4.30
C ILE D 391 -16.99 24.68 5.39
N PRO D 392 -18.28 24.50 5.11
CA PRO D 392 -19.22 24.06 6.15
C PRO D 392 -18.97 22.63 6.61
N ALA D 393 -19.35 22.38 7.87
CA ALA D 393 -19.42 21.05 8.44
C ALA D 393 -20.70 20.36 7.98
N LEU D 394 -20.71 19.02 8.08
CA LEU D 394 -21.91 18.27 7.69
C LEU D 394 -23.11 18.66 8.54
N ARG D 395 -22.89 19.13 9.77
CA ARG D 395 -24.03 19.61 10.55
C ARG D 395 -24.71 20.78 9.87
N GLU D 396 -23.95 21.55 9.08
CA GLU D 396 -24.49 22.58 8.22
C GLU D 396 -24.95 22.03 6.88
N ARG D 397 -24.69 20.75 6.61
CA ARG D 397 -25.02 20.05 5.38
C ARG D 397 -25.81 18.78 5.68
N ARG D 398 -26.78 18.88 6.61
CA ARG D 398 -27.47 17.70 7.12
C ARG D 398 -28.14 16.91 5.99
N GLU D 399 -28.91 17.59 5.15
CA GLU D 399 -29.59 16.92 4.05
C GLU D 399 -28.61 16.37 3.03
N ASP D 400 -27.38 16.87 3.03
CA ASP D 400 -26.35 16.37 2.13
C ASP D 400 -25.72 15.07 2.62
N ILE D 401 -25.89 14.71 3.91
CA ILE D 401 -25.18 13.54 4.44
C ILE D 401 -25.52 12.26 3.68
N PRO D 402 -26.79 11.92 3.39
CA PRO D 402 -27.04 10.57 2.82
C PRO D 402 -26.31 10.26 1.53
N LEU D 403 -26.18 11.21 0.60
CA LEU D 403 -25.54 10.87 -0.68
C LEU D 403 -24.11 10.41 -0.45
N LEU D 404 -23.39 11.09 0.45
CA LEU D 404 -22.04 10.65 0.76
C LEU D 404 -22.05 9.21 1.24
N VAL D 405 -22.91 8.90 2.21
CA VAL D 405 -22.78 7.61 2.90
C VAL D 405 -23.01 6.46 1.94
N GLU D 406 -24.02 6.56 1.07
CA GLU D 406 -24.23 5.48 0.11
C GLU D 406 -23.07 5.38 -0.86
N HIS D 407 -22.51 6.52 -1.26
CA HIS D 407 -21.28 6.48 -2.06
C HIS D 407 -20.18 5.78 -1.29
N PHE D 408 -20.06 6.10 0.00
CA PHE D 408 -19.05 5.42 0.81
C PHE D 408 -19.31 3.92 0.83
N LEU D 409 -20.58 3.52 0.84
CA LEU D 409 -20.88 2.10 0.86
C LEU D 409 -20.28 1.43 -0.37
N GLN D 410 -20.42 2.06 -1.53
CA GLN D 410 -19.83 1.49 -2.74
C GLN D 410 -18.32 1.42 -2.59
N ARG D 411 -17.72 2.46 -2.00
CA ARG D 411 -16.27 2.48 -1.84
C ARG D 411 -15.81 1.33 -0.95
N PHE D 412 -16.67 0.88 -0.03
CA PHE D 412 -16.30 -0.27 0.77
C PHE D 412 -16.81 -1.57 0.16
N HIS D 413 -17.90 -1.50 -0.61
CA HIS D 413 -18.54 -2.72 -1.09
C HIS D 413 -17.61 -3.53 -1.96
N GLN D 414 -16.99 -2.91 -2.96
CA GLN D 414 -16.08 -3.66 -3.81
C GLN D 414 -14.88 -4.18 -3.04
N GLU D 415 -14.49 -3.50 -1.95
CA GLU D 415 -13.40 -4.01 -1.14
C GLU D 415 -13.79 -5.26 -0.36
N TYR D 416 -15.08 -5.41 -0.04
CA TYR D 416 -15.53 -6.53 0.77
C TYR D 416 -16.79 -7.23 0.24
N GLY D 417 -17.27 -6.87 -0.94
CA GLY D 417 -18.49 -7.46 -1.47
C GLY D 417 -19.70 -6.64 -1.06
N LYS D 418 -20.81 -6.88 -1.74
CA LYS D 418 -21.99 -6.04 -1.52
C LYS D 418 -22.69 -6.41 -0.21
N ARG D 419 -21.93 -6.45 0.88
CA ARG D 419 -22.51 -6.71 2.19
C ARG D 419 -23.41 -5.56 2.61
N THR D 420 -24.42 -5.90 3.42
CA THR D 420 -25.39 -4.94 3.91
C THR D 420 -26.11 -4.25 2.75
N LEU D 421 -27.16 -4.89 2.25
CA LEU D 421 -27.97 -4.34 1.17
C LEU D 421 -29.15 -3.54 1.69
N GLY D 422 -28.96 -2.89 2.85
CA GLY D 422 -30.01 -2.11 3.45
C GLY D 422 -29.45 -0.82 4.02
N LEU D 423 -30.36 0.05 4.43
CA LEU D 423 -30.01 1.34 4.98
C LEU D 423 -30.38 1.51 6.44
N SER D 424 -31.37 0.76 6.93
CA SER D 424 -31.87 0.91 8.30
C SER D 424 -32.27 2.36 8.54
N ASP D 425 -33.53 2.68 8.28
CA ASP D 425 -33.96 4.08 8.34
C ASP D 425 -33.67 4.71 9.69
N LYS D 426 -33.66 3.91 10.76
CA LYS D 426 -33.26 4.44 12.06
C LYS D 426 -31.80 4.91 12.06
N ALA D 427 -30.93 4.16 11.38
CA ALA D 427 -29.53 4.58 11.31
C ALA D 427 -29.36 5.84 10.49
N LEU D 428 -30.13 5.98 9.39
CA LEU D 428 -30.06 7.21 8.62
C LEU D 428 -30.60 8.39 9.40
N GLU D 429 -31.66 8.17 10.18
CA GLU D 429 -32.19 9.24 11.02
C GLU D 429 -31.18 9.63 12.11
N ALA D 430 -30.44 8.65 12.63
CA ALA D 430 -29.38 8.97 13.59
C ALA D 430 -28.25 9.74 12.93
N CYS D 431 -27.98 9.46 11.65
CA CYS D 431 -26.92 10.18 10.95
C CYS D 431 -27.33 11.62 10.65
N LEU D 432 -28.60 11.84 10.32
CA LEU D 432 -29.07 13.20 10.09
C LEU D 432 -29.04 14.02 11.37
N HIS D 433 -29.17 13.38 12.53
CA HIS D 433 -29.23 14.05 13.82
C HIS D 433 -27.95 13.78 14.61
N TYR D 434 -26.83 14.32 14.12
CA TYR D 434 -25.55 14.15 14.80
C TYR D 434 -24.61 15.28 14.39
N SER D 435 -23.81 15.74 15.36
CA SER D 435 -22.94 16.90 15.13
C SER D 435 -21.82 16.59 14.15
N TRP D 436 -21.28 15.36 14.18
CA TRP D 436 -20.15 14.95 13.35
C TRP D 436 -18.93 15.87 13.45
N PRO D 437 -18.20 15.87 14.58
CA PRO D 437 -16.97 16.67 14.65
C PRO D 437 -15.94 16.29 13.59
N GLY D 438 -15.88 15.01 13.21
CA GLY D 438 -15.01 14.58 12.13
C GLY D 438 -15.90 14.41 10.92
N ASN D 439 -16.18 15.53 10.27
CA ASN D 439 -17.26 15.58 9.29
C ASN D 439 -17.08 14.60 8.14
N ILE D 440 -15.85 14.25 7.77
CA ILE D 440 -15.71 13.29 6.67
C ILE D 440 -14.85 12.11 7.11
N ARG D 441 -13.91 12.34 8.01
CA ARG D 441 -13.09 11.24 8.49
C ARG D 441 -13.88 10.34 9.44
N GLU D 442 -14.60 10.95 10.39
CA GLU D 442 -15.45 10.15 11.27
C GLU D 442 -16.56 9.44 10.50
N LEU D 443 -17.05 10.04 9.42
CA LEU D 443 -18.08 9.39 8.61
C LEU D 443 -17.53 8.15 7.93
N GLU D 444 -16.34 8.27 7.32
CA GLU D 444 -15.72 7.10 6.69
C GLU D 444 -15.40 6.04 7.73
N ASN D 445 -15.01 6.47 8.94
CA ASN D 445 -14.63 5.52 9.98
C ASN D 445 -15.85 4.75 10.48
N VAL D 446 -16.94 5.45 10.78
CA VAL D 446 -18.14 4.76 11.26
C VAL D 446 -18.74 3.89 10.15
N ILE D 447 -18.63 4.30 8.89
CA ILE D 447 -19.14 3.44 7.82
C ILE D 447 -18.27 2.19 7.70
N GLU D 448 -16.96 2.32 7.92
CA GLU D 448 -16.11 1.13 7.96
C GLU D 448 -16.53 0.20 9.10
N ARG D 449 -16.86 0.78 10.26
CA ARG D 449 -17.31 -0.04 11.38
C ARG D 449 -18.65 -0.71 11.08
N GLY D 450 -19.53 -0.01 10.36
CA GLY D 450 -20.80 -0.62 10.01
C GLY D 450 -20.65 -1.74 9.00
N ILE D 451 -19.69 -1.60 8.09
CA ILE D 451 -19.47 -2.66 7.11
C ILE D 451 -18.85 -3.88 7.76
N ILE D 452 -17.84 -3.68 8.63
CA ILE D 452 -17.19 -4.83 9.25
C ILE D 452 -18.06 -5.47 10.33
N LEU D 453 -18.91 -4.69 11.00
CA LEU D 453 -19.71 -5.19 12.12
C LEU D 453 -21.03 -5.85 11.73
N THR D 454 -21.44 -5.77 10.47
CA THR D 454 -22.70 -6.35 10.04
C THR D 454 -22.43 -7.52 9.10
N ASP D 455 -21.96 -8.61 9.68
CA ASP D 455 -21.66 -9.84 8.94
C ASP D 455 -22.88 -10.76 8.87
N PRO D 456 -23.57 -11.08 9.99
CA PRO D 456 -24.65 -12.07 9.88
C PRO D 456 -26.00 -11.47 9.53
N ASN D 457 -26.02 -10.39 8.75
CA ASN D 457 -27.28 -9.80 8.30
C ASN D 457 -27.02 -8.96 7.07
N GLU D 458 -28.04 -8.88 6.21
CA GLU D 458 -27.99 -8.08 5.00
C GLU D 458 -28.46 -6.64 5.20
N SER D 459 -28.93 -6.29 6.39
CA SER D 459 -29.30 -4.91 6.71
C SER D 459 -28.38 -4.38 7.80
N ILE D 460 -27.97 -3.12 7.65
CA ILE D 460 -27.09 -2.51 8.63
C ILE D 460 -27.82 -2.33 9.95
N SER D 461 -27.14 -2.65 11.05
CA SER D 461 -27.73 -2.43 12.36
C SER D 461 -27.67 -0.95 12.71
N VAL D 462 -28.69 -0.48 13.43
CA VAL D 462 -28.62 0.90 13.92
C VAL D 462 -27.58 1.01 15.02
N GLN D 463 -27.29 -0.09 15.72
CA GLN D 463 -26.28 -0.11 16.77
C GLN D 463 -24.87 -0.29 16.23
N ALA D 464 -24.70 -0.72 14.98
CA ALA D 464 -23.37 -0.90 14.43
C ALA D 464 -22.60 0.41 14.39
N LEU D 465 -23.31 1.51 14.18
CA LEU D 465 -22.75 2.85 14.30
C LEU D 465 -23.48 3.54 15.45
N PHE D 466 -22.75 4.34 16.20
CA PHE D 466 -23.23 4.96 17.43
C PHE D 466 -23.76 3.89 18.39
N PRO D 467 -22.91 2.93 18.81
CA PRO D 467 -23.37 1.92 19.75
C PRO D 467 -23.72 2.53 21.10
N ARG D 468 -24.74 1.95 21.74
CA ARG D 468 -25.23 2.50 22.99
C ARG D 468 -24.25 2.27 24.14
N ALA D 469 -23.46 1.19 24.09
CA ALA D 469 -22.55 0.82 25.17
C ALA D 469 -23.25 0.76 26.53
#